data_2QG7
#
_entry.id   2QG7
#
_cell.length_a   77.031
_cell.length_b   172.702
_cell.length_c   93.353
_cell.angle_alpha   90.00
_cell.angle_beta   110.72
_cell.angle_gamma   90.00
#
_symmetry.space_group_name_H-M   'P 1 21 1'
#
loop_
_entity.id
_entity.type
_entity.pdbx_description
1 polymer 'ethanolamine kinase Pv091845'
2 non-polymer 'SULFATE ION'
3 water water
#
_entity_poly.entity_id   1
_entity_poly.type   'polypeptide(L)'
_entity_poly.pdbx_seq_one_letter_code
;GSEQKKRRLEEGTRANSVAESSPPFPLRSKTSVGSTNSQITETKNKQGVYPITESNLRILEGEDRSEKAKELLKKYVSNV
FENEKTLYIYCKYVMLHYGKDLVNPNEVDSLEFQIINGGITNILIKVKDMSKQAKYLIRLYGPKTDEIINREREKKISCI
LYNKNIAKKIYVFFTNGRIEEFMDGYALSREDIKNPKFQKLIAKNLKLLHDIKLNENLYKELQVTQKVPGTRPSFLWNTI
WKYFHLLNEERKKICSFDAKANILKLIDFDVLRDSIVEVESLCKRENSPIVLCHCDLLSSNIINTVGGGEAGELGEAGET
GEGGETGEGGETGEGGETGEGGEGDSISFIDFEYSCPMERAYDIANHFNEYAGFNCDWDLTPSKEEEYHFIMHYLGTDDE
ELINQLIREIQPFYICSHINWGLWSLLQGMHSSIDFDFINYGMTRLTASCLPIFRSKV
;
_entity_poly.pdbx_strand_id   A,B,D,E
#
loop_
_chem_comp.id
_chem_comp.type
_chem_comp.name
_chem_comp.formula
SO4 non-polymer 'SULFATE ION' 'O4 S -2'
#
# COMPACT_ATOMS: atom_id res chain seq x y z
N TYR A 50 -19.52 -58.73 -8.13
CA TYR A 50 -19.57 -57.22 -8.06
C TYR A 50 -19.90 -56.57 -9.44
N PRO A 51 -19.02 -56.69 -10.46
CA PRO A 51 -19.50 -56.18 -11.76
C PRO A 51 -20.60 -57.07 -12.35
N ILE A 52 -21.62 -56.44 -12.97
CA ILE A 52 -22.66 -57.19 -13.69
C ILE A 52 -22.06 -58.01 -14.85
N THR A 53 -22.29 -59.32 -14.82
CA THR A 53 -21.67 -60.27 -15.76
C THR A 53 -22.61 -60.66 -16.89
N GLU A 54 -22.02 -61.17 -17.96
CA GLU A 54 -22.80 -61.74 -19.05
C GLU A 54 -23.74 -62.86 -18.56
N SER A 55 -23.25 -63.69 -17.63
CA SER A 55 -24.06 -64.76 -17.01
C SER A 55 -25.18 -64.23 -16.14
N ASN A 56 -24.96 -63.07 -15.48
CA ASN A 56 -26.04 -62.45 -14.69
C ASN A 56 -27.30 -62.14 -15.51
N LEU A 57 -27.11 -61.78 -16.80
CA LEU A 57 -28.22 -61.31 -17.65
C LEU A 57 -28.68 -62.36 -18.64
N ARG A 58 -28.18 -63.58 -18.51
CA ARG A 58 -28.59 -64.68 -19.36
C ARG A 58 -30.10 -64.97 -19.30
N ILE A 59 -30.74 -65.02 -20.48
CA ILE A 59 -32.16 -65.36 -20.61
C ILE A 59 -32.27 -66.75 -21.25
N LEU A 60 -32.82 -67.71 -20.51
CA LEU A 60 -32.87 -69.10 -20.98
C LEU A 60 -33.98 -69.35 -21.99
N GLU A 61 -33.69 -70.27 -22.91
CA GLU A 61 -34.62 -70.74 -23.94
C GLU A 61 -35.93 -71.15 -23.28
N GLY A 62 -37.03 -70.67 -23.85
CA GLY A 62 -38.35 -70.98 -23.29
C GLY A 62 -38.86 -70.04 -22.20
N GLU A 63 -38.10 -68.98 -21.89
CA GLU A 63 -38.56 -67.96 -20.94
C GLU A 63 -38.93 -66.70 -21.71
N ASP A 64 -39.99 -66.02 -21.28
CA ASP A 64 -40.40 -64.79 -21.94
C ASP A 64 -39.32 -63.70 -21.78
N ARG A 65 -38.73 -63.31 -22.92
CA ARG A 65 -37.64 -62.35 -22.96
C ARG A 65 -38.07 -61.01 -22.34
N SER A 66 -39.25 -60.51 -22.69
CA SER A 66 -39.74 -59.21 -22.20
C SER A 66 -39.90 -59.14 -20.68
N GLU A 67 -40.42 -60.20 -20.06
CA GLU A 67 -40.56 -60.24 -18.61
C GLU A 67 -39.23 -60.53 -17.89
N LYS A 68 -38.39 -61.36 -18.49
CA LYS A 68 -37.13 -61.69 -17.87
C LYS A 68 -36.20 -60.50 -17.88
N ALA A 69 -36.36 -59.62 -18.87
CA ALA A 69 -35.52 -58.45 -19.02
C ALA A 69 -35.98 -57.36 -18.07
N LYS A 70 -37.30 -57.24 -17.87
CA LYS A 70 -37.89 -56.38 -16.85
C LYS A 70 -37.39 -56.70 -15.43
N GLU A 71 -37.28 -57.99 -15.12
CA GLU A 71 -36.75 -58.48 -13.85
C GLU A 71 -35.27 -58.19 -13.73
N LEU A 72 -34.52 -58.36 -14.81
CA LEU A 72 -33.08 -58.13 -14.76
C LEU A 72 -32.68 -56.63 -14.68
N LEU A 73 -33.57 -55.75 -15.12
CA LEU A 73 -33.28 -54.33 -15.12
C LEU A 73 -33.52 -53.74 -13.73
N LYS A 74 -34.40 -54.37 -12.96
CA LYS A 74 -34.66 -53.97 -11.56
C LYS A 74 -33.59 -54.51 -10.62
N LYS A 75 -33.09 -55.70 -10.95
CA LYS A 75 -32.15 -56.39 -10.11
C LYS A 75 -30.76 -55.84 -10.26
N TYR A 76 -30.42 -55.36 -11.46
CA TYR A 76 -29.09 -54.84 -11.75
C TYR A 76 -29.17 -53.41 -12.20
N VAL A 77 -28.89 -52.51 -11.27
CA VAL A 77 -28.96 -51.07 -11.49
C VAL A 77 -27.64 -50.31 -11.28
N SER A 78 -26.59 -51.01 -10.82
CA SER A 78 -25.35 -50.37 -10.41
C SER A 78 -24.58 -49.75 -11.57
N ASN A 79 -24.84 -50.26 -12.77
CA ASN A 79 -24.21 -49.81 -14.03
C ASN A 79 -22.74 -50.10 -14.14
N VAL A 80 -22.31 -51.18 -13.50
CA VAL A 80 -20.92 -51.58 -13.56
C VAL A 80 -20.90 -52.95 -14.18
N PHE A 81 -20.19 -53.09 -15.32
CA PHE A 81 -20.31 -54.30 -16.14
C PHE A 81 -18.92 -54.85 -16.35
N GLU A 82 -18.80 -56.16 -16.50
CA GLU A 82 -17.47 -56.79 -16.68
C GLU A 82 -16.77 -56.43 -18.01
N ASN A 83 -17.57 -56.35 -19.08
CA ASN A 83 -17.04 -56.01 -20.39
C ASN A 83 -18.09 -55.26 -21.23
N GLU A 84 -17.64 -54.73 -22.38
CA GLU A 84 -18.46 -54.00 -23.34
C GLU A 84 -19.63 -54.84 -23.83
N LYS A 85 -19.39 -56.12 -24.03
CA LYS A 85 -20.43 -57.05 -24.44
C LYS A 85 -21.61 -57.11 -23.49
N THR A 86 -21.32 -57.20 -22.19
CA THR A 86 -22.32 -57.20 -21.13
C THR A 86 -23.06 -55.84 -21.04
N LEU A 87 -22.31 -54.74 -21.13
CA LEU A 87 -22.90 -53.43 -21.31
C LEU A 87 -24.00 -53.39 -22.41
N TYR A 88 -23.70 -53.94 -23.60
CA TYR A 88 -24.65 -53.90 -24.72
C TYR A 88 -25.85 -54.83 -24.57
N ILE A 89 -25.67 -55.99 -23.95
CA ILE A 89 -26.77 -56.88 -23.67
C ILE A 89 -27.76 -56.17 -22.76
N TYR A 90 -27.25 -55.40 -21.81
CA TYR A 90 -28.06 -54.64 -20.87
C TYR A 90 -28.74 -53.49 -21.60
N CYS A 91 -27.98 -52.81 -22.46
CA CYS A 91 -28.57 -51.79 -23.34
C CYS A 91 -29.70 -52.32 -24.21
N LYS A 92 -29.61 -53.57 -24.63
CA LYS A 92 -30.69 -54.16 -25.38
C LYS A 92 -31.99 -54.25 -24.57
N TYR A 93 -31.90 -54.63 -23.29
CA TYR A 93 -33.06 -54.69 -22.41
C TYR A 93 -33.60 -53.32 -22.04
N VAL A 94 -32.72 -52.34 -21.85
CA VAL A 94 -33.16 -50.96 -21.69
C VAL A 94 -34.08 -50.58 -22.86
N MET A 95 -33.61 -50.87 -24.07
CA MET A 95 -34.39 -50.48 -25.25
C MET A 95 -35.65 -51.34 -25.37
N LEU A 96 -35.55 -52.61 -25.00
CA LEU A 96 -36.73 -53.48 -24.94
C LEU A 96 -37.86 -53.07 -24.00
N HIS A 97 -37.51 -52.84 -22.72
CA HIS A 97 -38.47 -52.54 -21.67
C HIS A 97 -38.74 -51.04 -21.60
N TYR A 98 -37.69 -50.24 -21.49
CA TYR A 98 -37.95 -48.80 -21.33
C TYR A 98 -38.20 -48.06 -22.64
N GLY A 99 -37.67 -48.57 -23.74
CA GLY A 99 -37.75 -47.88 -25.01
C GLY A 99 -38.70 -48.53 -26.01
N LYS A 100 -39.86 -48.99 -25.54
CA LYS A 100 -40.81 -49.64 -26.44
C LYS A 100 -41.70 -48.68 -27.21
N ASP A 101 -41.67 -47.41 -26.84
CA ASP A 101 -42.35 -46.36 -27.61
C ASP A 101 -41.46 -45.61 -28.59
N LEU A 102 -40.22 -46.09 -28.71
CA LEU A 102 -39.19 -45.46 -29.53
C LEU A 102 -38.72 -46.46 -30.57
N VAL A 103 -38.51 -47.70 -30.14
CA VAL A 103 -38.09 -48.75 -30.98
C VAL A 103 -39.05 -49.92 -30.71
N ASN A 104 -39.57 -50.48 -31.80
CA ASN A 104 -40.46 -51.62 -31.73
C ASN A 104 -39.78 -52.80 -31.05
N PRO A 105 -40.44 -53.40 -30.03
CA PRO A 105 -39.91 -54.58 -29.34
C PRO A 105 -39.49 -55.74 -30.23
N ASN A 106 -40.11 -55.86 -31.42
CA ASN A 106 -39.73 -56.86 -32.41
C ASN A 106 -38.41 -56.56 -33.11
N GLU A 107 -37.97 -55.31 -33.06
CA GLU A 107 -36.76 -54.93 -33.75
C GLU A 107 -35.56 -54.64 -32.84
N VAL A 108 -35.45 -55.34 -31.70
CA VAL A 108 -34.37 -55.08 -30.72
C VAL A 108 -33.09 -55.80 -31.09
N ASP A 109 -33.22 -56.97 -31.78
CA ASP A 109 -32.03 -57.68 -32.33
C ASP A 109 -31.41 -57.02 -33.59
N SER A 110 -32.04 -55.96 -34.09
CA SER A 110 -31.45 -55.18 -35.19
C SER A 110 -30.74 -53.94 -34.74
N LEU A 111 -30.76 -53.69 -33.43
CA LEU A 111 -30.17 -52.47 -32.85
C LEU A 111 -28.69 -52.65 -32.82
N GLU A 112 -27.98 -51.59 -33.19
CA GLU A 112 -26.54 -51.53 -32.99
C GLU A 112 -26.18 -50.58 -31.84
N PHE A 113 -25.11 -50.93 -31.13
CA PHE A 113 -24.68 -50.15 -29.93
C PHE A 113 -23.25 -49.78 -30.02
N GLN A 114 -22.92 -48.53 -29.69
CA GLN A 114 -21.52 -48.10 -29.54
C GLN A 114 -21.35 -47.25 -28.27
N ILE A 115 -20.44 -47.65 -27.40
CA ILE A 115 -20.12 -46.81 -26.25
C ILE A 115 -19.41 -45.52 -26.74
N ILE A 116 -19.95 -44.37 -26.36
CA ILE A 116 -19.40 -43.08 -26.68
C ILE A 116 -18.39 -42.67 -25.60
N ASN A 117 -17.16 -42.41 -26.01
CA ASN A 117 -16.10 -41.94 -25.09
C ASN A 117 -16.21 -40.43 -24.91
N GLY A 118 -17.44 -39.95 -24.71
CA GLY A 118 -17.72 -38.51 -24.58
C GLY A 118 -19.22 -38.22 -24.57
N THR A 121 -19.90 -38.60 -14.28
CA THR A 121 -19.44 -39.88 -14.79
C THR A 121 -20.60 -40.85 -14.93
N ASN A 122 -20.76 -41.31 -16.17
CA ASN A 122 -21.81 -42.23 -16.56
C ASN A 122 -21.36 -42.86 -17.87
N ILE A 123 -22.14 -43.84 -18.34
CA ILE A 123 -21.88 -44.47 -19.61
C ILE A 123 -22.86 -43.88 -20.60
N LEU A 124 -22.32 -43.39 -21.70
CA LEU A 124 -23.15 -42.93 -22.82
C LEU A 124 -23.05 -43.94 -23.99
N ILE A 125 -24.20 -44.42 -24.44
CA ILE A 125 -24.25 -45.45 -25.48
C ILE A 125 -25.05 -44.99 -26.70
N LYS A 126 -24.38 -44.97 -27.85
CA LYS A 126 -25.07 -44.78 -29.13
C LYS A 126 -25.92 -46.00 -29.55
N VAL A 127 -27.20 -45.76 -29.84
CA VAL A 127 -28.14 -46.78 -30.28
C VAL A 127 -28.60 -46.49 -31.69
N LYS A 128 -28.41 -47.47 -32.56
CA LYS A 128 -28.96 -47.39 -33.93
C LYS A 128 -29.96 -48.47 -34.25
N ASP A 129 -31.18 -48.01 -34.55
CA ASP A 129 -32.23 -48.82 -35.11
C ASP A 129 -31.92 -48.90 -36.60
N MET A 130 -31.50 -50.09 -37.03
CA MET A 130 -31.01 -50.26 -38.36
C MET A 130 -32.18 -50.38 -39.28
N SER A 131 -33.26 -50.92 -38.72
CA SER A 131 -34.56 -50.97 -39.41
C SER A 131 -35.11 -49.60 -39.91
N LYS A 132 -35.31 -48.65 -39.00
CA LYS A 132 -35.91 -47.37 -39.33
C LYS A 132 -34.86 -46.28 -39.44
N GLN A 133 -33.59 -46.66 -39.48
CA GLN A 133 -32.50 -45.70 -39.42
C GLN A 133 -32.67 -44.47 -38.47
N ALA A 134 -32.70 -44.75 -37.17
CA ALA A 134 -32.95 -43.75 -36.12
C ALA A 134 -31.96 -43.97 -34.99
N LYS A 135 -31.38 -42.89 -34.45
CA LYS A 135 -30.35 -42.96 -33.43
C LYS A 135 -30.91 -42.48 -32.10
N TYR A 136 -30.41 -43.09 -31.03
CA TYR A 136 -30.78 -42.75 -29.65
C TYR A 136 -29.54 -42.82 -28.80
N LEU A 137 -29.61 -42.16 -27.65
CA LEU A 137 -28.53 -42.22 -26.67
C LEU A 137 -29.06 -42.74 -25.33
N ILE A 138 -28.54 -43.89 -24.90
CA ILE A 138 -28.78 -44.36 -23.55
C ILE A 138 -27.75 -43.73 -22.58
N ARG A 139 -28.27 -43.06 -21.56
CA ARG A 139 -27.43 -42.57 -20.46
C ARG A 139 -27.61 -43.43 -19.21
N LEU A 140 -26.56 -44.17 -18.87
CA LEU A 140 -26.53 -45.00 -17.66
C LEU A 140 -25.76 -44.29 -16.55
N TYR A 141 -26.46 -43.88 -15.50
CA TYR A 141 -25.84 -43.15 -14.34
C TYR A 141 -24.76 -43.95 -13.62
N GLY A 142 -23.66 -43.28 -13.33
CA GLY A 142 -22.50 -43.93 -12.74
C GLY A 142 -22.61 -44.12 -11.23
N PRO A 143 -21.81 -45.08 -10.68
CA PRO A 143 -21.79 -45.41 -9.23
C PRO A 143 -21.09 -44.32 -8.41
N THR A 145 -21.88 -40.17 -10.02
CA THR A 145 -23.15 -39.46 -9.81
C THR A 145 -23.35 -39.20 -8.30
N ASP A 146 -23.62 -37.94 -7.95
CA ASP A 146 -23.90 -37.58 -6.53
C ASP A 146 -25.37 -37.22 -6.27
N GLU A 147 -25.79 -37.44 -5.01
CA GLU A 147 -27.19 -37.34 -4.61
C GLU A 147 -27.72 -35.92 -4.45
N ILE A 148 -27.01 -34.95 -5.02
CA ILE A 148 -27.46 -33.53 -5.05
C ILE A 148 -27.83 -33.06 -6.48
N ILE A 149 -28.43 -33.97 -7.25
CA ILE A 149 -29.16 -33.69 -8.49
C ILE A 149 -30.57 -34.24 -8.27
N ASN A 150 -31.57 -33.38 -8.41
CA ASN A 150 -32.96 -33.76 -8.30
C ASN A 150 -33.45 -34.25 -9.66
N ARG A 151 -33.55 -35.57 -9.82
CA ARG A 151 -34.00 -36.15 -11.08
C ARG A 151 -35.46 -35.82 -11.39
N GLU A 152 -36.25 -35.71 -10.33
CA GLU A 152 -37.69 -35.41 -10.43
C GLU A 152 -37.96 -33.97 -10.90
N ARG A 153 -37.18 -33.00 -10.42
CA ARG A 153 -37.16 -31.63 -10.98
C ARG A 153 -36.69 -31.64 -12.44
N GLU A 154 -35.64 -32.41 -12.71
CA GLU A 154 -35.03 -32.54 -14.03
C GLU A 154 -36.06 -33.12 -15.05
N LYS A 155 -36.81 -34.14 -14.62
CA LYS A 155 -37.97 -34.68 -15.36
C LYS A 155 -39.06 -33.64 -15.70
N LYS A 156 -39.42 -32.82 -14.71
CA LYS A 156 -40.44 -31.78 -14.88
C LYS A 156 -40.05 -30.70 -15.88
N ILE A 157 -38.81 -30.20 -15.75
CA ILE A 157 -38.27 -29.21 -16.69
C ILE A 157 -38.10 -29.82 -18.07
N SER A 158 -37.66 -31.07 -18.12
CA SER A 158 -37.60 -31.80 -19.37
C SER A 158 -38.95 -31.78 -20.11
N CYS A 159 -40.07 -31.89 -19.38
CA CYS A 159 -41.41 -31.89 -20.01
C CYS A 159 -41.83 -30.53 -20.50
N ILE A 160 -41.53 -29.49 -19.72
CA ILE A 160 -41.73 -28.12 -20.17
C ILE A 160 -40.98 -27.80 -21.46
N LEU A 161 -39.83 -28.47 -21.69
CA LEU A 161 -38.94 -28.12 -22.82
C LEU A 161 -39.06 -29.02 -24.06
N TYR A 162 -39.85 -30.08 -23.96
CA TYR A 162 -39.85 -31.17 -24.95
C TYR A 162 -40.09 -30.67 -26.40
N ASN A 163 -40.95 -29.66 -26.55
CA ASN A 163 -41.28 -29.10 -27.86
C ASN A 163 -40.83 -27.65 -28.08
N LYS A 164 -40.01 -27.12 -27.19
CA LYS A 164 -39.68 -25.70 -27.24
C LYS A 164 -38.54 -25.31 -28.16
N ASN A 165 -37.84 -26.29 -28.75
CA ASN A 165 -36.63 -26.03 -29.59
C ASN A 165 -35.42 -25.31 -28.93
N ILE A 166 -35.28 -25.51 -27.62
CA ILE A 166 -34.21 -24.92 -26.83
C ILE A 166 -33.21 -26.01 -26.41
N ALA A 167 -33.74 -27.17 -26.03
CA ALA A 167 -32.95 -28.23 -25.42
C ALA A 167 -33.11 -29.53 -26.20
N LYS A 168 -32.26 -30.51 -25.95
CA LYS A 168 -32.47 -31.85 -26.50
C LYS A 168 -33.64 -32.56 -25.85
N LYS A 169 -34.23 -33.49 -26.55
CA LYS A 169 -35.29 -34.30 -25.97
C LYS A 169 -34.76 -35.45 -25.12
N ILE A 170 -35.51 -35.72 -24.05
CA ILE A 170 -35.30 -36.91 -23.24
C ILE A 170 -36.59 -37.69 -23.31
N TYR A 171 -36.51 -38.94 -23.67
CA TYR A 171 -37.70 -39.70 -24.00
C TYR A 171 -38.25 -40.42 -22.79
N VAL A 172 -37.40 -41.18 -22.13
CA VAL A 172 -37.78 -41.96 -20.94
C VAL A 172 -36.75 -41.74 -19.79
N PHE A 173 -37.27 -41.53 -18.59
CA PHE A 173 -36.46 -41.51 -17.37
C PHE A 173 -36.70 -42.81 -16.63
N PHE A 174 -35.64 -43.54 -16.34
CA PHE A 174 -35.73 -44.67 -15.43
C PHE A 174 -34.75 -44.44 -14.25
N THR A 175 -34.73 -45.37 -13.28
CA THR A 175 -34.06 -45.10 -12.01
C THR A 175 -32.52 -45.02 -12.12
N ASN A 176 -31.90 -45.87 -12.95
CA ASN A 176 -30.44 -45.82 -13.14
C ASN A 176 -29.99 -45.22 -14.49
N GLY A 177 -30.87 -44.48 -15.16
CA GLY A 177 -30.50 -43.86 -16.40
C GLY A 177 -31.69 -43.32 -17.16
N ARG A 178 -31.46 -42.88 -18.40
CA ARG A 178 -32.55 -42.37 -19.26
C ARG A 178 -32.20 -42.65 -20.75
N ILE A 179 -33.19 -42.46 -21.63
CA ILE A 179 -32.97 -42.57 -23.07
C ILE A 179 -33.26 -41.18 -23.63
N GLU A 180 -32.28 -40.61 -24.30
CA GLU A 180 -32.36 -39.24 -24.76
C GLU A 180 -32.03 -39.13 -26.24
N GLU A 181 -32.20 -37.93 -26.78
CA GLU A 181 -31.92 -37.61 -28.16
C GLU A 181 -30.43 -37.79 -28.54
N PHE A 182 -30.18 -38.38 -29.71
CA PHE A 182 -28.83 -38.43 -30.22
C PHE A 182 -28.46 -37.15 -30.96
N MET A 183 -27.36 -36.53 -30.55
CA MET A 183 -26.93 -35.27 -31.12
C MET A 183 -25.90 -35.50 -32.20
N ASP A 184 -26.30 -35.19 -33.44
CA ASP A 184 -25.36 -35.17 -34.59
C ASP A 184 -24.35 -34.02 -34.59
N GLY A 185 -24.66 -32.94 -33.89
CA GLY A 185 -23.73 -31.82 -33.78
C GLY A 185 -22.62 -32.09 -32.80
N TYR A 186 -21.79 -31.08 -32.56
CA TYR A 186 -20.66 -31.20 -31.63
C TYR A 186 -20.78 -30.20 -30.48
N ALA A 187 -20.20 -30.55 -29.35
CA ALA A 187 -20.12 -29.69 -28.18
C ALA A 187 -19.08 -28.56 -28.44
N LEU A 188 -19.37 -27.35 -27.97
CA LEU A 188 -18.47 -26.24 -28.18
C LEU A 188 -17.31 -26.26 -27.21
N SER A 189 -16.27 -25.49 -27.55
CA SER A 189 -15.15 -25.36 -26.67
C SER A 189 -15.25 -23.98 -26.03
N ARG A 190 -14.42 -23.75 -25.02
CA ARG A 190 -14.32 -22.43 -24.43
C ARG A 190 -13.95 -21.28 -25.39
N GLU A 191 -13.35 -21.60 -26.53
N GLU A 191 -13.35 -21.61 -26.53
CA GLU A 191 -13.00 -20.58 -27.51
CA GLU A 191 -12.96 -20.61 -27.54
C GLU A 191 -14.21 -20.27 -28.38
C GLU A 191 -14.13 -20.32 -28.49
N ASP A 192 -14.97 -21.32 -28.71
CA ASP A 192 -16.25 -21.15 -29.44
C ASP A 192 -17.26 -20.24 -28.73
N ILE A 193 -17.47 -20.45 -27.42
CA ILE A 193 -18.45 -19.65 -26.67
C ILE A 193 -18.06 -18.18 -26.55
N LYS A 194 -16.77 -17.89 -26.68
CA LYS A 194 -16.24 -16.54 -26.67
C LYS A 194 -16.42 -15.87 -28.03
N ASN A 195 -16.45 -16.67 -29.09
CA ASN A 195 -16.63 -16.18 -30.45
C ASN A 195 -17.98 -15.50 -30.61
N PRO A 196 -17.97 -14.19 -31.01
CA PRO A 196 -19.17 -13.38 -31.15
C PRO A 196 -20.25 -14.06 -32.00
N LYS A 197 -19.80 -14.90 -32.94
CA LYS A 197 -20.68 -15.65 -33.83
C LYS A 197 -21.56 -16.63 -33.03
N PHE A 198 -20.95 -17.25 -32.02
CA PHE A 198 -21.67 -18.15 -31.15
C PHE A 198 -22.33 -17.42 -29.96
N GLN A 199 -21.67 -16.38 -29.43
CA GLN A 199 -22.33 -15.45 -28.49
C GLN A 199 -23.77 -15.07 -28.93
N LYS A 200 -23.93 -14.72 -30.21
CA LYS A 200 -25.22 -14.37 -30.80
C LYS A 200 -26.25 -15.49 -30.63
N LEU A 201 -25.87 -16.70 -31.03
CA LEU A 201 -26.75 -17.85 -31.04
C LEU A 201 -27.03 -18.39 -29.64
N ILE A 202 -26.08 -18.24 -28.73
CA ILE A 202 -26.26 -18.74 -27.37
C ILE A 202 -27.21 -17.85 -26.59
N ALA A 203 -26.93 -16.54 -26.60
CA ALA A 203 -27.80 -15.47 -26.01
C ALA A 203 -29.25 -15.57 -26.45
N LYS A 204 -29.47 -15.86 -27.73
CA LYS A 204 -30.82 -15.97 -28.28
C LYS A 204 -31.55 -17.24 -27.85
N ASN A 205 -30.80 -18.31 -27.64
CA ASN A 205 -31.37 -19.56 -27.19
C ASN A 205 -31.55 -19.47 -25.66
N LEU A 206 -30.67 -18.68 -25.02
CA LEU A 206 -30.82 -18.38 -23.62
C LEU A 206 -32.07 -17.53 -23.32
N LYS A 207 -32.32 -16.52 -24.14
CA LYS A 207 -33.51 -15.70 -24.01
C LYS A 207 -34.83 -16.50 -24.12
N LEU A 208 -34.91 -17.37 -25.12
CA LEU A 208 -36.03 -18.24 -25.28
C LEU A 208 -36.27 -19.13 -24.05
N LEU A 209 -35.21 -19.66 -23.45
CA LEU A 209 -35.34 -20.41 -22.20
C LEU A 209 -35.79 -19.51 -21.06
N HIS A 210 -35.15 -18.35 -20.92
CA HIS A 210 -35.54 -17.37 -19.90
C HIS A 210 -37.00 -16.83 -19.97
N ASP A 211 -37.58 -16.82 -21.18
CA ASP A 211 -38.93 -16.33 -21.42
C ASP A 211 -40.02 -17.40 -21.27
N ILE A 212 -39.65 -18.63 -20.97
CA ILE A 212 -40.63 -19.66 -20.70
C ILE A 212 -41.43 -19.31 -19.46
N LYS A 213 -42.75 -19.19 -19.66
CA LYS A 213 -43.66 -18.77 -18.60
C LYS A 213 -43.94 -19.96 -17.72
N LEU A 214 -43.73 -19.76 -16.41
CA LEU A 214 -43.91 -20.79 -15.40
C LEU A 214 -45.13 -20.49 -14.55
N ASN A 215 -46.20 -21.27 -14.74
CA ASN A 215 -47.41 -21.20 -13.88
C ASN A 215 -47.11 -21.32 -12.39
N GLU A 216 -48.06 -20.85 -11.57
CA GLU A 216 -47.98 -21.03 -10.12
C GLU A 216 -48.11 -22.51 -9.77
N ASN A 217 -48.85 -23.26 -10.59
CA ASN A 217 -48.98 -24.71 -10.40
C ASN A 217 -47.71 -25.48 -10.78
N LEU A 218 -47.02 -25.03 -11.82
CA LEU A 218 -45.76 -25.69 -12.21
C LEU A 218 -44.62 -25.16 -11.34
N TYR A 219 -44.74 -23.90 -10.93
CA TYR A 219 -43.81 -23.33 -9.96
C TYR A 219 -43.85 -24.03 -8.59
N LYS A 220 -45.04 -24.44 -8.15
CA LYS A 220 -45.14 -25.05 -6.83
C LYS A 220 -44.77 -26.52 -6.84
N GLU A 221 -44.98 -27.17 -7.97
CA GLU A 221 -44.58 -28.55 -8.07
C GLU A 221 -43.06 -28.67 -8.19
N LEU A 222 -42.41 -27.58 -8.62
CA LEU A 222 -40.94 -27.47 -8.63
C LEU A 222 -40.44 -27.12 -7.23
N GLN A 223 -41.19 -26.23 -6.55
CA GLN A 223 -40.89 -25.81 -5.18
C GLN A 223 -40.94 -26.98 -4.21
N VAL A 224 -41.92 -27.88 -4.35
CA VAL A 224 -41.98 -29.07 -3.45
C VAL A 224 -40.88 -30.11 -3.70
N THR A 225 -40.48 -30.28 -4.98
CA THR A 225 -39.35 -31.16 -5.30
C THR A 225 -38.05 -30.74 -4.55
N GLN A 226 -37.77 -29.44 -4.49
CA GLN A 226 -36.55 -28.96 -3.81
C GLN A 226 -36.79 -28.28 -2.46
N LYS A 227 -38.05 -28.31 -1.98
CA LYS A 227 -38.45 -27.67 -0.71
C LYS A 227 -38.04 -26.20 -0.54
N VAL A 228 -38.12 -25.43 -1.63
CA VAL A 228 -37.91 -23.95 -1.58
C VAL A 228 -39.21 -23.19 -1.25
N PRO A 229 -39.21 -22.44 -0.13
CA PRO A 229 -40.40 -21.70 0.31
C PRO A 229 -40.49 -20.27 -0.24
N GLY A 230 -41.67 -19.66 -0.07
CA GLY A 230 -41.99 -18.32 -0.61
C GLY A 230 -42.87 -18.41 -1.85
N THR A 231 -43.06 -17.26 -2.50
CA THR A 231 -43.85 -17.19 -3.73
C THR A 231 -43.02 -16.67 -4.90
N ARG A 232 -43.01 -17.43 -6.01
CA ARG A 232 -42.14 -17.10 -7.13
C ARG A 232 -40.67 -16.95 -6.67
N PRO A 233 -40.19 -17.91 -5.87
CA PRO A 233 -38.84 -17.73 -5.32
C PRO A 233 -37.69 -18.21 -6.24
N SER A 234 -36.52 -17.64 -6.02
CA SER A 234 -35.28 -18.10 -6.63
C SER A 234 -34.85 -19.37 -5.90
N PHE A 235 -34.42 -20.39 -6.65
CA PHE A 235 -33.88 -21.61 -6.04
C PHE A 235 -32.40 -21.42 -5.69
N LEU A 236 -31.82 -20.29 -6.09
CA LEU A 236 -30.38 -20.07 -6.03
C LEU A 236 -29.77 -20.08 -4.62
N TRP A 237 -30.30 -19.26 -3.73
CA TRP A 237 -29.81 -19.13 -2.37
C TRP A 237 -30.08 -20.33 -1.50
N ASN A 238 -31.19 -20.99 -1.75
CA ASN A 238 -31.51 -22.24 -1.08
C ASN A 238 -30.44 -23.34 -1.38
N THR A 239 -29.96 -23.35 -2.64
CA THR A 239 -28.99 -24.31 -3.12
C THR A 239 -27.60 -24.03 -2.54
N ILE A 240 -27.18 -22.79 -2.60
CA ILE A 240 -25.93 -22.36 -2.00
C ILE A 240 -25.87 -22.64 -0.51
N TRP A 241 -26.92 -22.31 0.22
CA TRP A 241 -26.92 -22.61 1.65
C TRP A 241 -26.96 -24.09 1.96
N LYS A 242 -27.59 -24.88 1.09
CA LYS A 242 -27.61 -26.30 1.30
C LYS A 242 -26.15 -26.84 1.17
N TYR A 243 -25.44 -26.47 0.10
CA TYR A 243 -24.03 -26.81 -0.03
C TYR A 243 -23.20 -26.36 1.17
N PHE A 244 -23.40 -25.14 1.65
CA PHE A 244 -22.60 -24.62 2.76
C PHE A 244 -22.75 -25.44 4.03
N HIS A 245 -23.98 -25.73 4.42
CA HIS A 245 -24.24 -26.47 5.66
C HIS A 245 -23.91 -27.94 5.58
N LEU A 246 -24.05 -28.56 4.40
CA LEU A 246 -23.56 -29.89 4.18
C LEU A 246 -22.05 -29.98 4.36
N LEU A 247 -21.31 -28.98 3.87
CA LEU A 247 -19.86 -28.90 4.04
C LEU A 247 -19.44 -28.49 5.43
N ASN A 248 -20.08 -27.47 6.00
CA ASN A 248 -19.81 -27.11 7.40
C ASN A 248 -20.05 -28.26 8.40
N GLU A 249 -20.97 -29.15 8.05
CA GLU A 249 -21.27 -30.30 8.85
C GLU A 249 -20.17 -31.37 8.76
N GLU A 250 -19.69 -31.64 7.53
CA GLU A 250 -18.52 -32.52 7.34
C GLU A 250 -17.29 -31.98 8.11
N ARG A 251 -17.12 -30.66 8.05
CA ARG A 251 -15.96 -29.96 8.60
C ARG A 251 -15.81 -30.15 10.12
N LYS A 252 -16.94 -30.29 10.82
CA LYS A 252 -16.94 -30.40 12.30
C LYS A 252 -16.64 -31.82 12.82
N LYS A 253 -16.79 -32.82 11.96
CA LYS A 253 -16.52 -34.21 12.29
C LYS A 253 -15.03 -34.47 12.56
N ILE A 254 -14.78 -35.30 13.58
CA ILE A 254 -13.43 -35.74 13.95
C ILE A 254 -12.87 -36.56 12.80
N CYS A 255 -11.67 -36.20 12.39
CA CYS A 255 -11.17 -36.61 11.11
C CYS A 255 -9.76 -37.23 11.23
N SER A 256 -9.52 -38.29 10.45
CA SER A 256 -8.16 -38.81 10.35
C SER A 256 -7.22 -37.87 9.52
N PHE A 257 -5.93 -37.87 9.90
CA PHE A 257 -4.87 -37.03 9.32
C PHE A 257 -4.84 -37.04 7.77
N ASP A 258 -5.27 -38.12 7.13
CA ASP A 258 -5.25 -38.15 5.67
C ASP A 258 -6.63 -38.29 4.96
N ALA A 259 -7.70 -37.88 5.64
CA ALA A 259 -9.05 -37.98 5.06
C ALA A 259 -9.32 -36.79 4.17
N LYS A 260 -10.31 -36.94 3.30
CA LYS A 260 -10.65 -35.92 2.32
C LYS A 260 -11.08 -34.59 2.95
N ALA A 261 -11.62 -34.64 4.15
CA ALA A 261 -12.26 -33.51 4.79
C ALA A 261 -11.32 -32.49 5.35
N ASN A 262 -10.02 -32.80 5.37
CA ASN A 262 -9.03 -31.91 6.05
C ASN A 262 -8.86 -30.56 5.35
N ILE A 263 -9.14 -30.54 4.06
CA ILE A 263 -9.20 -29.29 3.28
C ILE A 263 -10.28 -28.33 3.75
N LEU A 264 -11.43 -28.84 4.17
CA LEU A 264 -12.48 -28.02 4.76
C LEU A 264 -12.06 -27.33 6.05
N LYS A 265 -11.17 -27.94 6.82
CA LYS A 265 -10.77 -27.37 8.12
C LYS A 265 -9.90 -26.17 7.96
N LEU A 266 -9.14 -26.11 6.87
CA LEU A 266 -8.24 -24.99 6.60
C LEU A 266 -9.05 -23.77 6.12
N ILE A 267 -10.23 -24.04 5.56
CA ILE A 267 -11.17 -22.98 5.16
C ILE A 267 -11.84 -22.42 6.41
N ASP A 268 -11.68 -21.11 6.66
CA ASP A 268 -12.46 -20.37 7.66
C ASP A 268 -13.94 -20.26 7.25
N PHE A 269 -14.79 -21.03 7.92
CA PHE A 269 -16.23 -21.12 7.58
C PHE A 269 -17.11 -20.01 8.12
N ASP A 270 -16.65 -19.28 9.12
CA ASP A 270 -17.34 -18.08 9.58
C ASP A 270 -17.18 -16.94 8.61
N VAL A 271 -16.01 -16.83 8.00
CA VAL A 271 -15.74 -15.85 6.97
C VAL A 271 -16.44 -16.24 5.68
N LEU A 272 -16.50 -17.54 5.39
CA LEU A 272 -17.19 -18.07 4.21
C LEU A 272 -18.69 -17.74 4.29
N ARG A 273 -19.24 -17.79 5.52
CA ARG A 273 -20.62 -17.49 5.81
C ARG A 273 -20.89 -16.01 5.62
N ASP A 274 -20.08 -15.13 6.20
CA ASP A 274 -20.21 -13.68 5.98
C ASP A 274 -20.06 -13.29 4.53
N SER A 275 -19.25 -14.02 3.76
CA SER A 275 -19.09 -13.76 2.34
C SER A 275 -20.33 -14.15 1.49
N ILE A 276 -20.89 -15.33 1.73
CA ILE A 276 -22.16 -15.70 1.12
C ILE A 276 -23.25 -14.66 1.48
N VAL A 277 -23.31 -14.24 2.73
CA VAL A 277 -24.27 -13.18 3.15
C VAL A 277 -24.06 -11.87 2.38
N GLU A 278 -22.81 -11.43 2.29
CA GLU A 278 -22.48 -10.19 1.61
C GLU A 278 -22.80 -10.27 0.12
N VAL A 279 -22.52 -11.40 -0.54
CA VAL A 279 -22.79 -11.59 -1.96
C VAL A 279 -24.32 -11.70 -2.25
N GLU A 280 -25.03 -12.45 -1.40
CA GLU A 280 -26.50 -12.59 -1.50
C GLU A 280 -27.21 -11.23 -1.49
N SER A 281 -26.72 -10.36 -0.64
CA SER A 281 -27.22 -9.02 -0.48
C SER A 281 -26.97 -8.17 -1.72
N LEU A 282 -25.73 -8.21 -2.21
CA LEU A 282 -25.36 -7.47 -3.40
C LEU A 282 -26.10 -7.90 -4.68
N CYS A 283 -26.47 -9.15 -4.77
CA CYS A 283 -27.16 -9.72 -5.92
C CYS A 283 -28.65 -9.43 -5.88
N LYS A 284 -29.20 -9.58 -4.66
CA LYS A 284 -30.59 -9.22 -4.36
C LYS A 284 -30.89 -7.70 -4.57
N ARG A 285 -29.91 -6.84 -4.31
CA ARG A 285 -30.00 -5.40 -4.60
C ARG A 285 -30.17 -5.09 -6.10
N GLU A 286 -29.69 -5.98 -6.94
CA GLU A 286 -29.80 -5.80 -8.37
C GLU A 286 -31.20 -6.14 -8.89
N ASN A 287 -32.01 -6.81 -8.06
CA ASN A 287 -33.40 -7.11 -8.41
C ASN A 287 -33.55 -7.82 -9.78
N SER A 288 -32.77 -8.87 -9.99
CA SER A 288 -32.76 -9.63 -11.23
C SER A 288 -33.97 -10.58 -11.30
N PRO A 289 -34.77 -10.44 -12.36
CA PRO A 289 -35.97 -11.25 -12.49
C PRO A 289 -35.69 -12.74 -12.47
N ILE A 290 -36.54 -13.48 -11.77
CA ILE A 290 -36.40 -14.93 -11.63
C ILE A 290 -37.03 -15.63 -12.86
N VAL A 291 -36.27 -16.51 -13.50
CA VAL A 291 -36.71 -17.19 -14.71
C VAL A 291 -36.26 -18.62 -14.63
N LEU A 292 -36.67 -19.42 -15.60
CA LEU A 292 -36.17 -20.78 -15.71
C LEU A 292 -34.74 -20.67 -16.25
N CYS A 293 -33.77 -21.02 -15.39
CA CYS A 293 -32.36 -21.04 -15.78
C CYS A 293 -31.81 -22.44 -16.08
N HIS A 294 -30.75 -22.49 -16.88
CA HIS A 294 -30.03 -23.78 -17.11
C HIS A 294 -29.05 -24.12 -15.98
N CYS A 295 -28.29 -23.11 -15.56
CA CYS A 295 -27.47 -23.11 -14.34
C CYS A 295 -26.08 -23.67 -14.50
N ASP A 296 -25.84 -24.39 -15.59
CA ASP A 296 -24.55 -25.00 -15.82
C ASP A 296 -24.14 -24.84 -17.31
N LEU A 297 -24.09 -23.60 -17.79
CA LEU A 297 -23.83 -23.37 -19.20
C LEU A 297 -22.36 -23.31 -19.51
N LEU A 298 -21.66 -24.40 -19.29
CA LEU A 298 -20.31 -24.54 -19.81
C LEU A 298 -20.37 -24.96 -21.30
N SER A 299 -19.25 -24.76 -21.99
CA SER A 299 -19.21 -24.90 -23.43
C SER A 299 -19.66 -26.28 -23.87
N SER A 300 -19.36 -27.33 -23.10
CA SER A 300 -19.77 -28.66 -23.52
C SER A 300 -21.25 -28.98 -23.37
N ASN A 301 -22.03 -28.06 -22.78
CA ASN A 301 -23.48 -28.26 -22.66
C ASN A 301 -24.18 -27.52 -23.79
N ILE A 302 -23.39 -26.88 -24.63
CA ILE A 302 -23.90 -26.14 -25.77
C ILE A 302 -23.46 -26.84 -27.04
N ILE A 303 -24.42 -27.24 -27.86
CA ILE A 303 -24.21 -28.10 -29.00
C ILE A 303 -24.53 -27.42 -30.35
N ASN A 304 -23.59 -27.46 -31.27
CA ASN A 304 -23.77 -26.88 -32.59
C ASN A 304 -24.11 -27.95 -33.62
N THR A 305 -25.36 -27.95 -34.07
CA THR A 305 -25.84 -28.80 -35.15
C THR A 305 -25.92 -27.97 -36.44
N VAL A 306 -24.98 -28.25 -37.36
CA VAL A 306 -24.85 -27.52 -38.64
C VAL A 306 -25.99 -27.87 -39.63
N GLY A 307 -26.97 -26.96 -39.74
CA GLY A 307 -28.23 -27.22 -40.45
C GLY A 307 -29.38 -27.70 -39.55
N GLU A 343 -23.17 -24.95 -44.03
CA GLU A 343 -24.42 -24.20 -43.96
C GLU A 343 -24.58 -23.45 -42.61
N GLY A 344 -25.80 -23.44 -42.06
CA GLY A 344 -26.10 -22.58 -40.92
C GLY A 344 -25.85 -23.27 -39.59
N ASP A 345 -25.22 -22.51 -38.67
CA ASP A 345 -25.04 -22.94 -37.29
C ASP A 345 -26.39 -22.95 -36.58
N SER A 346 -26.67 -24.01 -35.84
CA SER A 346 -27.86 -24.07 -35.00
C SER A 346 -27.51 -24.54 -33.57
N ILE A 347 -27.71 -23.66 -32.59
CA ILE A 347 -27.30 -23.89 -31.20
C ILE A 347 -28.42 -24.44 -30.31
N SER A 348 -28.04 -25.43 -29.50
CA SER A 348 -28.97 -26.04 -28.59
C SER A 348 -28.30 -26.37 -27.27
N PHE A 349 -29.08 -26.35 -26.19
CA PHE A 349 -28.60 -26.69 -24.80
C PHE A 349 -28.95 -28.13 -24.35
N ILE A 350 -28.03 -28.74 -23.61
CA ILE A 350 -28.20 -30.08 -23.08
C ILE A 350 -27.87 -30.10 -21.60
N ASP A 351 -28.27 -31.16 -20.92
CA ASP A 351 -27.90 -31.47 -19.52
C ASP A 351 -28.41 -30.42 -18.55
N PHE A 352 -29.69 -30.58 -18.24
CA PHE A 352 -30.42 -29.67 -17.35
C PHE A 352 -30.55 -30.20 -15.91
N GLU A 353 -29.50 -30.89 -15.42
CA GLU A 353 -29.44 -31.47 -14.08
C GLU A 353 -29.56 -30.45 -12.98
N TYR A 354 -29.07 -29.25 -13.26
CA TYR A 354 -29.05 -28.16 -12.28
C TYR A 354 -30.13 -27.11 -12.54
N SER A 355 -30.85 -27.27 -13.65
CA SER A 355 -31.81 -26.29 -14.12
C SER A 355 -32.88 -26.04 -13.06
N CYS A 356 -33.18 -24.77 -12.80
CA CYS A 356 -34.23 -24.40 -11.84
C CYS A 356 -34.50 -22.90 -11.91
N PRO A 357 -35.63 -22.44 -11.34
CA PRO A 357 -35.91 -20.98 -11.30
C PRO A 357 -34.88 -20.19 -10.49
N MET A 358 -34.21 -19.26 -11.14
CA MET A 358 -33.20 -18.44 -10.49
C MET A 358 -33.18 -17.05 -11.14
N GLU A 359 -32.45 -16.11 -10.55
CA GLU A 359 -32.21 -14.83 -11.16
C GLU A 359 -31.57 -15.01 -12.52
N ARG A 360 -32.10 -14.34 -13.53
CA ARG A 360 -31.54 -14.46 -14.88
C ARG A 360 -30.06 -14.07 -15.02
N ALA A 361 -29.59 -13.22 -14.12
CA ALA A 361 -28.25 -12.64 -14.15
C ALA A 361 -27.22 -13.64 -13.66
N TYR A 362 -27.70 -14.63 -12.91
CA TYR A 362 -26.86 -15.76 -12.52
C TYR A 362 -26.49 -16.63 -13.71
N ASP A 363 -27.47 -16.97 -14.52
CA ASP A 363 -27.25 -17.81 -15.70
C ASP A 363 -26.23 -17.18 -16.66
N ILE A 364 -26.30 -15.88 -16.84
CA ILE A 364 -25.45 -15.14 -17.76
C ILE A 364 -24.01 -14.99 -17.22
N ALA A 365 -23.88 -14.61 -15.94
CA ALA A 365 -22.60 -14.43 -15.30
C ALA A 365 -21.91 -15.80 -15.10
N ASN A 366 -22.71 -16.83 -14.83
CA ASN A 366 -22.19 -18.18 -14.76
C ASN A 366 -21.65 -18.66 -16.12
N HIS A 367 -22.40 -18.41 -17.19
CA HIS A 367 -21.91 -18.70 -18.51
C HIS A 367 -20.64 -17.91 -18.83
N PHE A 368 -20.55 -16.66 -18.38
CA PHE A 368 -19.38 -15.88 -18.65
C PHE A 368 -18.12 -16.38 -17.93
N ASN A 369 -18.30 -16.95 -16.75
CA ASN A 369 -17.21 -17.52 -16.01
C ASN A 369 -16.64 -18.76 -16.70
N GLU A 370 -17.51 -19.49 -17.41
CA GLU A 370 -17.15 -20.69 -18.12
C GLU A 370 -16.43 -20.44 -19.44
N TYR A 371 -16.26 -19.16 -19.82
CA TYR A 371 -15.29 -18.76 -20.89
C TYR A 371 -13.83 -19.19 -20.59
N ALA A 372 -13.54 -19.29 -19.29
CA ALA A 372 -12.28 -19.68 -18.74
C ALA A 372 -12.00 -21.20 -18.90
N GLY A 373 -13.08 -22.00 -18.99
CA GLY A 373 -12.98 -23.47 -19.06
C GLY A 373 -12.74 -24.04 -17.69
N PHE A 374 -12.56 -25.37 -17.61
CA PHE A 374 -12.17 -26.05 -16.35
C PHE A 374 -10.75 -25.72 -15.90
N ASN A 375 -9.96 -25.22 -16.85
CA ASN A 375 -8.62 -24.74 -16.49
C ASN A 375 -8.60 -23.47 -15.66
N CYS A 376 -9.73 -22.75 -15.64
CA CYS A 376 -9.95 -21.53 -14.84
C CYS A 376 -8.99 -20.41 -15.23
N ASP A 377 -8.78 -20.23 -16.54
CA ASP A 377 -7.99 -19.11 -17.02
C ASP A 377 -8.88 -17.86 -17.05
N TRP A 378 -8.88 -17.14 -15.92
CA TRP A 378 -9.77 -16.02 -15.66
C TRP A 378 -9.66 -14.82 -16.61
N ASP A 379 -8.54 -14.71 -17.32
N ASP A 379 -8.52 -14.76 -17.31
CA ASP A 379 -8.35 -13.59 -18.26
CA ASP A 379 -8.20 -13.72 -18.30
C ASP A 379 -9.09 -13.80 -19.58
C ASP A 379 -9.08 -13.82 -19.55
N LEU A 380 -9.72 -14.98 -19.72
CA LEU A 380 -10.59 -15.27 -20.84
C LEU A 380 -12.08 -14.87 -20.60
N THR A 381 -12.41 -14.54 -19.36
CA THR A 381 -13.74 -14.00 -19.01
C THR A 381 -13.97 -12.67 -19.74
N PRO A 382 -15.24 -12.39 -20.13
CA PRO A 382 -15.54 -11.27 -21.04
C PRO A 382 -15.20 -9.89 -20.48
N SER A 383 -14.64 -9.04 -21.35
CA SER A 383 -14.55 -7.61 -21.05
C SER A 383 -15.94 -6.97 -21.15
N LYS A 384 -16.05 -5.71 -20.74
CA LYS A 384 -17.29 -4.94 -20.82
C LYS A 384 -17.88 -4.94 -22.22
N GLU A 385 -16.99 -4.89 -23.23
CA GLU A 385 -17.40 -4.95 -24.64
C GLU A 385 -17.95 -6.32 -25.08
N GLU A 386 -17.42 -7.41 -24.51
CA GLU A 386 -17.88 -8.74 -24.89
C GLU A 386 -19.14 -9.12 -24.16
N GLU A 387 -19.28 -8.63 -22.93
CA GLU A 387 -20.52 -8.69 -22.16
C GLU A 387 -21.64 -7.95 -22.90
N TYR A 388 -21.32 -6.79 -23.47
CA TYR A 388 -22.27 -5.96 -24.25
C TYR A 388 -22.82 -6.67 -25.46
N HIS A 389 -21.93 -7.34 -26.17
CA HIS A 389 -22.30 -7.97 -27.41
C HIS A 389 -23.22 -9.18 -27.21
N PHE A 390 -22.97 -9.96 -26.16
CA PHE A 390 -23.83 -11.09 -25.80
C PHE A 390 -25.21 -10.57 -25.34
N ILE A 391 -25.19 -9.63 -24.40
CA ILE A 391 -26.44 -9.04 -23.84
C ILE A 391 -27.32 -8.31 -24.91
N MET A 392 -26.67 -7.70 -25.90
CA MET A 392 -27.37 -7.10 -27.04
C MET A 392 -28.21 -8.11 -27.78
N HIS A 393 -27.67 -9.31 -28.00
CA HIS A 393 -28.40 -10.38 -28.66
C HIS A 393 -29.33 -11.12 -27.72
N TYR A 394 -29.03 -11.11 -26.42
CA TYR A 394 -29.90 -11.72 -25.42
C TYR A 394 -31.19 -10.93 -25.34
N LEU A 395 -31.08 -9.61 -25.16
CA LEU A 395 -32.24 -8.69 -25.16
C LEU A 395 -32.93 -8.48 -26.51
N GLY A 396 -32.18 -8.58 -27.60
CA GLY A 396 -32.74 -8.42 -28.95
C GLY A 396 -33.05 -6.97 -29.27
N THR A 397 -32.15 -6.08 -28.80
CA THR A 397 -32.27 -4.64 -28.97
C THR A 397 -30.88 -4.01 -29.07
N ASP A 398 -30.82 -2.84 -29.73
CA ASP A 398 -29.61 -2.02 -29.89
C ASP A 398 -29.60 -0.93 -28.83
N ASP A 399 -30.65 -0.89 -28.01
CA ASP A 399 -30.81 0.13 -26.99
C ASP A 399 -29.73 0.04 -25.92
N GLU A 400 -28.88 1.07 -25.91
CA GLU A 400 -27.70 1.13 -25.08
C GLU A 400 -28.03 1.14 -23.58
N GLU A 401 -29.10 1.83 -23.20
CA GLU A 401 -29.50 1.94 -21.77
C GLU A 401 -30.02 0.62 -21.21
N LEU A 402 -30.70 -0.17 -22.04
CA LEU A 402 -31.24 -1.45 -21.64
C LEU A 402 -30.13 -2.50 -21.49
N ILE A 403 -29.16 -2.46 -22.43
CA ILE A 403 -27.94 -3.27 -22.36
C ILE A 403 -27.10 -2.94 -21.12
N ASN A 404 -26.80 -1.67 -20.90
CA ASN A 404 -25.99 -1.26 -19.74
C ASN A 404 -26.60 -1.62 -18.40
N GLN A 405 -27.91 -1.60 -18.36
CA GLN A 405 -28.66 -1.99 -17.20
C GLN A 405 -28.45 -3.48 -16.85
N LEU A 406 -28.48 -4.35 -17.86
CA LEU A 406 -28.26 -5.78 -17.65
C LEU A 406 -26.79 -6.07 -17.36
N ILE A 407 -25.87 -5.31 -17.96
CA ILE A 407 -24.45 -5.41 -17.62
C ILE A 407 -24.22 -5.08 -16.16
N ARG A 408 -24.90 -4.08 -15.65
CA ARG A 408 -24.81 -3.69 -14.26
C ARG A 408 -25.43 -4.76 -13.37
N GLU A 409 -26.55 -5.35 -13.82
CA GLU A 409 -27.31 -6.33 -13.08
C GLU A 409 -26.51 -7.62 -12.79
N ILE A 410 -25.79 -8.11 -13.83
CA ILE A 410 -25.02 -9.35 -13.76
C ILE A 410 -23.74 -9.32 -12.97
N GLN A 411 -23.17 -8.15 -12.69
CA GLN A 411 -21.84 -8.04 -12.02
C GLN A 411 -21.56 -8.83 -10.73
N PRO A 412 -22.41 -8.71 -9.67
CA PRO A 412 -22.11 -9.43 -8.41
C PRO A 412 -22.34 -10.98 -8.55
N PHE A 413 -22.94 -11.41 -9.66
CA PHE A 413 -23.28 -12.82 -9.84
C PHE A 413 -22.08 -13.66 -10.32
N TYR A 414 -20.99 -12.98 -10.72
CA TYR A 414 -19.69 -13.62 -10.96
C TYR A 414 -19.18 -14.32 -9.73
N ILE A 415 -19.12 -13.60 -8.61
CA ILE A 415 -18.71 -14.12 -7.33
C ILE A 415 -19.65 -15.21 -6.80
N CYS A 416 -20.94 -14.98 -6.92
CA CYS A 416 -21.99 -15.96 -6.60
C CYS A 416 -21.83 -17.30 -7.37
N SER A 417 -21.40 -17.24 -8.62
CA SER A 417 -21.08 -18.40 -9.46
C SER A 417 -19.84 -19.18 -8.95
N HIS A 418 -18.82 -18.45 -8.48
CA HIS A 418 -17.65 -19.05 -7.89
C HIS A 418 -17.89 -19.80 -6.60
N ILE A 419 -18.59 -19.15 -5.66
CA ILE A 419 -19.02 -19.80 -4.43
C ILE A 419 -19.89 -21.04 -4.64
N ASN A 420 -20.88 -20.97 -5.54
CA ASN A 420 -21.75 -22.10 -5.82
C ASN A 420 -20.95 -23.30 -6.29
N TRP A 421 -20.15 -23.10 -7.32
CA TRP A 421 -19.38 -24.17 -7.90
C TRP A 421 -18.16 -24.58 -7.06
N GLY A 422 -17.60 -23.64 -6.31
CA GLY A 422 -16.62 -23.95 -5.24
C GLY A 422 -17.09 -24.92 -4.18
N LEU A 423 -18.25 -24.62 -3.59
CA LEU A 423 -18.90 -25.47 -2.59
C LEU A 423 -19.41 -26.79 -3.16
N TRP A 424 -19.94 -26.78 -4.37
CA TRP A 424 -20.40 -28.00 -5.02
C TRP A 424 -19.24 -29.00 -5.29
N SER A 425 -18.12 -28.47 -5.84
CA SER A 425 -16.93 -29.27 -6.18
C SER A 425 -16.27 -29.88 -4.94
N LEU A 426 -16.09 -29.05 -3.90
CA LEU A 426 -15.71 -29.60 -2.61
C LEU A 426 -16.62 -30.70 -2.08
N LEU A 427 -17.95 -30.56 -2.20
CA LEU A 427 -18.88 -31.64 -1.84
C LEU A 427 -18.69 -32.89 -2.66
N GLN A 428 -18.48 -32.75 -3.95
CA GLN A 428 -18.22 -33.87 -4.83
C GLN A 428 -16.92 -34.50 -4.41
N GLY A 429 -15.97 -33.64 -4.00
CA GLY A 429 -14.68 -34.07 -3.55
C GLY A 429 -14.67 -34.84 -2.26
N MET A 430 -15.78 -34.86 -1.51
CA MET A 430 -15.79 -35.54 -0.19
C MET A 430 -16.11 -37.00 -0.31
N HIS A 431 -16.84 -37.36 -1.36
CA HIS A 431 -17.23 -38.76 -1.53
C HIS A 431 -17.56 -39.06 -2.97
N SER A 432 -16.49 -39.26 -3.76
CA SER A 432 -16.63 -39.67 -5.17
C SER A 432 -15.26 -39.86 -5.84
N PHE A 436 -11.39 -36.85 -11.95
CA PHE A 436 -11.56 -35.40 -11.77
C PHE A 436 -11.07 -34.96 -10.37
N ASP A 437 -10.24 -33.91 -10.36
CA ASP A 437 -9.81 -33.30 -9.10
C ASP A 437 -10.82 -32.25 -8.60
N PHE A 438 -11.78 -32.71 -7.79
CA PHE A 438 -12.86 -31.90 -7.26
C PHE A 438 -12.36 -30.89 -6.23
N ILE A 439 -11.43 -31.33 -5.41
CA ILE A 439 -10.92 -30.49 -4.31
C ILE A 439 -10.19 -29.27 -4.80
N ASN A 440 -9.33 -29.46 -5.79
CA ASN A 440 -8.57 -28.38 -6.35
C ASN A 440 -9.40 -27.42 -7.14
N TYR A 441 -10.34 -27.97 -7.90
CA TYR A 441 -11.28 -27.14 -8.65
C TYR A 441 -12.16 -26.29 -7.71
N GLY A 442 -12.70 -26.91 -6.65
CA GLY A 442 -13.41 -26.19 -5.59
C GLY A 442 -12.64 -25.08 -4.93
N MET A 443 -11.37 -25.29 -4.68
CA MET A 443 -10.53 -24.28 -4.04
C MET A 443 -10.15 -23.19 -5.01
N THR A 444 -10.00 -23.54 -6.29
CA THR A 444 -9.73 -22.55 -7.36
C THR A 444 -10.94 -21.62 -7.56
N ARG A 445 -12.15 -22.19 -7.50
CA ARG A 445 -13.39 -21.39 -7.52
C ARG A 445 -13.59 -20.49 -6.28
N LEU A 446 -13.48 -21.05 -5.08
CA LEU A 446 -13.46 -20.22 -3.89
C LEU A 446 -12.36 -19.18 -3.81
N THR A 447 -11.20 -19.46 -4.35
CA THR A 447 -10.15 -18.44 -4.45
C THR A 447 -10.63 -17.31 -5.35
N ALA A 448 -11.23 -17.66 -6.52
CA ALA A 448 -11.72 -16.71 -7.49
C ALA A 448 -12.76 -15.73 -6.92
N SER A 449 -13.60 -16.26 -6.03
CA SER A 449 -14.55 -15.44 -5.27
C SER A 449 -13.89 -14.32 -4.41
N CYS A 450 -12.61 -14.45 -4.13
CA CYS A 450 -11.87 -13.49 -3.29
C CYS A 450 -10.92 -12.63 -4.10
N LEU A 451 -10.82 -12.89 -5.40
CA LEU A 451 -9.83 -12.25 -6.27
C LEU A 451 -10.32 -10.88 -6.65
N PRO A 452 -9.46 -9.86 -6.62
CA PRO A 452 -9.87 -8.52 -7.04
C PRO A 452 -10.54 -8.44 -8.42
N ILE A 453 -10.09 -9.25 -9.38
CA ILE A 453 -10.62 -9.16 -10.74
C ILE A 453 -12.12 -9.48 -10.76
N PHE A 454 -12.60 -10.24 -9.79
CA PHE A 454 -14.02 -10.49 -9.69
C PHE A 454 -14.72 -9.55 -8.69
N ARG A 455 -14.04 -9.22 -7.59
CA ARG A 455 -14.61 -8.39 -6.52
C ARG A 455 -14.77 -6.93 -6.93
N SER A 456 -13.94 -6.50 -7.89
CA SER A 456 -13.90 -5.12 -8.31
C SER A 456 -14.98 -4.80 -9.33
N LYS A 457 -15.66 -5.85 -9.79
CA LYS A 457 -16.73 -5.72 -10.77
C LYS A 457 -18.00 -5.15 -10.09
N VAL A 458 -18.15 -5.43 -8.81
CA VAL A 458 -19.32 -5.07 -8.03
C VAL A 458 -19.42 -3.56 -7.74
N GLU B 54 20.19 58.40 15.65
CA GLU B 54 19.65 59.80 15.68
C GLU B 54 20.72 60.85 15.42
N SER B 55 21.91 60.63 16.00
CA SER B 55 23.02 61.59 15.91
C SER B 55 23.61 61.70 14.50
N ASN B 56 23.18 60.79 13.62
CA ASN B 56 23.52 60.85 12.20
C ASN B 56 22.89 62.08 11.54
N LEU B 57 21.59 62.28 11.82
CA LEU B 57 20.77 63.26 11.09
C LEU B 57 20.56 64.55 11.88
N ARG B 58 21.61 65.03 12.53
CA ARG B 58 21.53 66.28 13.27
C ARG B 58 22.13 67.44 12.47
N ILE B 59 21.28 68.40 12.11
CA ILE B 59 21.77 69.64 11.54
C ILE B 59 21.99 70.62 12.69
N LEU B 60 23.25 70.76 13.09
CA LEU B 60 23.64 71.69 14.16
C LEU B 60 23.39 73.13 13.70
N GLU B 61 23.04 73.99 14.67
CA GLU B 61 22.69 75.40 14.43
C GLU B 61 23.68 76.12 13.50
N GLY B 62 23.13 76.89 12.55
CA GLY B 62 23.93 77.66 11.60
C GLY B 62 23.83 77.08 10.21
N GLU B 63 24.15 75.78 10.11
CA GLU B 63 24.10 75.02 8.84
C GLU B 63 22.75 75.14 8.14
N ASP B 64 22.78 75.20 6.80
CA ASP B 64 21.54 75.24 6.01
C ASP B 64 20.76 73.91 6.03
N ARG B 65 19.47 73.99 6.40
CA ARG B 65 18.66 72.77 6.61
C ARG B 65 18.38 71.96 5.33
N SER B 66 18.16 72.65 4.21
CA SER B 66 17.66 71.98 2.98
C SER B 66 18.74 71.49 2.01
N GLU B 67 19.77 72.31 1.78
CA GLU B 67 20.90 71.92 0.91
C GLU B 67 21.81 70.86 1.58
N LYS B 68 21.70 70.75 2.91
CA LYS B 68 22.40 69.77 3.73
C LYS B 68 21.49 68.59 4.05
N ALA B 69 20.18 68.78 3.80
CA ALA B 69 19.19 67.69 3.88
C ALA B 69 19.32 66.70 2.71
N LYS B 70 19.50 67.22 1.49
CA LYS B 70 19.71 66.39 0.30
C LYS B 70 20.92 65.50 0.47
N GLU B 71 22.00 66.06 1.00
CA GLU B 71 23.27 65.35 1.22
C GLU B 71 23.13 64.16 2.16
N LEU B 72 22.42 64.33 3.26
CA LEU B 72 22.22 63.26 4.26
C LEU B 72 21.28 62.15 3.78
N LEU B 73 20.41 62.49 2.83
CA LEU B 73 19.45 61.53 2.26
C LEU B 73 20.14 60.61 1.25
N LYS B 74 21.06 61.18 0.46
CA LYS B 74 21.96 60.45 -0.44
C LYS B 74 23.00 59.69 0.37
N LYS B 75 23.42 60.29 1.49
CA LYS B 75 24.32 59.64 2.43
C LYS B 75 23.61 58.48 3.17
N TYR B 76 22.70 58.78 4.09
CA TYR B 76 22.05 57.70 4.85
C TYR B 76 20.85 57.12 4.08
N VAL B 77 21.00 55.85 3.72
CA VAL B 77 20.11 55.16 2.79
C VAL B 77 19.67 53.81 3.40
N SER B 78 20.20 53.50 4.58
CA SER B 78 19.95 52.23 5.26
C SER B 78 18.47 51.84 5.41
N ASN B 79 17.66 52.80 5.89
CA ASN B 79 16.26 52.61 6.32
C ASN B 79 16.09 51.65 7.51
N VAL B 80 17.19 51.44 8.24
CA VAL B 80 17.15 50.82 9.56
C VAL B 80 17.26 51.95 10.59
N PHE B 81 16.27 52.00 11.49
CA PHE B 81 16.13 53.19 12.36
C PHE B 81 16.19 52.92 13.85
N GLU B 82 16.84 53.86 14.55
CA GLU B 82 16.97 53.84 16.02
C GLU B 82 15.67 53.53 16.80
N ASN B 83 14.72 54.47 16.69
CA ASN B 83 13.37 54.39 17.28
C ASN B 83 12.36 55.24 16.49
N GLU B 84 11.17 55.42 17.08
CA GLU B 84 10.09 56.21 16.48
C GLU B 84 10.46 57.66 16.20
N LYS B 85 11.04 58.32 17.21
CA LYS B 85 11.51 59.71 17.10
C LYS B 85 12.56 59.94 15.99
N THR B 86 13.45 58.97 15.79
CA THR B 86 14.57 59.11 14.82
C THR B 86 14.13 59.01 13.35
N LEU B 87 13.11 58.17 13.12
CA LEU B 87 12.56 57.91 11.79
C LEU B 87 11.93 59.19 11.25
N TYR B 88 11.15 59.84 12.13
CA TYR B 88 10.35 61.03 11.81
C TYR B 88 11.20 62.20 11.31
N ILE B 89 12.49 62.15 11.68
CA ILE B 89 13.45 63.18 11.28
C ILE B 89 13.89 62.96 9.84
N TYR B 90 14.08 61.69 9.48
CA TYR B 90 14.45 61.30 8.11
C TYR B 90 13.22 61.53 7.23
N CYS B 91 12.06 61.13 7.75
CA CYS B 91 10.74 61.44 7.14
C CYS B 91 10.53 62.93 6.86
N LYS B 92 10.92 63.75 7.83
CA LYS B 92 10.83 65.19 7.70
C LYS B 92 11.68 65.67 6.55
N TYR B 93 12.85 65.06 6.42
CA TYR B 93 13.82 65.33 5.36
C TYR B 93 13.38 64.78 4.00
N VAL B 94 12.83 63.56 3.99
CA VAL B 94 12.16 62.99 2.81
C VAL B 94 11.15 64.00 2.20
N MET B 95 10.21 64.48 3.03
CA MET B 95 9.22 65.47 2.61
C MET B 95 9.85 66.78 2.20
N LEU B 96 10.93 67.14 2.89
CA LEU B 96 11.69 68.37 2.59
C LEU B 96 12.39 68.35 1.23
N HIS B 97 13.08 67.25 0.91
CA HIS B 97 13.87 67.17 -0.32
C HIS B 97 13.09 66.55 -1.45
N TYR B 98 12.59 65.32 -1.23
CA TYR B 98 11.88 64.60 -2.27
C TYR B 98 10.44 65.08 -2.44
N GLY B 99 9.79 65.41 -1.32
CA GLY B 99 8.39 65.84 -1.29
C GLY B 99 8.12 67.32 -1.50
N LYS B 100 9.06 68.01 -2.15
CA LYS B 100 9.01 69.46 -2.27
C LYS B 100 7.96 69.98 -3.26
N ASP B 101 7.46 69.08 -4.12
CA ASP B 101 6.40 69.38 -5.09
C ASP B 101 5.05 69.10 -4.47
N LEU B 102 5.06 68.51 -3.28
CA LEU B 102 3.82 68.10 -2.59
C LEU B 102 3.52 69.03 -1.46
N VAL B 103 4.50 69.21 -0.59
CA VAL B 103 4.38 70.10 0.52
C VAL B 103 5.44 71.17 0.39
N ASN B 104 5.05 72.42 0.62
CA ASN B 104 6.02 73.53 0.59
C ASN B 104 7.10 73.37 1.65
N PRO B 105 8.39 73.47 1.23
CA PRO B 105 9.55 73.37 2.12
C PRO B 105 9.45 74.13 3.45
N ASN B 106 8.78 75.29 3.48
CA ASN B 106 8.68 76.05 4.72
C ASN B 106 7.51 75.63 5.58
N GLU B 107 6.69 74.74 5.04
CA GLU B 107 5.47 74.27 5.67
C GLU B 107 5.75 72.93 6.35
N VAL B 108 7.04 72.62 6.52
CA VAL B 108 7.52 71.29 6.89
C VAL B 108 7.50 71.02 8.41
N ASP B 109 7.67 72.07 9.21
CA ASP B 109 7.46 71.91 10.65
C ASP B 109 6.01 71.76 11.10
N SER B 110 5.04 71.86 10.18
CA SER B 110 3.62 71.61 10.48
C SER B 110 3.14 70.19 10.13
N LEU B 111 4.08 69.37 9.67
CA LEU B 111 3.78 67.99 9.34
C LEU B 111 3.76 67.13 10.61
N GLU B 112 2.68 66.37 10.78
CA GLU B 112 2.58 65.29 11.76
C GLU B 112 2.86 63.93 11.10
N PHE B 113 3.79 63.18 11.70
CA PHE B 113 4.19 61.83 11.25
C PHE B 113 3.72 60.73 12.22
N GLN B 114 3.38 59.58 11.64
CA GLN B 114 2.82 58.46 12.38
C GLN B 114 3.11 57.13 11.65
N ILE B 115 3.84 56.25 12.31
CA ILE B 115 4.24 54.98 11.70
C ILE B 115 3.07 54.00 11.65
N ILE B 116 2.81 53.45 10.46
CA ILE B 116 1.71 52.48 10.31
C ILE B 116 2.20 51.10 9.82
N ASN B 117 1.26 50.15 9.66
CA ASN B 117 1.59 48.76 9.27
C ASN B 117 1.24 48.44 7.82
N GLY B 119 2.84 46.39 5.03
CA GLY B 119 4.26 46.42 4.66
C GLY B 119 5.10 45.38 5.39
N ILE B 120 5.65 44.42 4.64
CA ILE B 120 6.53 43.37 5.20
C ILE B 120 8.01 43.62 4.87
N THR B 121 8.32 43.88 3.59
CA THR B 121 9.69 44.24 3.15
C THR B 121 9.89 45.77 3.01
N ASN B 122 9.06 46.53 3.72
CA ASN B 122 9.18 48.00 3.83
C ASN B 122 8.46 48.60 5.07
N ILE B 123 8.96 49.76 5.52
CA ILE B 123 8.29 50.54 6.61
C ILE B 123 7.40 51.67 6.06
N LEU B 124 6.19 51.78 6.63
CA LEU B 124 5.18 52.73 6.15
C LEU B 124 4.83 53.86 7.13
N ILE B 125 5.02 55.12 6.69
CA ILE B 125 4.69 56.29 7.55
C ILE B 125 3.56 57.21 7.05
N LYS B 126 2.49 57.29 7.84
CA LYS B 126 1.43 58.33 7.65
C LYS B 126 1.94 59.78 7.86
N VAL B 127 1.74 60.62 6.84
CA VAL B 127 2.09 62.05 6.92
C VAL B 127 0.85 62.93 6.76
N LYS B 128 0.55 63.70 7.79
CA LYS B 128 -0.53 64.67 7.68
C LYS B 128 0.01 66.08 7.67
N ASP B 129 -0.39 66.81 6.61
CA ASP B 129 -0.17 68.25 6.49
C ASP B 129 -1.31 68.95 7.23
N MET B 130 -1.00 69.47 8.42
CA MET B 130 -1.99 69.96 9.34
C MET B 130 -2.56 71.28 8.83
N SER B 131 -1.74 72.00 8.07
CA SER B 131 -2.15 73.28 7.54
C SER B 131 -3.22 73.18 6.46
N LYS B 132 -3.12 72.15 5.63
CA LYS B 132 -3.99 71.97 4.48
C LYS B 132 -4.86 70.73 4.63
N GLN B 133 -4.70 70.03 5.75
CA GLN B 133 -5.41 68.79 6.03
C GLN B 133 -5.24 67.65 4.96
N ALA B 134 -4.17 67.74 4.16
CA ALA B 134 -3.80 66.71 3.17
C ALA B 134 -2.97 65.57 3.80
N LYS B 135 -3.28 64.33 3.42
CA LYS B 135 -2.57 63.12 3.90
C LYS B 135 -1.63 62.51 2.84
N TYR B 136 -0.50 61.96 3.31
CA TYR B 136 0.48 61.30 2.46
C TYR B 136 1.02 60.02 3.09
N LEU B 137 1.76 59.28 2.28
CA LEU B 137 2.36 58.02 2.72
C LEU B 137 3.81 58.00 2.34
N ILE B 138 4.68 57.84 3.31
CA ILE B 138 6.07 57.57 2.99
C ILE B 138 6.33 56.09 3.13
N ARG B 139 6.81 55.49 2.03
CA ARG B 139 7.24 54.08 2.06
C ARG B 139 8.75 54.00 1.96
N LEU B 140 9.34 53.36 2.96
CA LEU B 140 10.78 53.16 2.97
C LEU B 140 11.14 51.67 2.78
N TYR B 141 11.87 51.39 1.70
CA TYR B 141 12.23 50.03 1.34
C TYR B 141 13.28 49.50 2.34
N ASP B 146 16.68 43.71 -2.46
CA ASP B 146 16.05 43.34 -3.74
C ASP B 146 16.45 41.93 -4.21
N GLU B 147 16.77 41.80 -5.51
CA GLU B 147 16.88 40.50 -6.21
C GLU B 147 15.55 39.74 -6.26
N ILE B 148 14.61 40.20 -5.43
CA ILE B 148 13.23 39.70 -5.36
C ILE B 148 12.26 40.74 -5.92
N ILE B 149 12.64 42.04 -5.81
CA ILE B 149 11.86 43.15 -6.37
C ILE B 149 12.72 44.00 -7.33
N ASN B 150 12.24 44.15 -8.55
CA ASN B 150 12.80 45.05 -9.54
C ASN B 150 12.05 46.37 -9.45
N ARG B 151 12.73 47.43 -8.99
CA ARG B 151 12.07 48.72 -8.69
C ARG B 151 11.65 49.47 -9.93
N GLU B 152 12.43 49.33 -11.00
CA GLU B 152 12.10 49.95 -12.30
C GLU B 152 10.86 49.32 -12.93
N ARG B 153 10.68 48.03 -12.70
CA ARG B 153 9.51 47.28 -13.13
C ARG B 153 8.28 47.81 -12.41
N GLU B 154 8.47 48.06 -11.13
CA GLU B 154 7.39 48.46 -10.27
C GLU B 154 6.97 49.89 -10.60
N LYS B 155 7.93 50.70 -11.01
CA LYS B 155 7.69 52.07 -11.43
C LYS B 155 6.93 52.17 -12.76
N LYS B 156 7.35 51.37 -13.76
CA LYS B 156 6.63 51.28 -15.04
C LYS B 156 5.22 50.74 -14.87
N ILE B 157 5.04 49.76 -13.99
CA ILE B 157 3.75 49.13 -13.81
C ILE B 157 2.80 50.03 -13.04
N SER B 158 3.35 50.70 -12.03
CA SER B 158 2.59 51.64 -11.21
C SER B 158 1.96 52.76 -12.04
N CYS B 159 2.61 53.17 -13.12
CA CYS B 159 2.01 54.13 -14.04
C CYS B 159 0.73 53.65 -14.74
N ILE B 160 0.71 52.38 -15.14
CA ILE B 160 -0.39 51.82 -15.88
C ILE B 160 -1.58 51.58 -14.97
N LEU B 161 -1.28 51.26 -13.72
CA LEU B 161 -2.32 50.94 -12.76
C LEU B 161 -3.02 52.18 -12.27
N TYR B 162 -2.26 53.27 -12.12
CA TYR B 162 -2.82 54.56 -11.76
C TYR B 162 -3.69 55.10 -12.89
N ASN B 163 -3.16 55.03 -14.12
CA ASN B 163 -3.89 55.44 -15.31
C ASN B 163 -5.23 54.73 -15.52
N LYS B 164 -5.31 53.46 -15.15
CA LYS B 164 -6.54 52.68 -15.27
C LYS B 164 -7.31 52.62 -13.94
N ASN B 165 -6.90 53.42 -12.95
CA ASN B 165 -7.62 53.57 -11.68
C ASN B 165 -7.74 52.30 -10.85
N ILE B 166 -6.73 51.44 -10.90
CA ILE B 166 -6.72 50.26 -10.06
C ILE B 166 -5.76 50.42 -8.86
N ALA B 167 -4.81 51.36 -9.00
CA ALA B 167 -3.88 51.71 -7.93
C ALA B 167 -3.76 53.22 -7.71
N LYS B 168 -3.28 53.59 -6.51
CA LYS B 168 -3.13 55.01 -6.12
C LYS B 168 -1.97 55.70 -6.81
N LYS B 169 -1.95 57.03 -6.75
CA LYS B 169 -0.84 57.77 -7.37
C LYS B 169 0.43 57.67 -6.50
N ILE B 170 1.58 57.45 -7.14
CA ILE B 170 2.87 57.53 -6.46
C ILE B 170 3.56 58.78 -6.95
N TYR B 171 3.68 59.77 -6.06
CA TYR B 171 4.07 61.13 -6.47
C TYR B 171 5.54 61.21 -6.86
N VAL B 172 6.35 60.40 -6.17
CA VAL B 172 7.82 60.47 -6.32
C VAL B 172 8.50 59.15 -5.91
N PHE B 173 9.42 58.70 -6.77
CA PHE B 173 10.27 57.53 -6.49
C PHE B 173 11.68 57.98 -6.14
N PHE B 174 12.22 57.42 -5.05
CA PHE B 174 13.63 57.64 -4.72
C PHE B 174 14.31 56.31 -4.33
N THR B 175 15.65 56.32 -4.34
CA THR B 175 16.41 55.10 -4.19
C THR B 175 15.87 54.16 -3.11
N ASN B 176 15.72 54.66 -1.90
CA ASN B 176 15.31 53.80 -0.76
C ASN B 176 13.84 53.95 -0.33
N GLY B 177 13.03 54.57 -1.19
CA GLY B 177 11.60 54.61 -0.94
C GLY B 177 10.78 55.45 -1.89
N ARG B 178 9.55 55.72 -1.47
CA ARG B 178 8.68 56.58 -2.27
C ARG B 178 7.69 57.37 -1.39
N ILE B 179 7.07 58.37 -2.01
CA ILE B 179 5.91 59.03 -1.43
C ILE B 179 4.69 58.82 -2.32
N GLU B 180 3.66 58.24 -1.73
CA GLU B 180 2.45 57.94 -2.46
C GLU B 180 1.17 58.54 -1.82
N GLU B 181 0.05 58.44 -2.54
CA GLU B 181 -1.27 58.80 -2.03
C GLU B 181 -1.60 57.97 -0.81
N PHE B 182 -2.18 58.61 0.20
CA PHE B 182 -2.65 57.91 1.39
C PHE B 182 -3.95 57.14 1.13
N MET B 183 -4.10 56.03 1.84
CA MET B 183 -5.15 55.04 1.62
C MET B 183 -6.12 54.98 2.81
N ASP B 184 -7.32 55.53 2.59
CA ASP B 184 -8.38 55.42 3.57
C ASP B 184 -9.02 54.04 3.49
N GLY B 185 -9.06 53.32 4.61
CA GLY B 185 -9.67 51.98 4.63
C GLY B 185 -8.93 51.06 5.57
N TYR B 186 -9.29 49.77 5.57
CA TYR B 186 -8.62 48.79 6.40
C TYR B 186 -8.30 47.50 5.60
N ALA B 187 -7.25 46.82 6.02
CA ALA B 187 -6.80 45.60 5.36
C ALA B 187 -7.62 44.40 5.79
N LEU B 188 -7.99 43.53 4.83
CA LEU B 188 -8.79 42.32 5.10
C LEU B 188 -7.99 41.25 5.84
N SER B 189 -8.71 40.21 6.30
CA SER B 189 -8.09 39.07 6.96
C SER B 189 -8.29 37.80 6.15
N ARG B 190 -7.68 36.71 6.60
CA ARG B 190 -7.71 35.46 5.85
C ARG B 190 -9.10 34.79 5.88
N GLU B 191 -9.90 35.15 6.88
CA GLU B 191 -11.29 34.72 6.93
C GLU B 191 -12.19 35.62 6.06
N ASP B 192 -11.78 36.89 5.90
CA ASP B 192 -12.51 37.80 5.03
C ASP B 192 -12.43 37.42 3.54
N ILE B 193 -11.23 37.06 3.07
CA ILE B 193 -11.03 36.70 1.67
C ILE B 193 -11.70 35.37 1.33
N LYS B 194 -11.92 34.54 2.34
CA LYS B 194 -12.68 33.30 2.18
C LYS B 194 -14.19 33.55 2.05
N ASN B 195 -14.64 34.69 2.55
CA ASN B 195 -16.03 35.06 2.64
C ASN B 195 -16.63 35.33 1.25
N PRO B 196 -17.68 34.57 0.86
CA PRO B 196 -18.37 34.74 -0.43
C PRO B 196 -18.71 36.17 -0.80
N LYS B 197 -18.96 37.00 0.22
CA LYS B 197 -19.22 38.43 0.05
C LYS B 197 -18.00 39.16 -0.53
N PHE B 198 -16.83 38.91 0.07
CA PHE B 198 -15.60 39.57 -0.33
C PHE B 198 -15.00 38.93 -1.56
N GLN B 199 -15.14 37.61 -1.69
CA GLN B 199 -14.57 36.88 -2.81
C GLN B 199 -15.22 37.23 -4.15
N LYS B 200 -16.45 37.74 -4.10
CA LYS B 200 -17.09 38.35 -5.25
C LYS B 200 -16.40 39.64 -5.69
N LEU B 201 -16.00 40.45 -4.70
CA LEU B 201 -15.51 41.79 -4.99
C LEU B 201 -14.05 41.74 -5.36
N ILE B 202 -13.35 40.75 -4.82
CA ILE B 202 -11.95 40.51 -5.12
C ILE B 202 -11.83 40.01 -6.55
N ALA B 203 -12.69 39.06 -6.90
CA ALA B 203 -12.71 38.49 -8.24
C ALA B 203 -12.98 39.51 -9.35
N LYS B 204 -13.93 40.41 -9.09
CA LYS B 204 -14.31 41.48 -10.02
C LYS B 204 -13.20 42.50 -10.20
N ASN B 205 -12.51 42.81 -9.10
CA ASN B 205 -11.35 43.68 -9.12
C ASN B 205 -10.10 43.01 -9.73
N LEU B 206 -9.96 41.68 -9.55
CA LEU B 206 -8.88 40.92 -10.19
C LEU B 206 -9.04 40.85 -11.71
N LYS B 207 -10.28 40.73 -12.17
CA LYS B 207 -10.59 40.67 -13.59
C LYS B 207 -10.29 42.01 -14.26
N LEU B 208 -10.61 43.10 -13.58
CA LEU B 208 -10.28 44.46 -14.07
C LEU B 208 -8.79 44.61 -14.27
N LEU B 209 -8.02 44.09 -13.32
CA LEU B 209 -6.57 44.08 -13.38
C LEU B 209 -6.01 43.21 -14.52
N HIS B 210 -6.54 41.98 -14.64
CA HIS B 210 -6.15 41.05 -15.70
C HIS B 210 -6.54 41.54 -17.09
N ASP B 211 -7.59 42.37 -17.15
CA ASP B 211 -8.04 42.96 -18.41
C ASP B 211 -7.29 44.19 -18.83
N ILE B 212 -6.35 44.65 -18.01
CA ILE B 212 -5.47 45.77 -18.42
C ILE B 212 -4.66 45.35 -19.65
N LYS B 213 -4.78 46.15 -20.71
CA LYS B 213 -4.08 45.90 -21.95
C LYS B 213 -2.62 46.28 -21.86
N LEU B 214 -1.76 45.46 -22.42
CA LEU B 214 -0.31 45.78 -22.47
C LEU B 214 0.20 45.81 -23.92
N ASN B 215 0.58 47.01 -24.38
CA ASN B 215 1.08 47.17 -25.74
C ASN B 215 2.47 46.57 -25.93
N GLU B 216 2.86 46.38 -27.19
CA GLU B 216 4.12 45.71 -27.52
C GLU B 216 5.30 46.48 -26.97
N ASN B 217 5.24 47.80 -27.00
CA ASN B 217 6.35 48.64 -26.53
C ASN B 217 6.52 48.54 -25.02
N LEU B 218 5.39 48.59 -24.33
CA LEU B 218 5.34 48.42 -22.88
C LEU B 218 5.81 47.04 -22.42
N TYR B 219 5.31 46.01 -23.10
CA TYR B 219 5.72 44.64 -22.79
C TYR B 219 7.21 44.46 -22.89
N LYS B 220 7.78 44.93 -23.99
CA LYS B 220 9.21 44.78 -24.26
C LYS B 220 10.07 45.63 -23.31
N GLU B 221 9.50 46.74 -22.86
CA GLU B 221 10.14 47.63 -21.90
C GLU B 221 10.26 46.98 -20.51
N LEU B 222 9.27 46.17 -20.15
CA LEU B 222 9.32 45.32 -18.94
C LEU B 222 10.26 44.12 -19.06
N GLN B 223 10.43 43.58 -20.27
CA GLN B 223 11.29 42.42 -20.50
C GLN B 223 12.74 42.79 -20.35
N VAL B 224 13.07 43.96 -20.85
CA VAL B 224 14.40 44.54 -20.76
C VAL B 224 14.75 44.83 -19.30
N THR B 225 13.78 45.32 -18.53
CA THR B 225 13.99 45.64 -17.13
C THR B 225 14.29 44.44 -16.22
N GLN B 226 13.82 43.23 -16.58
CA GLN B 226 14.05 42.02 -15.78
C GLN B 226 14.85 40.98 -16.55
N LYS B 227 15.17 41.27 -17.82
CA LYS B 227 15.91 40.36 -18.70
C LYS B 227 15.14 39.05 -18.95
N VAL B 228 13.85 39.21 -19.24
CA VAL B 228 12.98 38.09 -19.59
C VAL B 228 12.89 38.01 -21.12
N PRO B 229 13.37 36.90 -21.70
CA PRO B 229 13.32 36.73 -23.17
C PRO B 229 11.99 36.27 -23.73
N GLY B 230 11.86 36.41 -25.05
CA GLY B 230 10.74 35.84 -25.77
C GLY B 230 9.75 36.89 -26.21
N THR B 231 8.58 36.41 -26.59
CA THR B 231 7.53 37.26 -27.07
C THR B 231 6.32 37.12 -26.18
N ARG B 232 5.81 38.28 -25.73
CA ARG B 232 4.73 38.38 -24.74
C ARG B 232 4.88 37.34 -23.63
N PRO B 233 6.07 37.27 -22.98
CA PRO B 233 6.32 36.14 -22.12
C PRO B 233 5.75 36.23 -20.68
N SER B 234 5.53 35.07 -20.06
CA SER B 234 5.29 34.99 -18.62
C SER B 234 6.59 35.27 -17.85
N PHE B 235 6.47 36.12 -16.82
CA PHE B 235 7.65 36.42 -16.00
C PHE B 235 7.80 35.39 -14.89
N LEU B 236 6.74 34.61 -14.67
CA LEU B 236 6.68 33.56 -13.64
C LEU B 236 7.87 32.56 -13.57
N TRP B 237 8.13 31.86 -14.66
CA TRP B 237 9.14 30.80 -14.70
C TRP B 237 10.54 31.32 -14.61
N ASN B 238 10.79 32.47 -15.24
CA ASN B 238 12.08 33.14 -15.16
C ASN B 238 12.45 33.52 -13.72
N THR B 239 11.43 33.88 -12.92
CA THR B 239 11.57 34.27 -11.52
C THR B 239 11.80 33.05 -10.61
N ILE B 240 11.01 31.99 -10.79
CA ILE B 240 11.16 30.76 -10.06
C ILE B 240 12.53 30.17 -10.28
N TRP B 241 13.00 30.14 -11.51
CA TRP B 241 14.37 29.61 -11.76
C TRP B 241 15.44 30.53 -11.22
N LYS B 242 15.15 31.83 -11.16
CA LYS B 242 16.07 32.79 -10.59
C LYS B 242 16.26 32.52 -9.09
N TYR B 243 15.16 32.40 -8.33
CA TYR B 243 15.24 31.93 -6.92
C TYR B 243 15.97 30.62 -6.76
N PHE B 244 15.60 29.62 -7.58
CA PHE B 244 16.26 28.29 -7.47
C PHE B 244 17.77 28.36 -7.61
N HIS B 245 18.30 29.05 -8.62
CA HIS B 245 19.73 29.00 -8.86
C HIS B 245 20.52 29.90 -7.93
N LEU B 246 19.89 30.97 -7.45
CA LEU B 246 20.50 31.78 -6.41
C LEU B 246 20.65 30.91 -5.16
N LEU B 247 19.64 30.10 -4.82
CA LEU B 247 19.72 29.26 -3.62
C LEU B 247 20.66 28.10 -3.78
N ASN B 248 20.71 27.56 -4.99
CA ASN B 248 21.50 26.36 -5.28
C ASN B 248 23.00 26.66 -5.27
N GLU B 249 23.40 27.88 -5.65
CA GLU B 249 24.80 28.27 -5.61
C GLU B 249 25.22 28.61 -4.17
N GLU B 250 24.28 29.11 -3.35
CA GLU B 250 24.51 29.19 -1.90
C GLU B 250 24.76 27.82 -1.30
N ARG B 251 23.94 26.84 -1.66
CA ARG B 251 24.10 25.48 -1.17
C ARG B 251 25.46 24.85 -1.52
N LYS B 252 25.98 25.16 -2.71
CA LYS B 252 27.18 24.48 -3.21
C LYS B 252 28.46 24.92 -2.49
N LYS B 253 28.41 26.14 -1.92
CA LYS B 253 29.50 26.72 -1.16
C LYS B 253 29.88 25.95 0.13
N ILE B 254 31.17 25.99 0.44
CA ILE B 254 31.70 25.43 1.68
C ILE B 254 31.25 26.36 2.83
N CYS B 255 30.87 25.71 3.92
CA CYS B 255 30.04 26.34 4.92
C CYS B 255 30.51 26.02 6.34
N SER B 256 30.47 27.01 7.24
CA SER B 256 30.62 26.70 8.67
C SER B 256 29.48 25.81 9.22
N PHE B 257 29.77 25.09 10.30
CA PHE B 257 28.79 24.17 10.94
C PHE B 257 27.48 24.83 11.37
N ASP B 258 27.50 26.13 11.63
CA ASP B 258 26.33 26.84 12.11
C ASP B 258 25.94 28.02 11.20
N ALA B 259 26.34 27.94 9.94
CA ALA B 259 25.91 28.92 8.93
C ALA B 259 24.42 28.76 8.59
N LYS B 260 23.75 29.87 8.30
CA LYS B 260 22.39 29.85 7.84
C LYS B 260 22.05 28.90 6.67
N ALA B 261 23.01 28.68 5.77
CA ALA B 261 22.80 27.86 4.55
C ALA B 261 22.84 26.36 4.75
N ASN B 262 23.00 25.88 5.98
CA ASN B 262 22.98 24.42 6.19
C ASN B 262 21.63 23.73 5.95
N ILE B 263 20.58 24.52 5.99
CA ILE B 263 19.21 24.07 5.67
C ILE B 263 19.00 23.76 4.16
N LEU B 264 19.62 24.57 3.29
CA LEU B 264 19.60 24.33 1.85
C LEU B 264 20.26 23.00 1.50
N LYS B 265 21.32 22.64 2.21
CA LYS B 265 22.03 21.36 1.97
C LYS B 265 21.20 20.12 2.29
N LEU B 266 20.21 20.27 3.16
CA LEU B 266 19.37 19.10 3.55
C LEU B 266 18.29 18.78 2.49
N ILE B 267 17.86 19.82 1.79
CA ILE B 267 16.94 19.72 0.64
C ILE B 267 17.66 19.10 -0.57
N ASP B 268 17.11 18.03 -1.16
CA ASP B 268 17.68 17.45 -2.39
C ASP B 268 17.36 18.35 -3.57
N PHE B 269 18.38 19.02 -4.05
CA PHE B 269 18.19 20.06 -5.07
C PHE B 269 18.05 19.53 -6.51
N ASP B 270 18.53 18.30 -6.74
CA ASP B 270 18.29 17.57 -7.96
C ASP B 270 16.79 17.27 -8.15
N VAL B 271 16.11 16.75 -7.13
CA VAL B 271 14.69 16.44 -7.27
C VAL B 271 13.82 17.69 -7.20
N LEU B 272 14.30 18.73 -6.54
CA LEU B 272 13.62 20.01 -6.52
C LEU B 272 13.59 20.61 -7.95
N ARG B 273 14.72 20.49 -8.64
CA ARG B 273 14.85 20.85 -10.06
C ARG B 273 13.85 20.04 -10.87
N ASP B 274 13.82 18.72 -10.65
CA ASP B 274 12.89 17.80 -11.30
C ASP B 274 11.46 18.14 -11.04
N SER B 275 11.18 18.74 -9.90
CA SER B 275 9.82 19.12 -9.51
C SER B 275 9.39 20.40 -10.17
N ILE B 276 10.29 21.38 -10.25
CA ILE B 276 10.00 22.63 -10.92
C ILE B 276 9.76 22.36 -12.43
N VAL B 277 10.53 21.46 -13.03
CA VAL B 277 10.38 21.09 -14.42
C VAL B 277 8.98 20.46 -14.70
N GLU B 278 8.57 19.58 -13.79
CA GLU B 278 7.32 18.88 -13.95
C GLU B 278 6.12 19.78 -13.77
N VAL B 279 6.14 20.61 -12.73
CA VAL B 279 5.11 21.59 -12.43
C VAL B 279 4.98 22.60 -13.55
N GLU B 280 6.12 23.00 -14.09
CA GLU B 280 6.21 23.96 -15.22
C GLU B 280 5.45 23.44 -16.43
N SER B 281 5.72 22.20 -16.75
CA SER B 281 5.09 21.48 -17.81
C SER B 281 3.59 21.31 -17.60
N LEU B 282 3.20 20.91 -16.40
CA LEU B 282 1.83 20.73 -16.00
C LEU B 282 1.04 22.01 -16.04
N CYS B 283 1.69 23.12 -15.68
CA CYS B 283 1.02 24.42 -15.75
C CYS B 283 0.92 24.96 -17.17
N LYS B 284 2.02 24.88 -17.89
CA LYS B 284 1.99 25.29 -19.29
C LYS B 284 1.06 24.46 -20.16
N ARG B 285 0.78 23.22 -19.80
CA ARG B 285 -0.17 22.38 -20.52
C ARG B 285 -1.58 22.94 -20.46
N GLU B 286 -1.82 23.85 -19.52
CA GLU B 286 -3.15 24.36 -19.31
C GLU B 286 -3.43 25.55 -20.20
N ASN B 287 -2.38 26.06 -20.87
CA ASN B 287 -2.47 27.25 -21.74
C ASN B 287 -3.17 28.45 -21.09
N SER B 288 -2.78 28.80 -19.86
CA SER B 288 -3.38 29.96 -19.19
C SER B 288 -2.91 31.27 -19.85
N PRO B 289 -3.86 32.16 -20.24
CA PRO B 289 -3.42 33.42 -20.87
C PRO B 289 -2.61 34.32 -19.91
N ILE B 290 -1.54 34.92 -20.44
CA ILE B 290 -0.63 35.78 -19.72
C ILE B 290 -1.22 37.17 -19.66
N VAL B 291 -1.34 37.68 -18.43
CA VAL B 291 -1.96 38.97 -18.14
C VAL B 291 -1.15 39.69 -17.07
N LEU B 292 -1.41 40.96 -16.86
CA LEU B 292 -0.79 41.67 -15.75
C LEU B 292 -1.31 41.14 -14.41
N CYS B 293 -0.44 40.51 -13.64
CA CYS B 293 -0.87 39.93 -12.37
C CYS B 293 -0.38 40.72 -11.17
N HIS B 294 -1.05 40.53 -10.03
CA HIS B 294 -0.65 41.21 -8.79
C HIS B 294 0.46 40.41 -8.12
N CYS B 295 0.25 39.08 -8.07
CA CYS B 295 1.29 38.08 -7.76
C CYS B 295 1.53 37.89 -6.28
N ASP B 296 0.82 38.65 -5.46
CA ASP B 296 0.94 38.57 -4.00
C ASP B 296 -0.37 38.95 -3.32
N LEU B 297 -1.45 38.29 -3.67
CA LEU B 297 -2.75 38.70 -3.17
C LEU B 297 -3.08 38.01 -1.85
N LEU B 298 -2.27 38.29 -0.82
CA LEU B 298 -2.63 37.91 0.57
C LEU B 298 -3.57 38.96 1.18
N SER B 299 -4.22 38.57 2.28
CA SER B 299 -5.23 39.37 2.97
C SER B 299 -4.87 40.83 3.14
N SER B 300 -3.68 41.11 3.66
CA SER B 300 -3.30 42.49 3.97
C SER B 300 -3.04 43.37 2.75
N ASN B 301 -3.04 42.78 1.56
CA ASN B 301 -2.87 43.52 0.32
C ASN B 301 -4.22 43.84 -0.29
N ILE B 302 -5.28 43.49 0.41
CA ILE B 302 -6.64 43.74 -0.05
C ILE B 302 -7.38 44.68 0.91
N ILE B 303 -7.86 45.79 0.40
CA ILE B 303 -8.28 46.91 1.25
C ILE B 303 -9.78 47.18 1.10
N ASN B 304 -10.50 47.15 2.21
CA ASN B 304 -11.90 47.55 2.18
C ASN B 304 -12.08 49.02 2.59
N THR B 305 -12.42 49.87 1.63
CA THR B 305 -12.79 51.25 1.90
C THR B 305 -14.29 51.27 2.06
N VAL B 306 -14.75 51.08 3.30
CA VAL B 306 -16.19 51.02 3.63
C VAL B 306 -16.91 52.37 3.35
N GLY B 307 -16.14 53.47 3.31
CA GLY B 307 -16.67 54.81 3.02
C GLY B 307 -17.13 55.00 1.58
N GLY B 344 -21.64 49.76 -0.28
CA GLY B 344 -21.02 49.78 1.07
C GLY B 344 -19.54 49.41 1.02
N ASP B 345 -19.26 48.11 0.83
CA ASP B 345 -17.89 47.61 0.70
C ASP B 345 -17.31 47.94 -0.68
N SER B 346 -16.09 48.45 -0.70
CA SER B 346 -15.38 48.68 -1.95
C SER B 346 -13.95 48.17 -1.80
N ILE B 347 -13.57 47.22 -2.65
CA ILE B 347 -12.24 46.59 -2.55
C ILE B 347 -11.22 47.16 -3.53
N SER B 348 -10.02 47.35 -3.01
CA SER B 348 -8.85 47.80 -3.76
C SER B 348 -7.72 46.86 -3.41
N PHE B 349 -6.70 46.79 -4.27
CA PHE B 349 -5.47 46.06 -3.98
C PHE B 349 -4.33 47.05 -3.78
N ILE B 350 -3.37 46.66 -2.93
CA ILE B 350 -2.14 47.45 -2.74
C ILE B 350 -0.90 46.54 -2.85
N ASP B 351 0.28 47.16 -2.80
CA ASP B 351 1.58 46.49 -2.81
C ASP B 351 1.78 45.67 -4.08
N PHE B 352 2.18 46.36 -5.13
CA PHE B 352 2.40 45.78 -6.43
C PHE B 352 3.89 45.55 -6.75
N GLU B 353 4.68 45.30 -5.71
CA GLU B 353 6.10 45.09 -5.90
C GLU B 353 6.47 43.83 -6.67
N TYR B 354 5.60 42.81 -6.61
CA TYR B 354 5.81 41.53 -7.30
C TYR B 354 5.09 41.48 -8.64
N SER B 355 4.31 42.52 -8.93
CA SER B 355 3.35 42.53 -10.01
C SER B 355 4.06 42.53 -11.34
N CYS B 356 3.67 41.61 -12.22
CA CYS B 356 4.29 41.42 -13.55
C CYS B 356 3.42 40.48 -14.39
N PRO B 357 3.63 40.47 -15.73
CA PRO B 357 2.95 39.54 -16.64
C PRO B 357 3.19 38.07 -16.30
N MET B 358 2.11 37.38 -15.98
CA MET B 358 2.11 35.95 -15.70
C MET B 358 0.77 35.39 -16.17
N GLU B 359 0.65 34.07 -16.14
CA GLU B 359 -0.59 33.35 -16.34
C GLU B 359 -1.60 33.77 -15.31
N ARG B 360 -2.81 34.10 -15.76
CA ARG B 360 -3.87 34.51 -14.87
C ARG B 360 -4.17 33.48 -13.79
N ALA B 361 -3.88 32.21 -14.09
CA ALA B 361 -4.20 31.09 -13.20
C ALA B 361 -3.29 31.05 -11.97
N TYR B 362 -2.07 31.54 -12.13
CA TYR B 362 -1.14 31.70 -11.03
C TYR B 362 -1.69 32.69 -10.02
N ASP B 363 -2.17 33.84 -10.50
CA ASP B 363 -2.68 34.88 -9.60
C ASP B 363 -3.88 34.41 -8.77
N ILE B 364 -4.74 33.59 -9.40
CA ILE B 364 -5.88 32.99 -8.75
C ILE B 364 -5.50 31.87 -7.75
N ALA B 365 -4.67 30.92 -8.17
CA ALA B 365 -4.23 29.83 -7.33
C ALA B 365 -3.33 30.25 -6.18
N ASN B 366 -2.53 31.30 -6.42
CA ASN B 366 -1.78 31.97 -5.38
C ASN B 366 -2.64 32.72 -4.32
N HIS B 367 -3.63 33.52 -4.75
CA HIS B 367 -4.64 34.05 -3.84
C HIS B 367 -5.37 32.95 -3.04
N PHE B 368 -5.76 31.86 -3.70
CA PHE B 368 -6.38 30.78 -2.94
C PHE B 368 -5.49 30.14 -1.89
N ASN B 369 -4.18 30.12 -2.09
CA ASN B 369 -3.24 29.57 -1.09
C ASN B 369 -3.21 30.45 0.14
N GLU B 370 -3.50 31.73 -0.04
CA GLU B 370 -3.46 32.72 1.03
C GLU B 370 -4.73 32.69 1.90
N TYR B 371 -5.65 31.77 1.61
CA TYR B 371 -6.82 31.51 2.45
C TYR B 371 -6.37 30.92 3.78
N ALA B 372 -5.25 30.19 3.70
CA ALA B 372 -4.54 29.65 4.82
C ALA B 372 -3.80 30.67 5.69
N GLY B 373 -3.53 31.87 5.13
CA GLY B 373 -2.75 32.91 5.79
C GLY B 373 -1.30 32.47 6.01
N PHE B 374 -0.56 33.27 6.79
CA PHE B 374 0.86 32.97 7.10
C PHE B 374 1.06 31.79 8.02
N ASN B 375 0.03 31.41 8.76
CA ASN B 375 0.14 30.19 9.58
C ASN B 375 0.08 28.89 8.79
N CYS B 376 -0.35 28.97 7.51
CA CYS B 376 -0.31 27.85 6.57
C CYS B 376 -1.24 26.69 6.94
N ASP B 377 -2.47 27.05 7.32
CA ASP B 377 -3.51 26.07 7.62
C ASP B 377 -4.22 25.69 6.33
N TRP B 378 -3.72 24.65 5.69
CA TRP B 378 -4.13 24.28 4.34
C TRP B 378 -5.56 23.76 4.29
N ASP B 379 -6.16 23.58 5.47
CA ASP B 379 -7.56 23.22 5.59
C ASP B 379 -8.51 24.38 5.20
N LEU B 380 -7.97 25.59 5.11
CA LEU B 380 -8.78 26.76 4.71
C LEU B 380 -8.75 27.04 3.20
N THR B 381 -7.89 26.35 2.45
CA THR B 381 -7.94 26.53 1.01
C THR B 381 -9.29 26.05 0.46
N PRO B 382 -9.84 26.81 -0.51
CA PRO B 382 -11.21 26.60 -1.03
C PRO B 382 -11.51 25.21 -1.60
N SER B 383 -12.67 24.64 -1.23
CA SER B 383 -13.22 23.47 -1.92
C SER B 383 -13.54 23.79 -3.38
N LYS B 384 -13.82 22.75 -4.16
CA LYS B 384 -14.28 22.90 -5.55
C LYS B 384 -15.41 23.95 -5.74
N GLU B 385 -16.39 23.95 -4.84
CA GLU B 385 -17.53 24.90 -4.87
C GLU B 385 -17.15 26.33 -4.49
N GLU B 386 -16.15 26.47 -3.63
CA GLU B 386 -15.61 27.79 -3.28
C GLU B 386 -14.76 28.43 -4.40
N GLU B 387 -13.98 27.62 -5.11
CA GLU B 387 -13.27 28.05 -6.31
C GLU B 387 -14.28 28.47 -7.39
N TYR B 388 -15.32 27.62 -7.57
CA TYR B 388 -16.45 27.90 -8.47
C TYR B 388 -17.10 29.28 -8.22
N HIS B 389 -17.35 29.58 -6.96
CA HIS B 389 -17.93 30.84 -6.58
C HIS B 389 -17.05 32.00 -7.02
N PHE B 390 -15.77 31.96 -6.64
CA PHE B 390 -14.80 32.99 -7.06
C PHE B 390 -14.74 33.19 -8.56
N ILE B 391 -14.49 32.10 -9.28
CA ILE B 391 -14.28 32.11 -10.72
C ILE B 391 -15.51 32.54 -11.51
N MET B 392 -16.71 32.18 -11.04
CA MET B 392 -17.95 32.69 -11.58
C MET B 392 -17.95 34.22 -11.60
N HIS B 393 -17.62 34.83 -10.46
CA HIS B 393 -17.48 36.30 -10.34
C HIS B 393 -16.29 36.91 -11.08
N TYR B 394 -15.20 36.16 -11.18
CA TYR B 394 -14.05 36.58 -11.96
C TYR B 394 -14.45 36.69 -13.43
N LEU B 395 -15.00 35.61 -13.98
CA LEU B 395 -15.38 35.57 -15.38
C LEU B 395 -16.63 36.43 -15.65
N GLY B 396 -17.50 36.58 -14.64
CA GLY B 396 -18.74 37.35 -14.80
C GLY B 396 -19.80 36.59 -15.59
N THR B 397 -19.77 35.26 -15.51
CA THR B 397 -20.67 34.39 -16.24
C THR B 397 -21.16 33.24 -15.35
N ASP B 398 -22.33 32.70 -15.70
CA ASP B 398 -22.85 31.47 -15.07
C ASP B 398 -22.69 30.25 -15.97
N ASP B 399 -22.00 30.41 -17.11
CA ASP B 399 -21.62 29.30 -18.00
C ASP B 399 -20.66 28.35 -17.31
N GLU B 400 -21.18 27.21 -16.87
CA GLU B 400 -20.47 26.22 -16.07
C GLU B 400 -19.29 25.55 -16.77
N GLU B 401 -19.44 25.32 -18.06
CA GLU B 401 -18.40 24.86 -18.95
C GLU B 401 -17.19 25.82 -18.99
N LEU B 402 -17.45 27.12 -19.08
CA LEU B 402 -16.41 28.13 -19.06
C LEU B 402 -15.78 28.25 -17.68
N ILE B 403 -16.62 28.20 -16.64
CA ILE B 403 -16.16 28.14 -15.24
C ILE B 403 -15.30 26.93 -14.94
N ASN B 404 -15.74 25.73 -15.32
CA ASN B 404 -14.96 24.50 -15.07
C ASN B 404 -13.62 24.43 -15.81
N GLN B 405 -13.53 25.11 -16.94
CA GLN B 405 -12.30 25.22 -17.70
C GLN B 405 -11.25 26.00 -16.92
N LEU B 406 -11.68 27.08 -16.27
CA LEU B 406 -10.79 27.88 -15.46
C LEU B 406 -10.39 27.20 -14.15
N ILE B 407 -11.32 26.47 -13.53
CA ILE B 407 -11.02 25.62 -12.36
C ILE B 407 -9.97 24.56 -12.67
N ARG B 408 -10.13 23.87 -13.79
CA ARG B 408 -9.16 22.92 -14.34
C ARG B 408 -7.78 23.58 -14.60
N GLU B 409 -7.80 24.84 -15.04
CA GLU B 409 -6.65 25.57 -15.44
C GLU B 409 -5.77 25.99 -14.24
N ILE B 410 -6.41 26.40 -13.13
CA ILE B 410 -5.67 26.83 -11.92
C ILE B 410 -5.03 25.74 -11.08
N GLN B 411 -5.41 24.49 -11.32
CA GLN B 411 -5.07 23.42 -10.39
C GLN B 411 -3.56 23.16 -10.15
N PRO B 412 -2.73 23.02 -11.22
CA PRO B 412 -1.30 22.76 -10.97
C PRO B 412 -0.52 24.00 -10.47
N PHE B 413 -1.19 25.15 -10.46
CA PHE B 413 -0.64 26.42 -10.02
C PHE B 413 -0.64 26.63 -8.48
N TYR B 414 -1.32 25.76 -7.74
CA TYR B 414 -1.22 25.70 -6.28
C TYR B 414 0.19 25.31 -5.91
N ILE B 415 0.67 24.23 -6.51
CA ILE B 415 2.05 23.79 -6.29
C ILE B 415 3.13 24.80 -6.77
N CYS B 416 2.84 25.47 -7.87
CA CYS B 416 3.72 26.46 -8.43
C CYS B 416 3.91 27.70 -7.48
N SER B 417 2.82 28.11 -6.85
CA SER B 417 2.78 29.17 -5.84
C SER B 417 3.62 28.79 -4.60
N HIS B 418 3.52 27.53 -4.19
CA HIS B 418 4.24 27.02 -3.02
C HIS B 418 5.72 27.10 -3.22
N ILE B 419 6.17 26.68 -4.40
CA ILE B 419 7.56 26.66 -4.74
C ILE B 419 8.10 28.07 -4.88
N ASN B 420 7.38 28.92 -5.60
CA ASN B 420 7.77 30.30 -5.74
C ASN B 420 8.04 30.94 -4.37
N TRP B 421 7.08 30.80 -3.44
CA TRP B 421 7.22 31.42 -2.11
C TRP B 421 8.13 30.65 -1.16
N GLY B 422 8.14 29.31 -1.25
CA GLY B 422 9.14 28.48 -0.60
C GLY B 422 10.55 28.93 -0.92
N LEU B 423 10.83 29.15 -2.20
CA LEU B 423 12.15 29.60 -2.65
C LEU B 423 12.40 31.06 -2.36
N TRP B 424 11.39 31.91 -2.49
CA TRP B 424 11.52 33.29 -2.07
C TRP B 424 11.88 33.43 -0.55
N SER B 425 11.22 32.64 0.29
CA SER B 425 11.40 32.73 1.73
C SER B 425 12.78 32.29 2.18
N LEU B 426 13.28 31.19 1.62
CA LEU B 426 14.60 30.66 1.96
C LEU B 426 15.73 31.60 1.59
N LEU B 427 15.56 32.37 0.50
CA LEU B 427 16.52 33.39 0.08
C LEU B 427 16.52 34.59 1.03
N GLN B 428 15.32 35.00 1.46
CA GLN B 428 15.17 36.04 2.44
C GLN B 428 15.85 35.62 3.77
N GLY B 429 15.66 34.36 4.14
CA GLY B 429 16.22 33.79 5.35
C GLY B 429 17.69 33.41 5.20
N MET B 430 18.37 34.07 4.29
CA MET B 430 19.72 33.65 3.98
C MET B 430 20.61 34.86 4.18
N HIS B 431 20.05 36.05 3.92
CA HIS B 431 20.79 37.31 3.97
C HIS B 431 20.04 38.46 4.67
N SER B 432 19.08 38.14 5.55
CA SER B 432 18.31 39.18 6.25
C SER B 432 17.56 38.73 7.54
N SER B 433 17.07 39.72 8.30
CA SER B 433 16.23 39.46 9.46
C SER B 433 15.06 40.47 9.58
N ASP B 435 11.99 40.47 11.81
CA ASP B 435 11.90 39.24 12.64
C ASP B 435 10.83 38.25 12.15
N PHE B 436 10.73 38.13 10.82
CA PHE B 436 9.99 37.06 10.14
C PHE B 436 10.83 35.77 10.13
N ASP B 437 10.21 34.68 10.55
CA ASP B 437 10.82 33.36 10.47
C ASP B 437 10.77 32.81 9.03
N PHE B 438 11.74 33.26 8.22
CA PHE B 438 11.80 32.97 6.79
C PHE B 438 12.12 31.54 6.50
N ILE B 439 12.92 30.89 7.34
CA ILE B 439 13.34 29.53 7.09
C ILE B 439 12.21 28.55 7.30
N ASN B 440 11.44 28.70 8.37
N ASN B 440 11.44 28.75 8.39
CA ASN B 440 10.38 27.73 8.61
CA ASN B 440 10.30 27.90 8.76
C ASN B 440 9.16 27.97 7.71
C ASN B 440 9.18 28.01 7.76
N TYR B 441 8.93 29.23 7.31
CA TYR B 441 7.90 29.52 6.32
C TYR B 441 8.26 28.90 4.94
N GLY B 442 9.51 29.08 4.54
CA GLY B 442 10.05 28.48 3.34
C GLY B 442 9.96 26.99 3.29
N MET B 443 10.23 26.32 4.41
CA MET B 443 10.12 24.86 4.47
C MET B 443 8.70 24.39 4.53
N THR B 444 7.80 25.25 5.00
CA THR B 444 6.38 24.90 5.10
C THR B 444 5.70 24.98 3.72
N ARG B 445 6.08 25.99 2.94
CA ARG B 445 5.60 26.20 1.57
C ARG B 445 6.16 25.13 0.63
N LEU B 446 7.45 24.83 0.78
CA LEU B 446 8.07 23.72 0.08
C LEU B 446 7.56 22.35 0.49
N THR B 447 7.13 22.19 1.73
CA THR B 447 6.53 20.94 2.17
C THR B 447 5.19 20.76 1.47
N ALA B 448 4.39 21.83 1.42
CA ALA B 448 3.12 21.87 0.77
C ALA B 448 3.18 21.47 -0.75
N SER B 449 4.31 21.74 -1.43
CA SER B 449 4.56 21.30 -2.81
C SER B 449 4.50 19.80 -2.96
N CYS B 450 4.80 19.07 -1.89
CA CYS B 450 4.89 17.63 -1.95
C CYS B 450 3.69 16.98 -1.32
N LEU B 451 2.77 17.77 -0.79
CA LEU B 451 1.62 17.21 -0.07
C LEU B 451 0.53 16.72 -1.00
N PRO B 452 0.00 15.51 -0.75
CA PRO B 452 -1.10 14.97 -1.56
C PRO B 452 -2.27 15.92 -1.75
N ILE B 453 -2.63 16.69 -0.72
CA ILE B 453 -3.75 17.60 -0.83
C ILE B 453 -3.56 18.64 -1.93
N PHE B 454 -2.31 18.91 -2.28
CA PHE B 454 -1.98 19.84 -3.37
C PHE B 454 -1.57 19.09 -4.64
N ARG B 455 -0.82 18.00 -4.48
CA ARG B 455 -0.41 17.17 -5.62
C ARG B 455 -1.56 16.43 -6.30
N SER B 456 -2.63 16.14 -5.57
CA SER B 456 -3.73 15.37 -6.09
C SER B 456 -4.76 16.24 -6.81
N LYS B 457 -4.54 17.55 -6.78
CA LYS B 457 -5.39 18.50 -7.51
C LYS B 457 -5.11 18.37 -9.01
N VAL B 458 -3.92 17.94 -9.35
CA VAL B 458 -3.52 17.76 -10.74
C VAL B 458 -3.96 16.36 -11.25
N TYR C 50 -11.98 0.39 6.87
CA TYR C 50 -11.26 1.35 7.78
C TYR C 50 -11.56 1.11 9.28
N PRO C 51 -12.71 1.63 9.81
CA PRO C 51 -12.93 1.60 11.26
C PRO C 51 -13.83 0.44 11.71
N ILE C 52 -13.84 0.23 13.03
CA ILE C 52 -14.68 -0.77 13.63
C ILE C 52 -16.07 -0.17 13.80
N THR C 53 -17.09 -0.97 13.43
CA THR C 53 -18.48 -0.54 13.39
C THR C 53 -19.18 -1.03 14.65
N GLU C 54 -20.15 -0.24 15.12
CA GLU C 54 -21.03 -0.66 16.20
C GLU C 54 -21.74 -1.97 15.87
N SER C 55 -22.06 -2.20 14.59
CA SER C 55 -22.70 -3.46 14.18
C SER C 55 -21.69 -4.61 14.13
N ASN C 56 -20.40 -4.27 14.05
CA ASN C 56 -19.34 -5.28 14.11
C ASN C 56 -19.27 -5.93 15.51
N LEU C 57 -19.44 -5.11 16.54
CA LEU C 57 -19.28 -5.56 17.92
C LEU C 57 -20.56 -6.12 18.53
N ARG C 58 -21.63 -6.15 17.73
CA ARG C 58 -22.93 -6.66 18.14
C ARG C 58 -22.88 -8.10 18.71
N ILE C 59 -23.62 -8.33 19.79
CA ILE C 59 -23.80 -9.67 20.35
C ILE C 59 -25.28 -10.05 20.25
N LEU C 60 -25.57 -11.19 19.62
CA LEU C 60 -26.97 -11.62 19.45
C LEU C 60 -27.47 -12.55 20.60
N GLU C 61 -28.68 -13.10 20.45
CA GLU C 61 -29.38 -13.85 21.51
C GLU C 61 -28.75 -15.19 21.94
N GLY C 62 -28.48 -16.08 20.98
CA GLY C 62 -27.91 -17.41 21.26
C GLY C 62 -26.39 -17.40 21.27
N GLU C 63 -25.81 -16.31 21.78
CA GLU C 63 -24.37 -16.11 21.94
C GLU C 63 -24.12 -15.61 23.36
N ASP C 64 -23.08 -16.13 24.04
CA ASP C 64 -22.79 -15.69 25.41
C ASP C 64 -21.83 -14.50 25.44
N ARG C 65 -22.16 -13.53 26.31
CA ARG C 65 -21.41 -12.28 26.42
C ARG C 65 -19.98 -12.44 26.95
N SER C 66 -19.47 -13.67 27.02
CA SER C 66 -18.09 -13.90 27.47
C SER C 66 -17.24 -14.52 26.37
N GLU C 67 -17.67 -15.64 25.81
CA GLU C 67 -16.89 -16.32 24.76
C GLU C 67 -16.84 -15.53 23.44
N LYS C 68 -17.93 -14.86 23.10
CA LYS C 68 -18.00 -14.04 21.88
C LYS C 68 -17.36 -12.68 22.07
N ALA C 69 -17.35 -12.21 23.32
CA ALA C 69 -16.65 -10.99 23.69
C ALA C 69 -15.13 -11.14 23.51
N LYS C 70 -14.62 -12.36 23.76
CA LYS C 70 -13.21 -12.69 23.50
C LYS C 70 -12.93 -12.68 21.99
N GLU C 71 -13.83 -13.31 21.23
CA GLU C 71 -13.72 -13.36 19.76
C GLU C 71 -13.72 -11.98 19.12
N LEU C 72 -14.45 -11.04 19.72
CA LEU C 72 -14.56 -9.68 19.19
C LEU C 72 -13.36 -8.76 19.53
N LEU C 73 -12.65 -9.07 20.62
CA LEU C 73 -11.41 -8.35 20.97
C LEU C 73 -10.20 -8.87 20.18
N LYS C 74 -10.25 -10.14 19.81
CA LYS C 74 -9.17 -10.79 19.07
C LYS C 74 -9.25 -10.43 17.59
N LYS C 75 -10.46 -10.24 17.09
CA LYS C 75 -10.69 -9.96 15.68
C LYS C 75 -10.51 -8.48 15.34
N TYR C 76 -11.04 -7.61 16.20
CA TYR C 76 -10.95 -6.18 15.96
C TYR C 76 -9.93 -5.57 16.88
N VAL C 77 -8.82 -5.16 16.30
CA VAL C 77 -7.59 -4.96 17.04
C VAL C 77 -6.89 -3.68 16.59
N SER C 78 -7.43 -3.05 15.54
CA SER C 78 -6.83 -1.85 14.95
C SER C 78 -6.97 -0.63 15.84
N ASN C 79 -7.97 -0.67 16.73
CA ASN C 79 -8.35 0.46 17.61
C ASN C 79 -8.71 1.74 16.86
N VAL C 80 -9.39 1.59 15.72
CA VAL C 80 -10.01 2.72 14.99
C VAL C 80 -11.52 2.47 15.04
N PHE C 81 -12.29 3.45 15.52
CA PHE C 81 -13.73 3.24 15.74
C PHE C 81 -14.55 4.32 15.06
N GLU C 82 -15.75 3.96 14.60
CA GLU C 82 -16.62 4.87 13.83
C GLU C 82 -17.23 6.01 14.65
N ASN C 83 -17.32 5.81 15.98
CA ASN C 83 -17.79 6.85 16.92
C ASN C 83 -17.45 6.48 18.38
N GLU C 84 -17.69 7.44 19.30
CA GLU C 84 -17.46 7.24 20.74
C GLU C 84 -18.22 6.05 21.36
N LYS C 85 -19.47 5.85 20.92
CA LYS C 85 -20.32 4.76 21.39
C LYS C 85 -19.68 3.40 21.16
N THR C 86 -19.09 3.23 19.97
CA THR C 86 -18.45 1.99 19.53
C THR C 86 -17.16 1.77 20.30
N LEU C 87 -16.39 2.84 20.46
CA LEU C 87 -15.23 2.83 21.33
C LEU C 87 -15.56 2.29 22.72
N TYR C 88 -16.61 2.86 23.34
CA TYR C 88 -17.04 2.48 24.71
C TYR C 88 -17.56 1.05 24.83
N ILE C 89 -18.20 0.56 23.78
CA ILE C 89 -18.66 -0.84 23.70
C ILE C 89 -17.46 -1.78 23.68
N TYR C 90 -16.42 -1.39 22.95
CA TYR C 90 -15.18 -2.15 22.89
C TYR C 90 -14.51 -2.22 24.27
N CYS C 91 -14.47 -1.08 24.97
CA CYS C 91 -13.93 -0.95 26.33
C CYS C 91 -14.72 -1.73 27.37
N LYS C 92 -16.03 -1.84 27.16
CA LYS C 92 -16.92 -2.67 28.00
C LYS C 92 -16.56 -4.16 27.84
N TYR C 93 -16.27 -4.54 26.59
CA TYR C 93 -15.79 -5.88 26.24
C TYR C 93 -14.36 -6.13 26.69
N VAL C 94 -13.57 -5.05 26.72
CA VAL C 94 -12.15 -5.14 27.07
C VAL C 94 -11.99 -5.69 28.48
N MET C 95 -12.57 -5.01 29.46
CA MET C 95 -12.41 -5.39 30.85
C MET C 95 -13.48 -6.36 31.34
N LEU C 96 -14.24 -6.90 30.40
CA LEU C 96 -15.17 -7.97 30.66
C LEU C 96 -14.40 -9.27 30.48
N HIS C 97 -13.37 -9.21 29.64
CA HIS C 97 -12.54 -10.37 29.31
C HIS C 97 -11.15 -10.29 29.94
N TYR C 98 -10.52 -9.13 29.84
CA TYR C 98 -9.17 -8.91 30.38
C TYR C 98 -9.21 -8.40 31.82
N GLY C 99 -10.24 -7.62 32.14
CA GLY C 99 -10.47 -7.13 33.49
C GLY C 99 -11.40 -8.02 34.30
N LYS C 100 -11.19 -9.33 34.19
CA LYS C 100 -11.95 -10.34 34.92
C LYS C 100 -11.75 -10.24 36.44
N ASP C 101 -10.47 -10.18 36.85
CA ASP C 101 -10.09 -10.17 38.27
C ASP C 101 -10.23 -8.80 38.94
N LEU C 102 -10.53 -7.78 38.15
CA LEU C 102 -10.53 -6.41 38.65
C LEU C 102 -11.94 -5.90 38.85
N VAL C 103 -12.77 -6.09 37.82
CA VAL C 103 -14.18 -5.70 37.87
C VAL C 103 -15.05 -6.96 37.96
N ASN C 104 -16.27 -6.77 38.53
CA ASN C 104 -17.25 -7.84 38.62
C ASN C 104 -17.99 -7.95 37.28
N PRO C 105 -17.97 -9.17 36.66
CA PRO C 105 -18.63 -9.38 35.35
C PRO C 105 -20.11 -8.98 35.31
N ASN C 106 -20.66 -8.66 36.48
CA ASN C 106 -22.06 -8.23 36.64
C ASN C 106 -22.26 -6.70 36.51
N GLU C 107 -21.28 -5.95 36.99
CA GLU C 107 -21.40 -4.48 37.04
C GLU C 107 -20.85 -3.78 35.79
N VAL C 108 -20.51 -4.58 34.75
CA VAL C 108 -19.95 -4.04 33.49
C VAL C 108 -20.86 -3.05 32.73
N ASP C 109 -22.17 -3.20 32.94
CA ASP C 109 -23.17 -2.27 32.40
C ASP C 109 -23.23 -0.99 33.22
N SER C 110 -22.75 -1.06 34.46
CA SER C 110 -22.71 0.07 35.38
C SER C 110 -21.40 0.88 35.28
N LEU C 111 -20.44 0.38 34.51
CA LEU C 111 -19.16 1.05 34.33
C LEU C 111 -19.32 2.31 33.50
N GLU C 112 -18.68 3.39 33.95
CA GLU C 112 -18.73 4.69 33.30
C GLU C 112 -17.53 4.89 32.39
N PHE C 113 -17.79 5.42 31.17
CA PHE C 113 -16.71 5.63 30.21
C PHE C 113 -16.57 7.07 29.75
N GLN C 114 -15.32 7.53 29.70
CA GLN C 114 -14.96 8.83 29.15
C GLN C 114 -13.53 8.83 28.59
N ILE C 115 -13.38 9.51 27.45
CA ILE C 115 -12.10 9.65 26.75
C ILE C 115 -11.31 10.83 27.27
N ILE C 116 -10.10 10.52 27.76
CA ILE C 116 -9.11 11.55 28.10
C ILE C 116 -7.94 11.51 27.11
N ASN C 117 -7.40 12.68 26.78
CA ASN C 117 -6.33 12.81 25.78
C ASN C 117 -5.02 12.08 26.13
N GLY C 118 -4.36 11.56 25.10
CA GLY C 118 -3.07 10.88 25.25
C GLY C 118 -2.17 11.27 24.07
N GLY C 119 -1.55 10.25 23.46
CA GLY C 119 -0.65 10.47 22.31
C GLY C 119 -1.36 10.98 21.07
N THR C 121 -0.98 9.07 18.92
CA THR C 121 -0.31 7.77 19.01
C THR C 121 -1.21 6.73 19.68
N ASN C 122 -1.70 7.04 20.89
CA ASN C 122 -2.60 6.11 21.61
C ASN C 122 -3.89 6.78 22.09
N ILE C 123 -4.85 5.95 22.51
CA ILE C 123 -6.15 6.43 23.03
C ILE C 123 -6.35 6.02 24.50
N LEU C 124 -6.56 7.02 25.36
CA LEU C 124 -6.84 6.74 26.78
C LEU C 124 -8.33 6.81 27.13
N ILE C 125 -8.82 5.78 27.81
CA ILE C 125 -10.20 5.78 28.31
C ILE C 125 -10.28 5.29 29.76
N LYS C 126 -10.79 6.16 30.64
CA LYS C 126 -10.93 5.83 32.06
C LYS C 126 -12.33 5.31 32.40
N VAL C 127 -12.35 4.38 33.34
CA VAL C 127 -13.60 3.85 33.87
C VAL C 127 -13.70 4.12 35.38
N LYS C 128 -14.92 4.30 35.88
CA LYS C 128 -15.17 4.20 37.31
C LYS C 128 -16.30 3.20 37.60
N ASP C 129 -15.98 2.23 38.46
CA ASP C 129 -16.96 1.33 39.07
C ASP C 129 -17.78 2.17 40.05
N MET C 130 -19.11 1.99 40.01
CA MET C 130 -20.00 2.71 40.93
C MET C 130 -20.14 1.99 42.27
N SER C 131 -19.91 0.66 42.24
CA SER C 131 -19.89 -0.18 43.45
C SER C 131 -18.63 0.06 44.32
N LYS C 132 -17.48 -0.45 43.82
CA LYS C 132 -16.22 -0.42 44.59
C LYS C 132 -15.55 0.97 44.62
N GLN C 133 -16.24 1.96 44.01
CA GLN C 133 -15.72 3.33 43.82
C GLN C 133 -14.24 3.37 43.34
N ALA C 134 -13.78 2.28 42.72
CA ALA C 134 -12.42 2.18 42.19
C ALA C 134 -12.30 2.78 40.77
N LYS C 135 -11.06 3.08 40.36
CA LYS C 135 -10.81 3.72 39.07
C LYS C 135 -9.72 3.01 38.27
N TYR C 136 -10.06 2.58 37.06
CA TYR C 136 -9.09 1.94 36.16
C TYR C 136 -8.89 2.78 34.90
N LEU C 137 -7.86 2.42 34.14
CA LEU C 137 -7.48 3.17 32.94
C LEU C 137 -7.19 2.20 31.80
N ILE C 138 -7.88 2.39 30.68
CA ILE C 138 -7.66 1.57 29.49
C ILE C 138 -6.80 2.37 28.50
N ARG C 139 -5.71 1.74 28.06
CA ARG C 139 -4.84 2.29 27.01
C ARG C 139 -4.88 1.40 25.76
N LEU C 140 -5.33 1.99 24.64
CA LEU C 140 -5.45 1.27 23.39
C LEU C 140 -4.42 1.74 22.39
N TYR C 141 -3.55 0.81 21.99
CA TYR C 141 -2.45 1.12 21.06
C TYR C 141 -2.94 1.36 19.64
N GLY C 142 -2.34 2.35 18.97
CA GLY C 142 -2.86 2.86 17.70
C GLY C 142 -2.40 2.20 16.41
N PRO C 143 -2.21 3.03 15.36
CA PRO C 143 -1.88 2.61 14.00
C PRO C 143 -0.70 1.61 13.87
N LYS C 144 0.49 2.00 14.37
CA LYS C 144 1.64 1.09 14.24
C LYS C 144 2.59 1.05 15.45
N THR C 145 3.21 -0.12 15.63
CA THR C 145 4.33 -0.29 16.53
C THR C 145 5.65 -0.12 15.76
N ASP C 146 6.51 0.76 16.30
CA ASP C 146 7.82 1.03 15.73
C ASP C 146 8.70 -0.24 15.70
N ASN C 150 8.28 -0.98 20.32
CA ASN C 150 8.53 -2.33 20.86
C ASN C 150 7.77 -2.51 22.19
N ARG C 151 7.14 -3.69 22.35
CA ARG C 151 6.16 -3.90 23.43
C ARG C 151 6.64 -4.85 24.53
N GLU C 152 7.31 -5.94 24.12
CA GLU C 152 7.91 -6.88 25.07
C GLU C 152 9.25 -6.37 25.62
N ARG C 153 9.68 -5.22 25.12
CA ARG C 153 10.75 -4.42 25.73
C ARG C 153 10.10 -3.47 26.73
N GLU C 154 9.04 -2.80 26.31
CA GLU C 154 8.29 -1.86 27.14
C GLU C 154 7.69 -2.51 28.40
N LYS C 155 7.13 -3.72 28.24
CA LYS C 155 6.54 -4.51 29.32
C LYS C 155 7.53 -4.74 30.48
N LYS C 156 8.74 -5.20 30.13
CA LYS C 156 9.82 -5.36 31.09
C LYS C 156 10.18 -4.05 31.84
N ILE C 157 10.55 -3.01 31.09
CA ILE C 157 10.86 -1.68 31.65
C ILE C 157 9.75 -1.14 32.56
N SER C 158 8.50 -1.46 32.20
CA SER C 158 7.34 -0.98 32.96
C SER C 158 7.25 -1.61 34.35
N CYS C 159 7.62 -2.88 34.46
CA CYS C 159 7.48 -3.59 35.73
C CYS C 159 8.67 -3.36 36.65
N ILE C 160 9.84 -3.12 36.07
CA ILE C 160 11.04 -2.69 36.82
C ILE C 160 10.81 -1.35 37.50
N LEU C 161 10.23 -0.42 36.75
CA LEU C 161 9.95 0.92 37.25
C LEU C 161 8.81 0.96 38.25
N TYR C 162 8.05 -0.14 38.32
CA TYR C 162 6.95 -0.28 39.27
C TYR C 162 7.49 -0.73 40.63
N ASN C 163 8.51 -1.58 40.61
CA ASN C 163 9.31 -2.00 41.78
C ASN C 163 10.09 -0.85 42.38
N LYS C 164 10.65 -0.01 41.51
CA LYS C 164 11.39 1.19 41.91
C LYS C 164 10.47 2.36 42.23
N ASN C 165 9.17 2.07 42.20
CA ASN C 165 8.12 2.99 42.65
C ASN C 165 8.18 4.42 42.04
N ILE C 166 8.34 4.48 40.71
CA ILE C 166 8.29 5.75 39.94
C ILE C 166 7.39 5.65 38.70
N ALA C 167 6.90 4.44 38.46
CA ALA C 167 5.81 4.20 37.52
C ALA C 167 4.55 3.70 38.27
N LYS C 168 3.39 3.94 37.65
CA LYS C 168 2.12 3.36 38.04
C LYS C 168 2.11 1.85 37.72
N LYS C 169 1.01 1.18 38.11
CA LYS C 169 0.86 -0.25 37.87
C LYS C 169 0.00 -0.53 36.64
N ILE C 170 0.46 -1.48 35.83
CA ILE C 170 -0.32 -2.00 34.74
C ILE C 170 -0.82 -3.37 35.21
N TYR C 171 -2.13 -3.56 35.15
CA TYR C 171 -2.76 -4.80 35.62
C TYR C 171 -2.69 -5.89 34.56
N VAL C 172 -3.12 -5.56 33.34
CA VAL C 172 -3.20 -6.55 32.25
C VAL C 172 -2.50 -6.04 31.00
N PHE C 173 -1.80 -6.95 30.33
CA PHE C 173 -1.20 -6.64 29.04
C PHE C 173 -1.93 -7.47 27.99
N PHE C 174 -2.43 -6.82 26.96
CA PHE C 174 -2.96 -7.58 25.83
C PHE C 174 -2.48 -7.02 24.51
N THR C 175 -2.58 -7.83 23.45
CA THR C 175 -1.89 -7.56 22.20
C THR C 175 -2.03 -6.11 21.71
N ASN C 176 -3.19 -5.50 21.90
CA ASN C 176 -3.45 -4.16 21.36
C ASN C 176 -3.78 -3.10 22.41
N GLY C 177 -3.59 -3.44 23.68
CA GLY C 177 -3.84 -2.48 24.73
C GLY C 177 -3.46 -2.98 26.09
N ARG C 178 -3.82 -2.18 27.10
CA ARG C 178 -3.56 -2.51 28.50
C ARG C 178 -4.58 -1.86 29.42
N ILE C 179 -4.83 -2.49 30.57
CA ILE C 179 -5.56 -1.86 31.68
C ILE C 179 -4.53 -1.55 32.74
N GLU C 180 -4.58 -0.31 33.25
CA GLU C 180 -3.57 0.20 34.17
C GLU C 180 -4.15 1.14 35.25
N GLU C 181 -3.30 1.51 36.22
CA GLU C 181 -3.67 2.42 37.30
C GLU C 181 -4.08 3.79 36.78
N PHE C 182 -5.21 4.29 37.28
CA PHE C 182 -5.60 5.67 36.98
C PHE C 182 -4.77 6.65 37.83
N MET C 183 -4.30 7.75 37.24
CA MET C 183 -3.51 8.74 37.98
C MET C 183 -4.31 10.03 38.18
N ASP C 184 -4.29 10.55 39.41
CA ASP C 184 -5.23 11.59 39.80
C ASP C 184 -4.80 13.04 39.51
N GLY C 185 -3.54 13.25 39.12
CA GLY C 185 -3.05 14.61 38.89
C GLY C 185 -3.25 15.16 37.49
N TYR C 186 -2.85 16.42 37.28
CA TYR C 186 -2.93 17.04 35.97
C TYR C 186 -1.55 17.11 35.26
N ALA C 187 -1.57 16.89 33.93
CA ALA C 187 -0.36 17.01 33.09
C ALA C 187 0.08 18.45 32.93
N LEU C 188 1.39 18.66 32.98
CA LEU C 188 1.94 20.00 32.87
C LEU C 188 1.86 20.56 31.46
N SER C 189 1.99 21.88 31.37
CA SER C 189 2.03 22.61 30.10
C SER C 189 3.46 22.92 29.73
N ARG C 190 3.70 23.51 28.57
CA ARG C 190 5.06 23.82 28.16
C ARG C 190 5.68 24.95 28.97
N GLU C 191 4.83 25.82 29.51
CA GLU C 191 5.27 26.92 30.39
C GLU C 191 5.48 26.46 31.83
N ASP C 192 4.85 25.34 32.19
CA ASP C 192 5.10 24.67 33.47
C ASP C 192 6.53 24.14 33.58
N ILE C 193 6.91 23.29 32.64
CA ILE C 193 8.22 22.64 32.65
C ILE C 193 9.40 23.61 32.64
N LYS C 194 9.16 24.83 32.16
CA LYS C 194 10.16 25.88 32.04
C LYS C 194 10.27 26.68 33.34
N ASN C 195 9.17 26.70 34.09
CA ASN C 195 9.09 27.38 35.39
C ASN C 195 10.02 26.66 36.40
N PRO C 196 10.94 27.44 37.03
CA PRO C 196 12.05 26.94 37.87
C PRO C 196 11.58 26.02 39.01
N LYS C 197 10.40 26.32 39.55
CA LYS C 197 9.74 25.46 40.55
C LYS C 197 9.54 24.05 40.05
N PHE C 198 9.07 23.90 38.80
CA PHE C 198 8.87 22.58 38.20
C PHE C 198 10.15 21.92 37.71
N GLN C 199 11.10 22.73 37.21
CA GLN C 199 12.45 22.22 36.80
C GLN C 199 13.08 21.41 37.92
N LYS C 200 13.08 22.02 39.12
CA LYS C 200 13.55 21.41 40.36
C LYS C 200 12.95 20.04 40.58
N LEU C 201 11.62 19.94 40.53
CA LEU C 201 10.92 18.68 40.77
C LEU C 201 11.14 17.66 39.66
N ILE C 202 11.13 18.12 38.39
CA ILE C 202 11.34 17.24 37.24
C ILE C 202 12.75 16.67 37.26
N ALA C 203 13.72 17.57 37.47
CA ALA C 203 15.12 17.19 37.57
C ALA C 203 15.38 16.13 38.64
N LYS C 204 14.76 16.30 39.82
CA LYS C 204 14.95 15.33 40.94
C LYS C 204 14.33 13.99 40.64
N ASN C 205 13.15 13.99 40.00
CA ASN C 205 12.51 12.75 39.61
C ASN C 205 13.24 12.04 38.46
N LEU C 206 13.82 12.86 37.58
CA LEU C 206 14.63 12.35 36.49
C LEU C 206 15.92 11.74 36.97
N LYS C 207 16.53 12.32 38.01
CA LYS C 207 17.73 11.70 38.59
C LYS C 207 17.40 10.33 39.18
N LEU C 208 16.26 10.21 39.86
CA LEU C 208 15.84 8.92 40.39
C LEU C 208 15.75 7.87 39.31
N LEU C 209 15.13 8.26 38.20
CA LEU C 209 15.02 7.42 36.98
C LEU C 209 16.38 6.94 36.47
N HIS C 210 17.29 7.91 36.25
CA HIS C 210 18.64 7.57 35.79
C HIS C 210 19.51 6.84 36.80
N ASP C 211 19.09 6.88 38.07
CA ASP C 211 19.76 6.17 39.16
C ASP C 211 19.51 4.66 39.19
N ILE C 212 18.43 4.19 38.56
CA ILE C 212 18.16 2.75 38.45
C ILE C 212 19.35 1.96 37.91
N LYS C 213 19.88 1.11 38.77
CA LYS C 213 20.98 0.23 38.46
C LYS C 213 20.55 -0.71 37.34
N LEU C 214 21.33 -0.76 36.26
CA LEU C 214 21.06 -1.73 35.20
C LEU C 214 22.10 -2.85 35.24
N ASN C 215 21.65 -4.03 35.67
CA ASN C 215 22.53 -5.21 35.82
C ASN C 215 22.79 -5.93 34.49
N GLU C 216 23.81 -6.81 34.51
CA GLU C 216 24.30 -7.52 33.34
C GLU C 216 23.24 -8.42 32.69
N ASN C 217 22.52 -9.17 33.52
CA ASN C 217 21.50 -10.12 33.02
C ASN C 217 20.36 -9.40 32.31
N LEU C 218 19.82 -8.36 32.97
CA LEU C 218 18.69 -7.60 32.41
C LEU C 218 19.06 -6.74 31.22
N TYR C 219 20.31 -6.29 31.16
CA TYR C 219 20.77 -5.52 30.02
C TYR C 219 20.76 -6.39 28.77
N LYS C 220 21.39 -7.56 28.87
CA LYS C 220 21.47 -8.54 27.75
C LYS C 220 20.10 -9.10 27.33
N GLU C 221 19.17 -9.20 28.28
CA GLU C 221 17.80 -9.63 27.98
C GLU C 221 17.08 -8.60 27.09
N LEU C 222 17.41 -7.32 27.28
CA LEU C 222 16.88 -6.24 26.43
C LEU C 222 17.56 -6.20 25.05
N GLN C 223 18.92 -6.29 25.08
CA GLN C 223 19.76 -6.39 23.87
C GLN C 223 19.27 -7.49 22.93
N VAL C 224 18.69 -8.55 23.51
CA VAL C 224 18.14 -9.67 22.73
C VAL C 224 16.80 -9.27 22.07
N THR C 225 15.84 -8.87 22.93
CA THR C 225 14.48 -8.58 22.48
C THR C 225 14.40 -7.49 21.38
N GLN C 226 15.29 -6.50 21.44
CA GLN C 226 15.30 -5.40 20.45
C GLN C 226 16.50 -5.41 19.50
N LYS C 227 17.37 -6.43 19.64
CA LYS C 227 18.50 -6.60 18.68
C LYS C 227 19.39 -5.35 18.47
N VAL C 228 20.00 -4.89 19.58
CA VAL C 228 21.01 -3.82 19.55
C VAL C 228 22.43 -4.47 19.62
N PRO C 229 23.12 -4.57 18.45
CA PRO C 229 24.50 -5.13 18.46
C PRO C 229 25.45 -4.25 19.27
N GLY C 230 26.33 -4.89 20.06
CA GLY C 230 27.26 -4.19 20.95
C GLY C 230 27.42 -4.89 22.29
N THR C 231 28.07 -4.20 23.24
CA THR C 231 28.24 -4.70 24.61
C THR C 231 28.09 -3.56 25.61
N ARG C 232 27.03 -3.63 26.44
CA ARG C 232 26.63 -2.52 27.36
C ARG C 232 26.37 -1.19 26.60
N PRO C 233 25.58 -1.27 25.50
CA PRO C 233 25.46 -0.12 24.60
C PRO C 233 24.18 0.73 24.79
N SER C 234 24.18 1.90 24.14
CA SER C 234 23.02 2.79 24.07
C SER C 234 22.00 2.29 23.06
N PHE C 235 20.73 2.54 23.36
CA PHE C 235 19.64 2.19 22.45
C PHE C 235 19.34 3.30 21.40
N LEU C 236 20.03 4.42 21.55
CA LEU C 236 19.78 5.65 20.80
C LEU C 236 20.10 5.58 19.32
N TRP C 237 21.29 5.10 18.99
CA TRP C 237 21.78 5.17 17.64
C TRP C 237 21.16 4.09 16.77
N ASN C 238 20.91 2.94 17.38
CA ASN C 238 20.16 1.86 16.76
C ASN C 238 18.76 2.33 16.35
N THR C 239 18.15 3.21 17.13
CA THR C 239 16.78 3.62 16.89
C THR C 239 16.71 4.68 15.80
N ILE C 240 17.60 5.68 15.89
CA ILE C 240 17.76 6.69 14.86
C ILE C 240 18.14 6.05 13.53
N TRP C 241 19.09 5.10 13.55
CA TRP C 241 19.48 4.41 12.32
C TRP C 241 18.38 3.54 11.77
N LYS C 242 17.52 3.01 12.63
CA LYS C 242 16.40 2.18 12.14
C LYS C 242 15.35 3.08 11.46
N TYR C 243 15.04 4.21 12.10
CA TYR C 243 14.15 5.21 11.54
C TYR C 243 14.65 5.68 10.17
N PHE C 244 15.96 5.86 10.05
CA PHE C 244 16.59 6.35 8.85
C PHE C 244 16.42 5.34 7.72
N HIS C 245 16.76 4.09 8.01
CA HIS C 245 16.71 3.00 7.06
C HIS C 245 15.30 2.71 6.53
N LEU C 246 14.30 2.72 7.42
CA LEU C 246 12.91 2.47 7.05
C LEU C 246 12.38 3.54 6.11
N LEU C 247 12.91 4.74 6.27
CA LEU C 247 12.47 5.91 5.54
C LEU C 247 13.28 6.08 4.24
N ASN C 248 14.51 5.60 4.23
CA ASN C 248 15.36 5.66 3.04
C ASN C 248 14.89 4.63 2.03
N GLU C 249 14.42 3.49 2.56
CA GLU C 249 13.88 2.39 1.79
C GLU C 249 12.58 2.78 1.09
N GLU C 250 11.70 3.46 1.84
CA GLU C 250 10.51 4.06 1.26
C GLU C 250 10.83 5.10 0.19
N ARG C 251 11.91 5.86 0.40
CA ARG C 251 12.34 6.88 -0.53
C ARG C 251 12.78 6.25 -1.85
N LYS C 252 13.40 5.09 -1.79
CA LYS C 252 13.96 4.46 -2.99
C LYS C 252 12.88 4.03 -3.99
N LYS C 253 11.65 3.87 -3.51
CA LYS C 253 10.53 3.41 -4.33
C LYS C 253 9.98 4.51 -5.22
N ILE C 254 9.60 4.12 -6.44
CA ILE C 254 8.95 5.01 -7.39
C ILE C 254 7.45 4.99 -7.08
N CYS C 255 6.86 6.18 -6.97
CA CYS C 255 5.53 6.33 -6.40
C CYS C 255 4.77 7.34 -7.23
N SER C 256 3.45 7.42 -7.00
CA SER C 256 2.61 8.32 -7.78
C SER C 256 2.87 9.81 -7.49
N PHE C 257 2.40 10.66 -8.37
CA PHE C 257 2.55 12.11 -8.23
C PHE C 257 2.00 12.67 -6.89
N ASP C 258 0.98 12.00 -6.34
CA ASP C 258 0.34 12.44 -5.11
C ASP C 258 0.54 11.49 -3.92
N ALA C 259 1.63 10.74 -3.95
CA ALA C 259 1.94 9.78 -2.90
C ALA C 259 2.43 10.51 -1.63
N LYS C 260 2.26 9.83 -0.50
CA LYS C 260 2.71 10.37 0.79
C LYS C 260 4.24 10.49 0.88
N ALA C 261 4.93 9.53 0.28
CA ALA C 261 6.38 9.47 0.32
C ALA C 261 7.12 10.51 -0.56
N ASN C 262 6.40 11.44 -1.17
CA ASN C 262 7.00 12.48 -1.98
C ASN C 262 7.78 13.52 -1.19
N ILE C 263 7.29 13.82 0.03
CA ILE C 263 8.05 14.67 0.99
C ILE C 263 9.42 14.09 1.30
N LEU C 264 9.59 12.78 1.26
CA LEU C 264 10.88 12.18 1.54
C LEU C 264 11.90 12.46 0.46
N LYS C 265 11.42 12.52 -0.80
CA LYS C 265 12.28 12.80 -1.97
C LYS C 265 12.88 14.20 -1.94
N LEU C 266 12.13 15.13 -1.37
CA LEU C 266 12.62 16.49 -1.14
C LEU C 266 13.83 16.57 -0.17
N ILE C 267 14.00 15.53 0.66
CA ILE C 267 15.12 15.45 1.59
C ILE C 267 16.25 14.67 0.98
N ASP C 268 17.42 15.30 0.93
CA ASP C 268 18.68 14.61 0.53
C ASP C 268 19.19 13.68 1.66
N PHE C 269 18.92 12.39 1.47
CA PHE C 269 19.25 11.32 2.44
C PHE C 269 20.73 10.94 2.52
N ASP C 270 21.53 11.40 1.56
CA ASP C 270 22.97 11.22 1.58
C ASP C 270 23.60 12.22 2.55
N VAL C 271 23.11 13.46 2.54
CA VAL C 271 23.53 14.49 3.45
C VAL C 271 23.00 14.21 4.87
N LEU C 272 21.74 13.81 4.96
CA LEU C 272 21.11 13.36 6.18
C LEU C 272 21.91 12.25 6.85
N ARG C 273 22.32 11.26 6.04
CA ARG C 273 23.26 10.24 6.52
C ARG C 273 24.52 10.86 7.13
N ASP C 274 25.15 11.78 6.42
CA ASP C 274 26.38 12.41 6.92
C ASP C 274 26.14 13.22 8.17
N SER C 275 24.97 13.85 8.25
CA SER C 275 24.56 14.65 9.38
C SER C 275 24.37 13.78 10.66
N ILE C 276 23.84 12.57 10.52
CA ILE C 276 23.64 11.68 11.63
C ILE C 276 24.97 11.05 12.05
N VAL C 277 25.79 10.64 11.07
CA VAL C 277 27.14 10.18 11.33
C VAL C 277 27.96 11.22 12.13
N GLU C 278 27.81 12.49 11.76
CA GLU C 278 28.53 13.53 12.42
C GLU C 278 27.95 13.89 13.79
N VAL C 279 26.63 13.84 13.94
CA VAL C 279 26.02 14.16 15.22
C VAL C 279 26.32 13.05 16.22
N GLU C 280 26.37 11.81 15.73
CA GLU C 280 26.73 10.65 16.56
C GLU C 280 28.16 10.74 17.10
N SER C 281 29.07 11.23 16.25
CA SER C 281 30.47 11.35 16.61
C SER C 281 30.66 12.51 17.62
N LEU C 282 29.97 13.62 17.43
CA LEU C 282 30.02 14.74 18.35
C LEU C 282 29.38 14.43 19.71
N CYS C 283 28.36 13.58 19.70
CA CYS C 283 27.71 13.09 20.90
C CYS C 283 28.59 12.07 21.68
N LYS C 284 29.17 11.10 20.99
CA LYS C 284 30.05 10.11 21.63
C LYS C 284 31.36 10.70 22.15
N ARG C 285 31.70 11.90 21.69
CA ARG C 285 32.88 12.60 22.13
C ARG C 285 32.67 13.13 23.56
N GLU C 286 31.41 13.19 23.99
CA GLU C 286 31.03 13.78 25.29
C GLU C 286 31.04 12.76 26.43
N ASN C 287 31.06 11.48 26.05
CA ASN C 287 31.10 10.30 26.95
C ASN C 287 30.01 10.31 28.03
N SER C 288 28.76 10.41 27.60
CA SER C 288 27.63 10.52 28.51
C SER C 288 27.27 9.13 28.96
N PRO C 289 27.27 8.90 30.30
CA PRO C 289 26.88 7.65 30.93
C PRO C 289 25.54 7.17 30.43
N ILE C 290 25.49 5.90 30.02
CA ILE C 290 24.25 5.28 29.58
C ILE C 290 23.43 4.87 30.81
N VAL C 291 22.24 5.45 30.89
CA VAL C 291 21.29 5.23 31.97
C VAL C 291 19.91 4.91 31.39
N LEU C 292 19.02 4.39 32.23
CA LEU C 292 17.65 4.16 31.84
C LEU C 292 16.92 5.48 31.69
N CYS C 293 16.67 5.85 30.43
CA CYS C 293 15.99 7.10 30.12
C CYS C 293 14.49 6.94 29.88
N HIS C 294 13.74 8.02 30.08
CA HIS C 294 12.33 8.10 29.70
C HIS C 294 12.16 8.23 28.17
N CYS C 295 12.97 9.10 27.54
CA CYS C 295 13.08 9.26 26.08
C CYS C 295 11.98 10.09 25.46
N ASP C 296 10.97 10.45 26.25
CA ASP C 296 9.88 11.25 25.72
C ASP C 296 9.32 12.20 26.76
N LEU C 297 10.21 12.99 27.35
CA LEU C 297 9.85 13.86 28.46
C LEU C 297 9.18 15.13 28.07
N LEU C 298 8.04 15.01 27.39
CA LEU C 298 7.22 16.20 27.12
C LEU C 298 6.30 16.58 28.27
N SER C 299 5.84 17.84 28.27
CA SER C 299 4.88 18.38 29.23
C SER C 299 3.76 17.45 29.65
N SER C 300 3.10 16.84 28.69
CA SER C 300 1.92 16.05 28.97
C SER C 300 2.31 14.62 29.44
N ASN C 301 3.61 14.34 29.52
CA ASN C 301 4.08 13.09 30.11
C ASN C 301 4.57 13.27 31.56
N ILE C 302 4.46 14.50 32.04
CA ILE C 302 4.85 14.88 33.39
C ILE C 302 3.61 15.30 34.20
N ILE C 303 3.26 14.49 35.19
CA ILE C 303 2.05 14.73 35.99
C ILE C 303 2.26 15.36 37.40
N ASN C 304 1.55 16.44 37.67
CA ASN C 304 1.51 16.99 39.02
C ASN C 304 0.31 16.49 39.86
N THR C 305 0.57 15.67 40.89
CA THR C 305 -0.47 15.29 41.87
C THR C 305 -0.45 16.27 43.05
N VAL C 306 -1.28 17.31 42.98
CA VAL C 306 -1.16 18.47 43.90
C VAL C 306 -2.04 18.32 45.19
N GLY C 344 1.65 19.54 48.88
CA GLY C 344 2.55 20.50 48.19
C GLY C 344 2.47 20.29 46.68
N ASP C 345 3.62 19.96 46.08
CA ASP C 345 3.71 19.70 44.62
C ASP C 345 4.48 18.40 44.46
N SER C 346 3.82 17.40 43.87
CA SER C 346 4.46 16.13 43.61
C SER C 346 4.40 15.73 42.11
N ILE C 347 5.56 15.34 41.58
CA ILE C 347 5.74 15.16 40.16
C ILE C 347 6.14 13.75 39.78
N SER C 348 5.41 13.23 38.79
CA SER C 348 5.61 11.89 38.32
C SER C 348 5.60 11.86 36.80
N PHE C 349 6.32 10.87 36.27
CA PHE C 349 6.38 10.64 34.82
C PHE C 349 5.48 9.47 34.39
N ILE C 350 4.79 9.64 33.28
CA ILE C 350 3.97 8.56 32.71
C ILE C 350 4.45 8.29 31.30
N ASP C 351 3.89 7.23 30.67
CA ASP C 351 4.12 6.91 29.25
C ASP C 351 5.56 6.51 28.97
N PHE C 352 5.93 5.30 29.38
CA PHE C 352 7.31 4.83 29.23
C PHE C 352 7.43 3.97 27.99
N GLU C 353 6.72 4.40 26.95
CA GLU C 353 6.63 3.67 25.68
C GLU C 353 7.98 3.64 24.95
N TYR C 354 8.75 4.72 25.06
CA TYR C 354 10.07 4.83 24.41
C TYR C 354 11.24 4.56 25.33
N SER C 355 10.94 4.37 26.61
CA SER C 355 11.93 4.21 27.68
C SER C 355 12.92 3.08 27.47
N CYS C 356 14.21 3.42 27.57
CA CYS C 356 15.28 2.43 27.36
C CYS C 356 16.66 3.06 27.61
N PRO C 357 17.70 2.23 27.80
CA PRO C 357 19.04 2.74 28.06
C PRO C 357 19.59 3.63 26.94
N MET C 358 19.80 4.91 27.25
CA MET C 358 20.48 5.84 26.35
C MET C 358 21.43 6.72 27.14
N GLU C 359 22.26 7.49 26.45
CA GLU C 359 23.08 8.49 27.08
C GLU C 359 22.18 9.39 27.90
N ARG C 360 22.60 9.74 29.11
CA ARG C 360 21.75 10.51 30.03
C ARG C 360 21.53 11.89 29.51
N ALA C 361 22.48 12.35 28.68
CA ALA C 361 22.48 13.70 28.11
C ALA C 361 21.37 13.86 27.08
N TYR C 362 21.00 12.74 26.45
CA TYR C 362 19.89 12.74 25.50
C TYR C 362 18.56 13.09 26.16
N ASP C 363 18.30 12.47 27.32
CA ASP C 363 17.06 12.63 28.06
C ASP C 363 16.91 14.05 28.55
N ILE C 364 18.02 14.69 28.91
CA ILE C 364 18.00 16.08 29.30
C ILE C 364 17.81 17.06 28.12
N ALA C 365 18.65 16.93 27.09
CA ALA C 365 18.56 17.73 25.84
C ALA C 365 17.22 17.57 25.13
N ASN C 366 16.71 16.34 25.11
CA ASN C 366 15.36 16.09 24.60
C ASN C 366 14.22 16.80 25.34
N HIS C 367 14.24 16.73 26.69
CA HIS C 367 13.29 17.44 27.53
C HIS C 367 13.43 18.95 27.37
N PHE C 368 14.66 19.41 27.23
CA PHE C 368 14.87 20.84 26.99
C PHE C 368 14.31 21.37 25.67
N ASN C 369 14.37 20.55 24.61
CA ASN C 369 13.76 20.89 23.32
C ASN C 369 12.26 21.05 23.48
N GLU C 370 11.72 20.29 24.41
CA GLU C 370 10.29 20.21 24.61
C GLU C 370 9.75 21.40 25.42
N TYR C 371 10.65 22.32 25.79
CA TYR C 371 10.23 23.62 26.32
C TYR C 371 9.45 24.43 25.29
N ALA C 372 9.68 24.13 24.01
CA ALA C 372 9.02 24.77 22.85
C ALA C 372 7.60 24.26 22.56
N GLY C 373 7.33 23.01 22.89
CA GLY C 373 6.01 22.46 22.69
C GLY C 373 5.90 21.81 21.34
N PHE C 374 4.70 21.39 20.95
CA PHE C 374 4.50 20.84 19.61
C PHE C 374 4.52 21.93 18.55
N ASN C 375 4.37 23.16 19.02
CA ASN C 375 4.45 24.34 18.18
C ASN C 375 5.87 24.71 17.74
N CYS C 376 6.85 24.10 18.39
CA CYS C 376 8.28 24.31 18.07
C CYS C 376 8.75 25.77 18.13
N ASP C 377 8.36 26.48 19.18
CA ASP C 377 8.81 27.85 19.37
C ASP C 377 10.18 27.77 20.05
N TRP C 378 11.25 27.81 19.26
CA TRP C 378 12.60 27.54 19.77
C TRP C 378 13.18 28.63 20.66
N ASP C 379 12.53 29.79 20.71
CA ASP C 379 12.89 30.83 21.69
C ASP C 379 12.69 30.36 23.16
N LEU C 380 11.83 29.35 23.37
CA LEU C 380 11.47 28.84 24.70
C LEU C 380 12.45 27.81 25.24
N THR C 381 13.30 27.26 24.36
CA THR C 381 14.34 26.34 24.81
C THR C 381 15.29 27.08 25.80
N PRO C 382 15.75 26.38 26.86
CA PRO C 382 16.45 27.12 27.93
C PRO C 382 17.76 27.82 27.53
N SER C 383 17.99 28.97 28.15
CA SER C 383 19.30 29.62 28.13
C SER C 383 20.30 28.85 28.97
N LYS C 384 21.55 29.33 28.97
CA LYS C 384 22.57 28.74 29.85
C LYS C 384 22.19 28.67 31.35
N GLU C 385 21.68 29.78 31.90
CA GLU C 385 21.36 29.86 33.31
C GLU C 385 20.17 28.97 33.66
N GLU C 386 19.26 28.75 32.71
CA GLU C 386 18.10 27.87 32.91
C GLU C 386 18.48 26.39 32.74
N GLU C 387 19.54 26.12 31.98
CA GLU C 387 20.09 24.77 31.91
C GLU C 387 20.76 24.46 33.24
N TYR C 388 21.49 25.47 33.74
CA TYR C 388 22.21 25.45 35.00
C TYR C 388 21.29 25.10 36.20
N HIS C 389 20.22 25.87 36.36
CA HIS C 389 19.25 25.64 37.41
C HIS C 389 18.69 24.22 37.41
N PHE C 390 18.37 23.69 36.23
CA PHE C 390 17.83 22.32 36.13
C PHE C 390 18.90 21.28 36.47
N ILE C 391 20.14 21.55 36.06
CA ILE C 391 21.22 20.55 36.18
C ILE C 391 21.78 20.46 37.64
N MET C 392 21.77 21.60 38.34
CA MET C 392 22.14 21.62 39.75
C MET C 392 21.15 20.83 40.61
N HIS C 393 19.86 20.90 40.32
CA HIS C 393 18.87 20.10 41.04
C HIS C 393 18.88 18.63 40.60
N TYR C 394 19.25 18.40 39.34
CA TYR C 394 19.43 17.05 38.79
C TYR C 394 20.57 16.33 39.48
N LEU C 395 21.77 16.89 39.39
CA LEU C 395 22.97 16.29 39.99
C LEU C 395 22.92 16.19 41.54
N GLY C 396 22.18 17.10 42.17
CA GLY C 396 22.02 17.12 43.62
C GLY C 396 23.26 17.68 44.28
N THR C 397 23.83 18.72 43.67
CA THR C 397 25.09 19.31 44.10
C THR C 397 25.15 20.76 43.61
N ASP C 398 26.14 21.48 44.10
CA ASP C 398 26.26 22.92 43.90
C ASP C 398 27.48 23.19 43.02
N ASP C 399 28.25 22.14 42.76
CA ASP C 399 29.59 22.25 42.18
C ASP C 399 29.50 22.77 40.73
N GLU C 400 30.06 23.96 40.54
CA GLU C 400 30.07 24.64 39.27
C GLU C 400 30.84 23.83 38.23
N GLU C 401 31.89 23.12 38.63
CA GLU C 401 32.62 22.25 37.72
C GLU C 401 31.77 21.11 37.20
N LEU C 402 31.03 20.49 38.10
CA LEU C 402 30.31 19.30 37.77
C LEU C 402 29.05 19.65 36.97
N ILE C 403 28.45 20.78 37.29
CA ILE C 403 27.30 21.30 36.56
C ILE C 403 27.70 21.73 35.13
N ASN C 404 28.77 22.51 35.00
CA ASN C 404 29.30 22.91 33.71
C ASN C 404 29.81 21.75 32.86
N GLN C 405 30.19 20.65 33.48
CA GLN C 405 30.58 19.44 32.76
C GLN C 405 29.40 18.72 32.12
N LEU C 406 28.22 18.89 32.71
CA LEU C 406 27.00 18.28 32.18
C LEU C 406 26.30 19.24 31.21
N ILE C 407 26.49 20.55 31.39
CA ILE C 407 26.03 21.53 30.42
C ILE C 407 26.74 21.35 29.06
N ARG C 408 28.05 21.12 29.08
CA ARG C 408 28.83 20.79 27.91
C ARG C 408 28.40 19.48 27.31
N GLU C 409 28.10 18.52 28.17
CA GLU C 409 27.77 17.16 27.74
C GLU C 409 26.50 17.09 26.90
N ILE C 410 25.52 17.92 27.21
CA ILE C 410 24.22 17.81 26.55
C ILE C 410 24.11 18.59 25.23
N GLN C 411 25.10 19.45 24.96
CA GLN C 411 25.07 20.38 23.84
C GLN C 411 24.77 19.78 22.44
N PRO C 412 25.51 18.74 22.02
CA PRO C 412 25.22 18.15 20.70
C PRO C 412 23.95 17.26 20.70
N PHE C 413 23.36 17.02 21.86
CA PHE C 413 22.23 16.10 21.97
C PHE C 413 20.92 16.81 21.63
N TYR C 414 20.99 18.14 21.56
CA TYR C 414 19.85 18.92 21.06
C TYR C 414 19.47 18.54 19.61
N ILE C 415 20.47 18.61 18.72
CA ILE C 415 20.35 18.25 17.32
C ILE C 415 20.00 16.75 17.14
N CYS C 416 20.53 15.93 18.02
CA CYS C 416 20.26 14.51 18.01
C CYS C 416 18.76 14.24 18.31
N SER C 417 18.19 15.04 19.19
CA SER C 417 16.78 14.97 19.57
C SER C 417 15.91 15.42 18.39
N HIS C 418 16.35 16.46 17.70
CA HIS C 418 15.64 16.97 16.52
C HIS C 418 15.55 15.96 15.37
N ILE C 419 16.67 15.30 15.07
CA ILE C 419 16.74 14.28 14.04
C ILE C 419 15.85 13.09 14.38
N ASN C 420 16.07 12.49 15.55
CA ASN C 420 15.26 11.37 16.03
C ASN C 420 13.76 11.58 15.86
N TRP C 421 13.26 12.71 16.34
CA TRP C 421 11.83 13.01 16.30
C TRP C 421 11.34 13.56 14.95
N GLY C 422 12.26 14.19 14.19
CA GLY C 422 12.04 14.46 12.79
C GLY C 422 11.78 13.19 11.96
N LEU C 423 12.65 12.19 12.09
CA LEU C 423 12.49 10.92 11.40
C LEU C 423 11.31 10.12 11.90
N TRP C 424 11.06 10.18 13.20
CA TRP C 424 9.96 9.44 13.83
C TRP C 424 8.65 9.96 13.28
N SER C 425 8.48 11.27 13.29
CA SER C 425 7.26 11.91 12.80
C SER C 425 6.95 11.68 11.27
N LEU C 426 7.97 11.74 10.43
CA LEU C 426 7.85 11.37 9.01
C LEU C 426 7.50 9.91 8.79
N LEU C 427 8.06 9.01 9.61
CA LEU C 427 7.65 7.59 9.57
C LEU C 427 6.16 7.39 9.88
N GLN C 428 5.70 8.12 10.89
CA GLN C 428 4.29 8.18 11.22
C GLN C 428 3.48 8.72 10.04
N GLY C 429 3.98 9.77 9.41
CA GLY C 429 3.32 10.45 8.30
C GLY C 429 3.15 9.59 7.05
N MET C 430 3.95 8.53 6.93
CA MET C 430 3.85 7.57 5.82
C MET C 430 2.65 6.65 5.94
N HIS C 431 2.53 6.01 7.09
CA HIS C 431 1.43 5.07 7.38
C HIS C 431 0.45 5.74 8.34
N SER C 432 -0.25 6.74 7.81
CA SER C 432 -1.19 7.52 8.64
C SER C 432 -2.66 7.26 8.33
N SER C 433 -3.51 7.53 9.33
CA SER C 433 -4.96 7.38 9.18
C SER C 433 -5.73 8.42 10.02
N ASP C 435 -5.45 11.86 13.94
CA ASP C 435 -4.97 12.97 13.12
C ASP C 435 -4.01 13.91 13.85
N PHE C 436 -2.73 13.79 13.49
CA PHE C 436 -1.69 14.75 13.84
C PHE C 436 -0.91 15.07 12.54
N ASP C 437 -0.47 16.33 12.39
CA ASP C 437 0.30 16.74 11.20
C ASP C 437 1.75 16.25 11.27
N PHE C 438 1.91 14.93 11.12
CA PHE C 438 3.20 14.29 11.17
C PHE C 438 4.26 14.76 10.19
N ILE C 439 3.85 15.19 8.99
CA ILE C 439 4.81 15.61 7.97
C ILE C 439 5.36 17.01 8.23
N ASN C 440 4.47 17.93 8.58
CA ASN C 440 4.91 19.27 8.94
C ASN C 440 5.66 19.34 10.28
N TYR C 441 5.33 18.47 11.24
CA TYR C 441 6.05 18.41 12.51
C TYR C 441 7.43 17.83 12.27
N GLY C 442 7.52 16.76 11.48
CA GLY C 442 8.79 16.15 11.14
C GLY C 442 9.75 17.08 10.38
N MET C 443 9.20 17.94 9.54
CA MET C 443 10.04 18.83 8.74
C MET C 443 10.51 19.96 9.61
N THR C 444 9.63 20.40 10.50
CA THR C 444 10.00 21.43 11.49
C THR C 444 11.18 21.01 12.42
N ARG C 445 11.18 19.74 12.82
CA ARG C 445 12.27 19.17 13.60
C ARG C 445 13.55 19.03 12.81
N LEU C 446 13.47 18.43 11.61
CA LEU C 446 14.64 18.29 10.72
C LEU C 446 15.26 19.62 10.30
N THR C 447 14.42 20.65 10.17
CA THR C 447 14.86 22.00 9.94
C THR C 447 15.59 22.48 11.17
N ALA C 448 15.05 22.16 12.37
CA ALA C 448 15.67 22.58 13.64
C ALA C 448 17.08 22.04 13.80
N SER C 449 17.33 20.83 13.33
CA SER C 449 18.65 20.25 13.41
C SER C 449 19.70 20.93 12.53
N CYS C 450 19.27 21.82 11.64
CA CYS C 450 20.19 22.55 10.74
C CYS C 450 20.24 23.99 11.14
N LEU C 451 19.35 24.42 12.04
CA LEU C 451 19.27 25.82 12.40
C LEU C 451 20.49 26.32 13.22
N PRO C 452 20.94 27.57 12.98
CA PRO C 452 22.10 28.16 13.67
C PRO C 452 21.97 28.21 15.20
N ILE C 453 20.74 28.36 15.70
CA ILE C 453 20.52 28.36 17.15
C ILE C 453 20.81 27.03 17.84
N PHE C 454 20.62 25.91 17.12
CA PHE C 454 20.96 24.59 17.62
C PHE C 454 22.34 24.16 17.20
N ARG C 455 22.78 24.57 16.02
CA ARG C 455 24.11 24.16 15.53
C ARG C 455 25.26 24.79 16.30
N SER C 456 25.11 26.06 16.65
CA SER C 456 26.14 26.78 17.38
C SER C 456 26.34 26.36 18.86
N LYS C 457 25.45 25.51 19.37
CA LYS C 457 25.53 24.95 20.73
C LYS C 457 26.74 24.04 20.88
N VAL C 458 27.18 23.47 19.76
CA VAL C 458 28.17 22.42 19.79
C VAL C 458 29.56 23.03 19.98
N TYR D 50 5.51 4.32 -12.29
CA TYR D 50 6.00 2.88 -12.25
C TYR D 50 7.39 2.63 -12.86
N PRO D 51 7.50 2.60 -14.22
CA PRO D 51 8.78 2.12 -14.74
C PRO D 51 9.85 3.21 -14.84
N ILE D 52 11.11 2.78 -14.98
CA ILE D 52 12.21 3.66 -15.34
C ILE D 52 12.14 3.91 -16.86
N THR D 53 12.37 5.18 -17.24
CA THR D 53 12.24 5.62 -18.62
C THR D 53 13.60 5.75 -19.28
N GLU D 54 13.62 5.73 -20.61
CA GLU D 54 14.81 6.04 -21.39
C GLU D 54 15.34 7.46 -21.14
N SER D 55 14.41 8.41 -20.92
CA SER D 55 14.77 9.78 -20.58
C SER D 55 15.22 9.94 -19.13
N ASN D 56 14.77 9.05 -18.24
CA ASN D 56 15.33 8.98 -16.89
C ASN D 56 16.83 8.74 -16.95
N LEU D 57 17.25 7.85 -17.85
CA LEU D 57 18.64 7.37 -17.92
C LEU D 57 19.52 8.10 -18.95
N ARG D 58 19.02 9.22 -19.46
CA ARG D 58 19.70 9.93 -20.54
C ARG D 58 20.91 10.70 -20.01
N ILE D 59 22.03 10.55 -20.70
CA ILE D 59 23.23 11.33 -20.40
C ILE D 59 23.48 12.34 -21.55
N LEU D 60 23.43 13.63 -21.21
CA LEU D 60 23.53 14.71 -22.20
C LEU D 60 24.97 15.06 -22.52
N GLU D 61 25.15 15.76 -23.65
CA GLU D 61 26.47 16.14 -24.16
C GLU D 61 27.17 17.02 -23.12
N GLY D 62 28.48 16.78 -22.96
CA GLY D 62 29.27 17.57 -22.02
C GLY D 62 29.30 17.07 -20.56
N GLU D 63 28.25 16.37 -20.13
CA GLU D 63 28.24 15.74 -18.82
C GLU D 63 29.28 14.61 -18.75
N ASP D 64 29.83 14.38 -17.55
CA ASP D 64 30.80 13.29 -17.38
C ASP D 64 30.03 11.95 -17.34
N ARG D 65 30.26 11.13 -18.36
CA ARG D 65 29.48 9.90 -18.54
C ARG D 65 29.57 8.94 -17.34
N SER D 66 30.76 8.81 -16.76
CA SER D 66 31.02 7.92 -15.61
C SER D 66 30.45 8.45 -14.32
N GLU D 67 30.59 9.76 -14.10
CA GLU D 67 29.99 10.43 -12.95
C GLU D 67 28.46 10.40 -13.02
N LYS D 68 27.92 10.54 -14.24
CA LYS D 68 26.46 10.52 -14.47
C LYS D 68 25.84 9.15 -14.43
N ALA D 69 26.57 8.13 -14.92
CA ALA D 69 26.12 6.74 -14.87
C ALA D 69 26.10 6.27 -13.43
N LYS D 70 27.08 6.75 -12.66
CA LYS D 70 27.17 6.49 -11.23
C LYS D 70 25.91 6.96 -10.49
N GLU D 71 25.56 8.25 -10.59
CA GLU D 71 24.36 8.79 -9.91
C GLU D 71 22.99 8.34 -10.48
N LEU D 72 22.96 7.93 -11.74
CA LEU D 72 21.73 7.37 -12.35
C LEU D 72 21.46 5.95 -11.86
N LEU D 73 22.52 5.19 -11.58
CA LEU D 73 22.41 3.83 -11.04
C LEU D 73 21.92 3.85 -9.60
N LYS D 74 22.28 4.90 -8.87
CA LYS D 74 21.91 5.08 -7.47
C LYS D 74 20.50 5.65 -7.35
N LYS D 75 20.08 6.44 -8.33
CA LYS D 75 18.74 7.02 -8.31
C LYS D 75 17.62 6.07 -8.75
N TYR D 76 17.93 5.14 -9.66
CA TYR D 76 16.91 4.24 -10.24
C TYR D 76 17.18 2.79 -9.93
N VAL D 77 16.68 2.35 -8.78
CA VAL D 77 17.08 1.07 -8.19
C VAL D 77 15.93 0.09 -8.14
N SER D 78 14.80 0.48 -8.74
CA SER D 78 13.56 -0.30 -8.67
C SER D 78 13.60 -1.52 -9.59
N ASN D 79 14.45 -1.45 -10.61
CA ASN D 79 14.60 -2.49 -11.64
C ASN D 79 13.34 -2.76 -12.46
N VAL D 80 12.36 -1.84 -12.38
CA VAL D 80 11.22 -1.89 -13.29
C VAL D 80 11.48 -0.90 -14.42
N PHE D 81 11.44 -1.41 -15.65
CA PHE D 81 11.89 -0.68 -16.85
C PHE D 81 10.77 -0.46 -17.85
N GLU D 82 10.83 0.65 -18.58
CA GLU D 82 9.80 0.99 -19.57
C GLU D 82 9.77 -0.01 -20.74
N ASN D 83 10.96 -0.38 -21.22
CA ASN D 83 11.12 -1.34 -22.31
C ASN D 83 12.46 -2.06 -22.21
N GLU D 84 12.73 -2.93 -23.19
CA GLU D 84 13.98 -3.67 -23.29
C GLU D 84 15.20 -2.78 -23.55
N LYS D 85 14.99 -1.65 -24.23
CA LYS D 85 16.06 -0.74 -24.59
C LYS D 85 16.54 0.10 -23.40
N THR D 86 15.58 0.48 -22.55
CA THR D 86 15.86 1.16 -21.29
C THR D 86 16.66 0.24 -20.33
N LEU D 87 16.30 -1.03 -20.29
CA LEU D 87 17.00 -2.07 -19.52
C LEU D 87 18.48 -2.15 -19.88
N TYR D 88 18.72 -2.34 -21.19
CA TYR D 88 20.06 -2.43 -21.77
C TYR D 88 20.91 -1.20 -21.52
N ILE D 89 20.29 -0.01 -21.52
CA ILE D 89 21.00 1.23 -21.19
C ILE D 89 21.41 1.20 -19.70
N TYR D 90 20.49 0.75 -18.83
CA TYR D 90 20.77 0.58 -17.41
C TYR D 90 21.93 -0.40 -17.23
N CYS D 91 21.91 -1.45 -18.05
CA CYS D 91 22.96 -2.47 -18.10
C CYS D 91 24.32 -1.97 -18.56
N LYS D 92 24.31 -1.02 -19.51
CA LYS D 92 25.55 -0.37 -19.94
C LYS D 92 26.21 0.38 -18.80
N TYR D 93 25.40 0.98 -17.93
CA TYR D 93 25.90 1.75 -16.79
C TYR D 93 26.37 0.85 -15.65
N VAL D 94 25.72 -0.31 -15.50
CA VAL D 94 26.15 -1.34 -14.57
C VAL D 94 27.56 -1.74 -14.94
N MET D 95 27.78 -2.00 -16.23
CA MET D 95 29.11 -2.38 -16.72
C MET D 95 30.14 -1.25 -16.69
N LEU D 96 29.67 -0.02 -16.78
CA LEU D 96 30.56 1.12 -16.82
C LEU D 96 31.08 1.48 -15.42
N HIS D 97 30.21 1.43 -14.42
CA HIS D 97 30.54 1.82 -13.06
C HIS D 97 30.91 0.60 -12.21
N TYR D 98 29.95 -0.31 -12.05
CA TYR D 98 30.13 -1.48 -11.18
C TYR D 98 31.16 -2.49 -11.73
N GLY D 99 31.04 -2.78 -13.03
CA GLY D 99 31.91 -3.71 -13.71
C GLY D 99 33.00 -3.01 -14.50
N LYS D 100 33.62 -2.02 -13.88
CA LYS D 100 34.65 -1.19 -14.52
C LYS D 100 35.96 -1.95 -14.72
N ASP D 101 36.30 -2.81 -13.76
CA ASP D 101 37.53 -3.63 -13.82
C ASP D 101 37.28 -4.94 -14.55
N LEU D 102 36.15 -5.01 -15.25
CA LEU D 102 35.76 -6.18 -16.03
C LEU D 102 35.66 -5.91 -17.52
N VAL D 103 35.31 -4.66 -17.87
CA VAL D 103 35.22 -4.21 -19.27
C VAL D 103 35.85 -2.83 -19.40
N ASN D 106 36.05 0.46 -20.08
CA ASN D 106 35.37 1.75 -20.06
C ASN D 106 35.10 2.24 -21.49
N GLU D 107 36.07 2.01 -22.37
CA GLU D 107 36.00 2.39 -23.80
C GLU D 107 34.91 1.62 -24.55
N VAL D 108 34.71 0.35 -24.20
CA VAL D 108 33.75 -0.48 -24.93
C VAL D 108 32.29 -0.34 -24.45
N ASP D 109 31.46 0.15 -25.37
CA ASP D 109 30.01 0.06 -25.27
C ASP D 109 29.52 -0.63 -26.56
N SER D 110 30.38 -1.58 -26.99
CA SER D 110 30.08 -2.52 -28.08
C SER D 110 29.66 -3.87 -27.49
N LEU D 111 29.13 -3.83 -26.26
CA LEU D 111 28.70 -5.03 -25.58
C LEU D 111 27.33 -5.43 -26.07
N GLU D 112 27.16 -6.72 -26.31
CA GLU D 112 25.89 -7.31 -26.70
C GLU D 112 25.11 -7.65 -25.44
N PHE D 113 23.90 -7.12 -25.31
CA PHE D 113 23.03 -7.42 -24.19
C PHE D 113 21.85 -8.26 -24.62
N GLN D 114 21.61 -9.37 -23.91
CA GLN D 114 20.44 -10.20 -24.16
C GLN D 114 19.70 -10.61 -22.86
N ILE D 115 18.43 -10.21 -22.76
CA ILE D 115 17.57 -10.63 -21.66
C ILE D 115 17.28 -12.13 -21.73
N ILE D 116 17.71 -12.84 -20.70
CA ILE D 116 17.56 -14.29 -20.65
C ILE D 116 16.67 -14.72 -19.47
N ASN D 117 16.17 -15.95 -19.55
CA ASN D 117 15.18 -16.47 -18.61
C ASN D 117 15.80 -17.05 -17.35
N GLY D 119 14.89 -16.49 -13.48
CA GLY D 119 13.91 -16.91 -12.48
C GLY D 119 12.54 -16.27 -12.73
N ILE D 120 11.84 -15.94 -11.63
CA ILE D 120 10.57 -15.18 -11.68
C ILE D 120 10.68 -13.87 -10.92
N THR D 121 11.53 -13.86 -9.89
CA THR D 121 11.68 -12.66 -9.05
C THR D 121 12.94 -11.83 -9.36
N ASN D 122 13.67 -12.25 -10.39
CA ASN D 122 14.92 -11.62 -10.83
C ASN D 122 14.81 -11.33 -12.31
N ILE D 123 15.63 -10.39 -12.77
CA ILE D 123 15.85 -10.17 -14.20
C ILE D 123 17.31 -10.52 -14.52
N LEU D 124 17.49 -11.41 -15.50
CA LEU D 124 18.81 -11.86 -15.93
C LEU D 124 19.22 -11.33 -17.30
N ILE D 125 20.40 -10.70 -17.35
CA ILE D 125 20.87 -10.12 -18.59
C ILE D 125 22.29 -10.60 -18.88
N LYS D 126 22.38 -11.32 -20.00
CA LYS D 126 23.62 -11.84 -20.58
C LYS D 126 24.37 -10.71 -21.31
N VAL D 127 25.66 -10.55 -20.98
CA VAL D 127 26.51 -9.50 -21.53
C VAL D 127 27.60 -10.17 -22.35
N LYS D 128 27.67 -9.88 -23.64
CA LYS D 128 28.73 -10.45 -24.51
C LYS D 128 29.77 -9.39 -24.86
N ASP D 129 31.02 -9.80 -25.02
CA ASP D 129 32.07 -8.89 -25.54
C ASP D 129 32.71 -9.43 -26.82
N MET D 130 32.70 -8.60 -27.87
N MET D 130 32.73 -8.62 -27.88
CA MET D 130 33.33 -8.96 -29.14
CA MET D 130 33.34 -9.05 -29.13
C MET D 130 34.86 -9.07 -28.99
C MET D 130 34.89 -9.03 -29.10
N SER D 131 35.46 -7.97 -28.52
CA SER D 131 36.92 -7.79 -28.51
C SER D 131 37.69 -8.74 -27.58
N LYS D 132 37.05 -9.16 -26.49
CA LYS D 132 37.67 -10.06 -25.51
C LYS D 132 37.00 -11.43 -25.53
N GLN D 133 35.90 -11.53 -26.29
CA GLN D 133 35.09 -12.76 -26.42
C GLN D 133 34.81 -13.44 -25.05
N ALA D 134 34.31 -12.62 -24.11
CA ALA D 134 34.10 -13.06 -22.73
C ALA D 134 32.69 -12.64 -22.27
N LYS D 135 32.02 -13.56 -21.56
CA LYS D 135 30.62 -13.35 -21.19
C LYS D 135 30.41 -13.17 -19.70
N TYR D 136 29.61 -12.17 -19.35
CA TYR D 136 29.19 -11.88 -17.97
C TYR D 136 27.68 -11.98 -17.87
N LEU D 137 27.16 -11.87 -16.65
CA LEU D 137 25.72 -11.96 -16.40
C LEU D 137 25.32 -10.87 -15.41
N ILE D 138 24.27 -10.13 -15.74
CA ILE D 138 23.75 -9.15 -14.80
C ILE D 138 22.46 -9.68 -14.20
N ARG D 139 22.40 -9.65 -12.88
CA ARG D 139 21.23 -10.06 -12.17
C ARG D 139 20.68 -8.86 -11.41
N LEU D 140 19.45 -8.50 -11.74
CA LEU D 140 18.76 -7.37 -11.15
C LEU D 140 17.63 -7.90 -10.31
N TYR D 141 17.63 -7.55 -9.03
CA TYR D 141 16.64 -8.04 -8.08
C TYR D 141 15.28 -7.36 -8.26
N GLY D 142 14.20 -8.09 -7.92
CA GLY D 142 12.85 -7.52 -7.89
C GLY D 142 12.58 -6.63 -6.65
N PRO D 143 11.31 -6.24 -6.44
CA PRO D 143 10.89 -5.50 -5.22
C PRO D 143 10.59 -6.45 -4.03
N LYS D 144 11.15 -7.65 -4.07
CA LYS D 144 10.98 -8.66 -3.03
C LYS D 144 12.39 -9.05 -2.57
N THR D 145 13.02 -8.11 -1.85
CA THR D 145 14.48 -8.11 -1.64
C THR D 145 14.90 -8.36 -0.18
N ASP D 146 13.95 -8.21 0.75
CA ASP D 146 14.19 -8.36 2.20
C ASP D 146 13.11 -9.23 2.83
N GLU D 147 11.87 -9.01 2.37
CA GLU D 147 10.71 -9.75 2.88
C GLU D 147 10.86 -11.28 2.73
N ILE D 148 11.43 -11.69 1.61
CA ILE D 148 11.57 -13.10 1.28
C ILE D 148 13.04 -13.56 1.19
N ILE D 149 13.94 -12.61 0.91
CA ILE D 149 15.39 -12.87 0.74
C ILE D 149 16.26 -12.04 1.69
N ASN D 150 17.21 -12.69 2.34
CA ASN D 150 18.21 -12.02 3.17
C ASN D 150 19.53 -11.94 2.38
N ARG D 151 19.82 -10.74 1.86
CA ARG D 151 20.91 -10.52 0.90
C ARG D 151 22.30 -10.70 1.51
N GLU D 152 22.41 -10.36 2.79
CA GLU D 152 23.64 -10.47 3.56
C GLU D 152 23.97 -11.92 3.87
N ARG D 153 22.93 -12.71 4.12
CA ARG D 153 23.05 -14.16 4.27
C ARG D 153 23.29 -14.85 2.91
N GLU D 154 22.64 -14.36 1.85
CA GLU D 154 22.84 -14.92 0.51
C GLU D 154 24.28 -14.74 0.03
N LYS D 155 24.90 -13.64 0.48
CA LYS D 155 26.25 -13.23 0.09
C LYS D 155 27.31 -14.15 0.71
N LYS D 156 27.11 -14.50 1.98
CA LYS D 156 27.97 -15.42 2.70
C LYS D 156 27.94 -16.84 2.13
N ILE D 157 26.72 -17.36 1.91
CA ILE D 157 26.48 -18.66 1.29
C ILE D 157 27.14 -18.77 -0.08
N SER D 158 27.03 -17.70 -0.87
CA SER D 158 27.54 -17.60 -2.24
C SER D 158 29.03 -17.89 -2.37
N CYS D 159 29.81 -17.36 -1.43
CA CYS D 159 31.26 -17.56 -1.48
C CYS D 159 31.64 -18.96 -0.99
N ILE D 160 30.98 -19.44 0.07
CA ILE D 160 31.09 -20.86 0.46
C ILE D 160 30.87 -21.80 -0.76
N LEU D 161 29.80 -21.57 -1.51
CA LEU D 161 29.45 -22.42 -2.64
C LEU D 161 30.46 -22.37 -3.79
N TYR D 162 30.97 -21.17 -4.05
CA TYR D 162 31.99 -20.94 -5.06
C TYR D 162 33.34 -21.61 -4.70
N ASN D 163 33.73 -21.46 -3.44
CA ASN D 163 34.93 -22.09 -2.90
C ASN D 163 34.82 -23.62 -2.87
N LYS D 164 33.59 -24.12 -2.74
CA LYS D 164 33.31 -25.55 -2.75
C LYS D 164 32.93 -26.05 -4.15
N ASN D 165 32.95 -25.12 -5.11
CA ASN D 165 32.77 -25.45 -6.52
C ASN D 165 31.38 -25.89 -6.94
N ILE D 166 30.33 -25.22 -6.45
CA ILE D 166 28.96 -25.55 -6.90
C ILE D 166 28.20 -24.31 -7.40
N ALA D 167 28.64 -23.14 -6.91
CA ALA D 167 28.23 -21.84 -7.44
C ALA D 167 29.36 -21.24 -8.31
N LYS D 168 28.96 -20.47 -9.32
CA LYS D 168 29.89 -19.70 -10.15
C LYS D 168 30.33 -18.44 -9.40
N LYS D 169 31.30 -17.73 -9.97
CA LYS D 169 31.85 -16.53 -9.29
C LYS D 169 30.96 -15.32 -9.47
N ILE D 170 30.71 -14.63 -8.37
CA ILE D 170 30.05 -13.34 -8.41
C ILE D 170 31.10 -12.25 -8.28
N TYR D 171 31.17 -11.37 -9.28
CA TYR D 171 32.22 -10.34 -9.35
C TYR D 171 31.92 -9.11 -8.48
N VAL D 172 30.72 -8.53 -8.61
CA VAL D 172 30.34 -7.31 -7.88
C VAL D 172 28.93 -7.40 -7.26
N PHE D 173 28.81 -6.91 -6.02
CA PHE D 173 27.52 -6.82 -5.33
C PHE D 173 27.10 -5.34 -5.21
N PHE D 174 25.86 -5.02 -5.60
CA PHE D 174 25.28 -3.69 -5.35
C PHE D 174 23.84 -3.81 -4.85
N THR D 175 23.33 -2.71 -4.29
CA THR D 175 22.08 -2.80 -3.49
C THR D 175 20.87 -3.33 -4.24
N ASN D 176 20.99 -3.38 -5.58
CA ASN D 176 19.83 -3.73 -6.41
C ASN D 176 20.15 -4.84 -7.44
N GLY D 177 21.36 -5.38 -7.36
CA GLY D 177 21.71 -6.48 -8.23
C GLY D 177 23.14 -6.88 -8.09
N ARG D 178 23.61 -7.68 -9.05
CA ARG D 178 25.01 -8.11 -9.05
C ARG D 178 25.54 -8.43 -10.45
N ILE D 179 26.86 -8.52 -10.55
CA ILE D 179 27.52 -8.99 -11.77
C ILE D 179 28.22 -10.32 -11.50
N GLU D 180 27.83 -11.34 -12.25
CA GLU D 180 28.29 -12.69 -11.99
C GLU D 180 28.75 -13.38 -13.28
N GLU D 181 29.46 -14.48 -13.09
CA GLU D 181 30.08 -15.26 -14.15
C GLU D 181 29.01 -15.97 -14.93
N PHE D 182 29.09 -15.84 -16.25
CA PHE D 182 28.17 -16.51 -17.13
C PHE D 182 28.55 -17.98 -17.23
N MET D 183 27.53 -18.83 -17.18
CA MET D 183 27.72 -20.25 -17.41
C MET D 183 26.81 -20.69 -18.56
N ASP D 184 27.42 -21.33 -19.56
CA ASP D 184 26.67 -21.89 -20.69
C ASP D 184 25.90 -23.15 -20.28
N GLY D 185 24.88 -23.50 -21.07
CA GLY D 185 24.04 -24.67 -20.82
C GLY D 185 22.56 -24.35 -20.89
N TYR D 186 21.71 -25.37 -20.77
CA TYR D 186 20.28 -25.15 -20.85
C TYR D 186 19.56 -25.63 -19.59
N ALA D 187 18.46 -24.94 -19.26
CA ALA D 187 17.70 -25.26 -18.06
C ALA D 187 16.82 -26.44 -18.36
N LEU D 188 16.65 -27.30 -17.35
CA LEU D 188 15.96 -28.55 -17.50
C LEU D 188 14.44 -28.35 -17.39
N SER D 189 13.68 -29.29 -17.95
CA SER D 189 12.22 -29.27 -17.85
C SER D 189 11.81 -30.20 -16.75
N ARG D 190 10.57 -30.15 -16.32
CA ARG D 190 10.13 -31.02 -15.26
C ARG D 190 10.11 -32.47 -15.74
N GLU D 191 10.06 -32.67 -17.04
CA GLU D 191 10.17 -34.04 -17.53
C GLU D 191 11.62 -34.48 -17.53
N ASP D 192 12.56 -33.54 -17.62
CA ASP D 192 13.98 -33.90 -17.51
C ASP D 192 14.34 -34.35 -16.11
N ILE D 193 13.92 -33.60 -15.09
CA ILE D 193 14.24 -33.93 -13.71
C ILE D 193 13.66 -35.27 -13.24
N LYS D 194 12.61 -35.73 -13.92
CA LYS D 194 11.93 -36.96 -13.60
C LYS D 194 12.62 -38.13 -14.30
N ASN D 195 13.31 -37.81 -15.39
CA ASN D 195 14.09 -38.74 -16.21
C ASN D 195 15.29 -39.33 -15.44
N PRO D 196 15.30 -40.67 -15.27
CA PRO D 196 16.33 -41.43 -14.50
C PRO D 196 17.80 -41.08 -14.86
N LYS D 197 18.02 -40.70 -16.10
CA LYS D 197 19.28 -40.21 -16.59
C LYS D 197 19.72 -38.92 -15.86
N PHE D 198 18.79 -38.00 -15.61
CA PHE D 198 19.12 -36.77 -14.87
C PHE D 198 18.96 -36.91 -13.35
N GLN D 199 18.06 -37.78 -12.92
CA GLN D 199 17.90 -38.09 -11.48
C GLN D 199 19.25 -38.43 -10.87
N LYS D 200 19.93 -39.39 -11.51
CA LYS D 200 21.32 -39.76 -11.21
C LYS D 200 22.25 -38.54 -11.05
N LEU D 201 22.24 -37.65 -12.03
CA LEU D 201 23.16 -36.51 -12.09
C LEU D 201 22.82 -35.38 -11.12
N ILE D 202 21.53 -35.23 -10.85
CA ILE D 202 21.02 -34.23 -9.92
C ILE D 202 21.35 -34.64 -8.48
N ALA D 203 21.11 -35.91 -8.17
CA ALA D 203 21.34 -36.50 -6.84
C ALA D 203 22.81 -36.46 -6.45
N LYS D 204 23.69 -36.80 -7.40
CA LYS D 204 25.16 -36.74 -7.16
C LYS D 204 25.65 -35.34 -6.85
N ASN D 205 25.16 -34.36 -7.60
CA ASN D 205 25.47 -32.94 -7.36
C ASN D 205 24.86 -32.41 -6.08
N LEU D 206 23.70 -32.93 -5.74
CA LEU D 206 22.99 -32.55 -4.52
C LEU D 206 23.72 -33.08 -3.29
N LYS D 207 24.30 -34.28 -3.39
CA LYS D 207 25.14 -34.82 -2.32
C LYS D 207 26.41 -33.98 -2.10
N LEU D 208 27.09 -33.63 -3.21
CA LEU D 208 28.17 -32.66 -3.17
C LEU D 208 27.84 -31.37 -2.41
N LEU D 209 26.65 -30.80 -2.65
CA LEU D 209 26.17 -29.68 -1.89
C LEU D 209 25.95 -30.05 -0.43
N HIS D 210 25.33 -31.20 -0.21
CA HIS D 210 25.01 -31.62 1.15
C HIS D 210 26.24 -32.04 1.98
N ASP D 211 27.36 -32.31 1.31
CA ASP D 211 28.62 -32.72 1.95
C ASP D 211 29.41 -31.56 2.52
N ILE D 212 29.08 -30.36 2.11
CA ILE D 212 29.75 -29.16 2.60
C ILE D 212 29.59 -29.05 4.11
N LYS D 213 30.73 -29.07 4.81
CA LYS D 213 30.77 -28.99 6.26
C LYS D 213 30.40 -27.61 6.77
N LEU D 214 29.63 -27.62 7.87
CA LEU D 214 29.16 -26.37 8.47
C LEU D 214 29.72 -26.24 9.86
N ASN D 215 30.75 -25.39 9.97
CA ASN D 215 31.48 -25.23 11.23
C ASN D 215 30.89 -24.07 12.04
N GLU D 216 31.38 -23.93 13.27
CA GLU D 216 30.79 -23.04 14.28
C GLU D 216 30.82 -21.57 13.94
N ASN D 217 31.82 -21.17 13.16
CA ASN D 217 32.04 -19.75 12.89
C ASN D 217 31.16 -19.19 11.78
N LEU D 218 31.04 -19.95 10.69
CA LEU D 218 30.14 -19.57 9.59
C LEU D 218 28.68 -19.78 9.98
N TYR D 219 28.43 -20.74 10.87
CA TYR D 219 27.10 -21.01 11.36
C TYR D 219 26.60 -19.86 12.19
N LYS D 220 27.51 -19.23 12.95
CA LYS D 220 27.18 -18.07 13.78
C LYS D 220 26.89 -16.85 12.91
N GLU D 221 27.68 -16.71 11.82
CA GLU D 221 27.53 -15.62 10.86
C GLU D 221 26.17 -15.65 10.18
N LEU D 222 25.65 -16.85 9.95
CA LEU D 222 24.35 -17.07 9.32
C LEU D 222 23.20 -16.85 10.30
N GLN D 223 23.42 -17.27 11.56
CA GLN D 223 22.46 -17.06 12.65
C GLN D 223 22.23 -15.58 12.94
N VAL D 224 23.30 -14.77 12.96
CA VAL D 224 23.17 -13.33 13.27
C VAL D 224 22.47 -12.50 12.18
N THR D 225 22.58 -12.92 10.91
CA THR D 225 21.94 -12.18 9.79
C THR D 225 20.42 -12.39 9.72
N GLN D 226 19.98 -13.60 10.10
CA GLN D 226 18.57 -14.00 10.01
C GLN D 226 17.81 -14.04 11.34
N LYS D 227 18.56 -14.08 12.45
CA LYS D 227 18.00 -14.13 13.83
C LYS D 227 17.52 -15.54 14.23
N VAL D 228 18.42 -16.52 14.07
CA VAL D 228 18.11 -17.90 14.50
C VAL D 228 18.88 -18.24 15.82
N PRO D 229 18.12 -18.48 16.93
CA PRO D 229 18.66 -18.93 18.22
C PRO D 229 18.64 -20.46 18.39
N GLY D 230 19.72 -21.01 18.95
CA GLY D 230 19.91 -22.45 19.11
C GLY D 230 21.31 -22.83 18.67
N THR D 231 21.71 -24.08 18.96
CA THR D 231 23.01 -24.64 18.51
C THR D 231 22.87 -25.46 17.22
N ARG D 232 23.65 -25.10 16.18
CA ARG D 232 23.59 -25.74 14.86
C ARG D 232 22.15 -26.03 14.33
N PRO D 233 21.29 -25.00 14.27
CA PRO D 233 19.90 -25.31 13.95
C PRO D 233 19.52 -25.18 12.45
N SER D 234 18.32 -25.68 12.14
CA SER D 234 17.71 -25.56 10.82
C SER D 234 17.13 -24.15 10.67
N PHE D 235 17.15 -23.65 9.43
CA PHE D 235 16.62 -22.33 9.11
C PHE D 235 15.17 -22.43 8.58
N LEU D 236 14.66 -23.66 8.48
CA LEU D 236 13.41 -23.96 7.84
C LEU D 236 12.18 -23.46 8.59
N TRP D 237 12.14 -23.76 9.89
CA TRP D 237 10.98 -23.45 10.71
C TRP D 237 10.92 -21.98 11.06
N ASN D 238 12.08 -21.36 11.19
CA ASN D 238 12.18 -19.93 11.31
C ASN D 238 11.60 -19.22 10.08
N THR D 239 11.78 -19.82 8.91
CA THR D 239 11.33 -19.25 7.63
C THR D 239 9.84 -19.47 7.44
N ILE D 240 9.37 -20.68 7.71
CA ILE D 240 7.94 -21.00 7.65
C ILE D 240 7.12 -20.14 8.60
N TRP D 241 7.56 -20.01 9.85
CA TRP D 241 6.90 -19.12 10.81
C TRP D 241 7.01 -17.66 10.45
N LYS D 242 8.08 -17.27 9.76
CA LYS D 242 8.21 -15.89 9.33
C LYS D 242 7.11 -15.57 8.31
N TYR D 243 6.88 -16.47 7.37
CA TYR D 243 5.84 -16.29 6.37
C TYR D 243 4.43 -16.24 7.02
N PHE D 244 4.20 -17.12 8.00
CA PHE D 244 2.96 -17.21 8.70
C PHE D 244 2.66 -15.88 9.38
N HIS D 245 3.62 -15.38 10.14
CA HIS D 245 3.46 -14.13 10.91
C HIS D 245 3.29 -12.88 10.02
N LEU D 246 3.97 -12.81 8.90
CA LEU D 246 3.79 -11.71 7.98
C LEU D 246 2.40 -11.73 7.30
N LEU D 247 1.87 -12.94 7.08
CA LEU D 247 0.57 -13.09 6.49
C LEU D 247 -0.53 -12.90 7.49
N ASN D 248 -0.30 -13.37 8.72
CA ASN D 248 -1.32 -13.23 9.79
C ASN D 248 -1.52 -11.78 10.23
N GLU D 249 -0.44 -11.01 10.27
CA GLU D 249 -0.53 -9.60 10.61
C GLU D 249 -1.12 -8.80 9.45
N GLU D 250 -1.04 -9.35 8.24
CA GLU D 250 -1.72 -8.76 7.09
C GLU D 250 -3.23 -9.13 7.07
N ARG D 251 -3.54 -10.38 7.45
CA ARG D 251 -4.90 -10.90 7.54
C ARG D 251 -5.72 -10.09 8.56
N LYS D 252 -5.02 -9.53 9.54
CA LYS D 252 -5.65 -8.80 10.64
C LYS D 252 -6.25 -7.45 10.22
N LYS D 253 -5.61 -6.79 9.26
CA LYS D 253 -6.10 -5.52 8.73
C LYS D 253 -7.47 -5.66 8.09
N ILE D 254 -8.35 -4.72 8.37
CA ILE D 254 -9.61 -4.63 7.66
C ILE D 254 -9.32 -3.90 6.35
N CYS D 255 -9.73 -4.50 5.25
CA CYS D 255 -9.43 -3.98 3.93
C CYS D 255 -10.74 -3.80 3.13
N SER D 256 -10.61 -3.23 1.94
CA SER D 256 -11.72 -3.07 1.02
C SER D 256 -12.24 -4.39 0.45
N PHE D 257 -13.45 -4.35 -0.08
CA PHE D 257 -14.09 -5.51 -0.65
C PHE D 257 -13.25 -6.13 -1.79
N ASP D 258 -12.42 -5.35 -2.45
CA ASP D 258 -11.70 -5.88 -3.61
C ASP D 258 -10.17 -5.88 -3.45
N ALA D 259 -9.70 -5.91 -2.22
CA ALA D 259 -8.28 -5.94 -1.89
C ALA D 259 -7.65 -7.33 -2.08
N LYS D 260 -6.35 -7.31 -2.38
CA LYS D 260 -5.55 -8.53 -2.54
C LYS D 260 -5.53 -9.45 -1.32
N ALA D 261 -5.60 -8.88 -0.13
CA ALA D 261 -5.57 -9.63 1.13
C ALA D 261 -6.83 -10.41 1.51
N ASN D 262 -7.91 -10.32 0.70
CA ASN D 262 -9.18 -10.98 0.98
C ASN D 262 -9.12 -12.50 0.92
N ILE D 263 -8.16 -13.03 0.16
CA ILE D 263 -7.86 -14.49 0.09
C ILE D 263 -7.36 -15.05 1.43
N LEU D 264 -6.70 -14.20 2.21
CA LEU D 264 -6.16 -14.64 3.48
C LEU D 264 -7.24 -14.90 4.50
N LYS D 265 -8.33 -14.15 4.41
CA LYS D 265 -9.44 -14.20 5.34
C LYS D 265 -10.22 -15.47 5.19
N LEU D 266 -10.23 -16.03 4.01
CA LEU D 266 -10.86 -17.31 3.75
C LEU D 266 -10.11 -18.51 4.40
N ILE D 267 -8.84 -18.30 4.77
CA ILE D 267 -8.02 -19.33 5.38
C ILE D 267 -8.14 -19.23 6.89
N ASP D 268 -8.42 -20.36 7.55
CA ASP D 268 -8.43 -20.38 9.03
C ASP D 268 -7.00 -20.47 9.56
N PHE D 269 -6.49 -19.33 10.03
CA PHE D 269 -5.10 -19.25 10.45
C PHE D 269 -4.80 -19.98 11.76
N ASP D 270 -5.81 -20.20 12.61
CA ASP D 270 -5.66 -20.98 13.83
C ASP D 270 -5.40 -22.43 13.50
N VAL D 271 -6.12 -22.93 12.49
CA VAL D 271 -5.93 -24.30 11.98
C VAL D 271 -4.62 -24.42 11.18
N LEU D 272 -4.23 -23.33 10.54
CA LEU D 272 -2.97 -23.29 9.85
C LEU D 272 -1.82 -23.34 10.87
N ARG D 273 -1.93 -22.53 11.94
CA ARG D 273 -0.99 -22.54 13.07
C ARG D 273 -0.83 -23.91 13.65
N ASP D 274 -1.94 -24.62 13.83
CA ASP D 274 -1.92 -26.00 14.33
C ASP D 274 -1.27 -26.98 13.38
N SER D 275 -1.49 -26.76 12.08
CA SER D 275 -0.98 -27.63 11.03
C SER D 275 0.52 -27.52 10.85
N ILE D 276 1.05 -26.31 10.99
CA ILE D 276 2.49 -26.07 10.94
C ILE D 276 3.22 -26.69 12.15
N VAL D 277 2.64 -26.52 13.33
CA VAL D 277 3.06 -27.18 14.55
C VAL D 277 3.05 -28.72 14.36
N GLU D 278 1.97 -29.24 13.79
CA GLU D 278 1.88 -30.68 13.51
C GLU D 278 2.94 -31.20 12.51
N VAL D 279 3.23 -30.41 11.47
CA VAL D 279 4.18 -30.79 10.44
C VAL D 279 5.61 -30.71 11.00
N GLU D 280 5.91 -29.58 11.66
CA GLU D 280 7.19 -29.37 12.37
C GLU D 280 7.55 -30.52 13.28
N SER D 281 6.59 -30.94 14.12
CA SER D 281 6.75 -32.11 14.96
C SER D 281 6.95 -33.42 14.19
N LEU D 282 6.19 -33.63 13.12
CA LEU D 282 6.34 -34.89 12.41
C LEU D 282 7.66 -34.99 11.62
N CYS D 283 8.18 -33.83 11.23
CA CYS D 283 9.37 -33.72 10.42
C CYS D 283 10.61 -33.84 11.33
N LYS D 284 10.52 -33.19 12.49
CA LYS D 284 11.58 -33.23 13.48
C LYS D 284 11.78 -34.63 14.12
N ARG D 285 10.75 -35.46 14.10
CA ARG D 285 10.84 -36.79 14.67
C ARG D 285 11.56 -37.78 13.74
N GLU D 286 11.87 -37.30 12.52
CA GLU D 286 12.63 -38.11 11.56
C GLU D 286 14.13 -37.92 11.74
N ASN D 287 14.54 -36.93 12.55
CA ASN D 287 15.95 -36.52 12.76
C ASN D 287 16.75 -36.53 11.44
N SER D 288 16.52 -35.49 10.64
CA SER D 288 17.20 -35.36 9.37
C SER D 288 18.37 -34.42 9.60
N PRO D 289 19.57 -34.86 9.21
CA PRO D 289 20.78 -34.04 9.34
C PRO D 289 20.62 -32.68 8.64
N ILE D 290 20.95 -31.62 9.39
CA ILE D 290 20.96 -30.25 8.90
C ILE D 290 22.20 -30.05 8.02
N VAL D 291 21.96 -29.79 6.74
CA VAL D 291 23.02 -29.61 5.75
C VAL D 291 22.82 -28.29 5.02
N LEU D 292 23.77 -27.91 4.17
CA LEU D 292 23.56 -26.72 3.34
C LEU D 292 22.69 -27.17 2.21
N CYS D 293 21.46 -26.68 2.22
CA CYS D 293 20.47 -27.01 1.20
C CYS D 293 20.40 -25.96 0.11
N HIS D 294 19.96 -26.35 -1.09
CA HIS D 294 19.64 -25.38 -2.13
C HIS D 294 18.31 -24.63 -1.88
N CYS D 295 17.27 -25.40 -1.54
CA CYS D 295 15.94 -24.89 -1.07
C CYS D 295 14.93 -24.49 -2.12
N ASP D 296 15.35 -24.47 -3.40
CA ASP D 296 14.53 -24.07 -4.53
C ASP D 296 14.92 -24.86 -5.77
N LEU D 297 14.96 -26.17 -5.59
CA LEU D 297 15.51 -27.00 -6.63
C LEU D 297 14.46 -27.40 -7.65
N LEU D 298 13.85 -26.39 -8.25
CA LEU D 298 12.97 -26.58 -9.41
C LEU D 298 13.78 -26.79 -10.68
N SER D 299 13.15 -27.33 -11.70
CA SER D 299 13.85 -27.79 -12.91
C SER D 299 14.58 -26.71 -13.67
N SER D 300 14.05 -25.50 -13.64
CA SER D 300 14.65 -24.34 -14.28
C SER D 300 15.86 -23.81 -13.52
N ASN D 301 16.04 -24.26 -12.28
CA ASN D 301 17.28 -24.05 -11.49
C ASN D 301 18.39 -25.09 -11.67
N ILE D 302 18.18 -26.04 -12.58
CA ILE D 302 19.12 -27.11 -12.86
C ILE D 302 19.51 -27.02 -14.34
N ILE D 303 20.81 -26.83 -14.58
CA ILE D 303 21.36 -26.52 -15.91
C ILE D 303 22.17 -27.71 -16.40
N ASN D 304 21.89 -28.15 -17.63
CA ASN D 304 22.69 -29.18 -18.25
C ASN D 304 23.68 -28.55 -19.22
N THR D 305 24.96 -28.57 -18.87
CA THR D 305 26.00 -28.02 -19.76
C THR D 305 26.68 -29.18 -20.45
N VAL D 306 26.30 -29.40 -21.72
CA VAL D 306 26.75 -30.57 -22.47
C VAL D 306 28.20 -30.36 -22.96
N GLY D 307 29.09 -31.27 -22.57
CA GLY D 307 30.51 -31.18 -22.87
C GLY D 307 31.37 -31.65 -21.71
N GLY D 344 28.04 -35.89 -23.63
CA GLY D 344 28.07 -36.13 -22.18
C GLY D 344 27.42 -34.99 -21.40
N ASP D 345 26.41 -35.35 -20.60
CA ASP D 345 25.66 -34.40 -19.78
C ASP D 345 26.41 -34.04 -18.51
N SER D 346 26.36 -32.76 -18.15
CA SER D 346 26.96 -32.34 -16.89
C SER D 346 25.97 -31.39 -16.19
N ILE D 347 25.64 -31.69 -14.94
CA ILE D 347 24.63 -30.98 -14.19
C ILE D 347 25.19 -30.05 -13.12
N SER D 348 24.70 -28.81 -13.09
CA SER D 348 24.98 -27.90 -12.00
C SER D 348 23.73 -27.09 -11.61
N PHE D 349 23.74 -26.54 -10.40
CA PHE D 349 22.63 -25.76 -9.90
C PHE D 349 22.93 -24.27 -9.95
N ILE D 350 21.86 -23.47 -10.10
CA ILE D 350 21.90 -22.01 -10.11
C ILE D 350 20.86 -21.48 -9.15
N ASP D 351 20.91 -20.18 -8.90
CA ASP D 351 19.96 -19.46 -8.09
C ASP D 351 19.84 -19.93 -6.64
N PHE D 352 20.83 -19.53 -5.85
CA PHE D 352 20.96 -19.95 -4.45
C PHE D 352 20.45 -18.89 -3.51
N GLU D 353 19.39 -18.17 -3.92
CA GLU D 353 18.79 -17.12 -3.09
C GLU D 353 18.06 -17.63 -1.85
N TYR D 354 17.67 -18.91 -1.86
CA TYR D 354 17.00 -19.51 -0.71
C TYR D 354 17.89 -20.40 0.11
N SER D 355 19.12 -20.61 -0.38
CA SER D 355 20.09 -21.51 0.25
C SER D 355 20.46 -21.16 1.66
N CYS D 356 20.28 -22.15 2.52
CA CYS D 356 20.62 -22.02 3.93
C CYS D 356 20.60 -23.39 4.55
N PRO D 357 21.05 -23.49 5.80
CA PRO D 357 21.08 -24.78 6.49
C PRO D 357 19.70 -25.31 6.86
N MET D 358 19.31 -26.45 6.30
CA MET D 358 18.03 -27.05 6.64
C MET D 358 18.25 -28.55 6.67
N GLU D 359 17.24 -29.29 7.10
CA GLU D 359 17.15 -30.73 6.99
C GLU D 359 17.36 -31.15 5.54
N ARG D 360 18.20 -32.15 5.34
CA ARG D 360 18.50 -32.67 4.02
C ARG D 360 17.29 -33.26 3.37
N ALA D 361 16.34 -33.70 4.19
CA ALA D 361 15.13 -34.35 3.70
C ALA D 361 14.14 -33.32 3.11
N TYR D 362 14.13 -32.10 3.66
CA TYR D 362 13.43 -31.00 3.01
C TYR D 362 13.82 -30.72 1.54
N ASP D 363 15.14 -30.65 1.27
CA ASP D 363 15.64 -30.36 -0.06
C ASP D 363 15.31 -31.42 -1.09
N ILE D 364 15.26 -32.66 -0.68
CA ILE D 364 14.93 -33.77 -1.54
C ILE D 364 13.42 -33.87 -1.85
N ALA D 365 12.59 -33.75 -0.81
CA ALA D 365 11.13 -33.78 -0.95
C ALA D 365 10.60 -32.53 -1.70
N ASN D 366 11.21 -31.37 -1.44
CA ASN D 366 10.92 -30.16 -2.19
C ASN D 366 11.25 -30.35 -3.66
N HIS D 367 12.35 -31.02 -3.97
CA HIS D 367 12.73 -31.30 -5.33
C HIS D 367 11.75 -32.27 -5.99
N PHE D 368 11.27 -33.22 -5.21
CA PHE D 368 10.32 -34.19 -5.71
C PHE D 368 8.93 -33.58 -5.96
N ASN D 369 8.55 -32.60 -5.16
CA ASN D 369 7.36 -31.82 -5.47
C ASN D 369 7.44 -31.09 -6.81
N GLU D 370 8.65 -30.76 -7.26
CA GLU D 370 8.84 -29.93 -8.43
C GLU D 370 8.78 -30.73 -9.71
N TYR D 371 8.49 -32.00 -9.61
CA TYR D 371 8.30 -32.88 -10.74
C TYR D 371 6.96 -32.50 -11.36
N ALA D 372 6.05 -32.02 -10.49
CA ALA D 372 4.73 -31.50 -10.86
C ALA D 372 4.80 -30.19 -11.65
N GLY D 373 5.89 -29.43 -11.47
CA GLY D 373 6.06 -28.13 -12.12
C GLY D 373 5.17 -27.08 -11.47
N PHE D 374 5.15 -25.89 -12.07
CA PHE D 374 4.28 -24.80 -11.58
C PHE D 374 2.80 -25.09 -11.82
N ASN D 375 2.52 -26.03 -12.71
CA ASN D 375 1.16 -26.44 -13.01
C ASN D 375 0.59 -27.37 -11.98
N CYS D 376 1.45 -27.87 -11.10
CA CYS D 376 1.07 -28.72 -9.95
C CYS D 376 0.36 -30.01 -10.34
N ASP D 377 0.85 -30.66 -11.38
CA ASP D 377 0.34 -31.98 -11.75
C ASP D 377 0.89 -33.04 -10.80
N TRP D 378 0.21 -33.28 -9.68
CA TRP D 378 0.77 -34.03 -8.54
C TRP D 378 1.03 -35.50 -8.81
N ASP D 379 0.43 -36.01 -9.87
CA ASP D 379 0.64 -37.41 -10.28
C ASP D 379 2.03 -37.64 -10.91
N LEU D 380 2.75 -36.54 -11.17
CA LEU D 380 4.09 -36.61 -11.72
C LEU D 380 5.15 -36.72 -10.62
N THR D 381 4.76 -36.54 -9.36
CA THR D 381 5.69 -36.69 -8.26
C THR D 381 6.09 -38.18 -8.14
N PRO D 382 7.36 -38.46 -7.73
CA PRO D 382 7.88 -39.87 -7.83
C PRO D 382 7.11 -40.95 -7.04
N SER D 383 6.89 -42.13 -7.69
CA SER D 383 6.60 -43.39 -6.94
C SER D 383 7.76 -43.82 -6.03
N LYS D 384 7.46 -44.71 -5.07
CA LYS D 384 8.48 -45.35 -4.20
C LYS D 384 9.73 -45.79 -4.95
N GLU D 385 9.50 -46.36 -6.13
CA GLU D 385 10.52 -46.86 -7.02
C GLU D 385 11.39 -45.74 -7.58
N GLU D 386 10.75 -44.62 -7.92
CA GLU D 386 11.43 -43.43 -8.43
C GLU D 386 12.16 -42.68 -7.33
N GLU D 387 11.59 -42.64 -6.14
CA GLU D 387 12.30 -42.07 -5.00
C GLU D 387 13.59 -42.86 -4.70
N TYR D 388 13.49 -44.19 -4.85
CA TYR D 388 14.59 -45.12 -4.63
C TYR D 388 15.78 -44.86 -5.59
N HIS D 389 15.47 -44.80 -6.90
CA HIS D 389 16.49 -44.56 -7.88
C HIS D 389 17.29 -43.28 -7.64
N PHE D 390 16.65 -42.22 -7.14
CA PHE D 390 17.32 -40.94 -6.88
C PHE D 390 18.24 -41.03 -5.67
N ILE D 391 17.69 -41.64 -4.63
CA ILE D 391 18.33 -41.71 -3.33
C ILE D 391 19.53 -42.66 -3.36
N MET D 392 19.44 -43.70 -4.19
CA MET D 392 20.58 -44.58 -4.42
C MET D 392 21.79 -43.78 -4.93
N HIS D 393 21.57 -42.93 -5.94
CA HIS D 393 22.65 -42.12 -6.49
C HIS D 393 22.95 -40.90 -5.65
N TYR D 394 22.05 -40.60 -4.72
CA TYR D 394 22.29 -39.50 -3.77
C TYR D 394 23.27 -39.99 -2.72
N LEU D 395 22.95 -41.12 -2.10
CA LEU D 395 23.78 -41.67 -1.04
C LEU D 395 25.08 -42.31 -1.57
N GLY D 396 25.05 -42.86 -2.78
CA GLY D 396 26.21 -43.50 -3.37
C GLY D 396 26.33 -44.95 -2.93
N THR D 397 25.19 -45.61 -2.81
CA THR D 397 25.16 -46.95 -2.24
C THR D 397 23.99 -47.74 -2.78
N ASP D 398 24.19 -49.05 -2.91
CA ASP D 398 23.09 -49.93 -3.31
C ASP D 398 22.45 -50.61 -2.11
N ASP D 399 22.89 -50.20 -0.93
CA ASP D 399 22.37 -50.74 0.31
C ASP D 399 20.94 -50.28 0.58
N GLU D 400 19.97 -51.13 0.21
CA GLU D 400 18.54 -50.79 0.37
C GLU D 400 18.10 -50.45 1.80
N GLU D 401 18.81 -50.90 2.81
CA GLU D 401 18.42 -50.53 4.19
C GLU D 401 18.74 -49.07 4.43
N LEU D 402 19.76 -48.59 3.72
CA LEU D 402 20.18 -47.21 3.90
C LEU D 402 19.32 -46.30 3.00
N ILE D 403 19.05 -46.78 1.76
CA ILE D 403 18.12 -46.15 0.84
C ILE D 403 16.70 -46.04 1.37
N ASN D 404 16.09 -47.17 1.76
CA ASN D 404 14.73 -47.19 2.35
C ASN D 404 14.57 -46.32 3.61
N GLN D 405 15.67 -46.08 4.28
CA GLN D 405 15.58 -45.39 5.53
C GLN D 405 15.54 -43.89 5.24
N LEU D 406 16.16 -43.48 4.13
CA LEU D 406 16.08 -42.08 3.73
C LEU D 406 14.73 -41.81 2.98
N ILE D 407 14.22 -42.83 2.28
CA ILE D 407 12.85 -42.81 1.77
C ILE D 407 11.80 -42.45 2.85
N ARG D 408 11.82 -43.13 3.99
CA ARG D 408 10.97 -42.82 5.13
C ARG D 408 11.14 -41.40 5.66
N GLU D 409 12.40 -40.93 5.67
CA GLU D 409 12.78 -39.66 6.27
C GLU D 409 12.20 -38.46 5.53
N ILE D 410 12.07 -38.59 4.20
CA ILE D 410 11.71 -37.43 3.34
C ILE D 410 10.20 -37.23 3.28
N GLN D 411 9.47 -38.23 3.76
CA GLN D 411 8.04 -38.41 3.50
C GLN D 411 7.12 -37.30 4.09
N PRO D 412 7.32 -36.89 5.34
CA PRO D 412 6.54 -35.74 5.82
C PRO D 412 7.00 -34.35 5.33
N PHE D 413 8.16 -34.26 4.65
CA PHE D 413 8.68 -32.97 4.20
C PHE D 413 8.00 -32.53 2.89
N TYR D 414 7.30 -33.47 2.26
CA TYR D 414 6.46 -33.17 1.12
C TYR D 414 5.42 -32.05 1.46
N ILE D 415 4.68 -32.31 2.55
CA ILE D 415 3.72 -31.34 3.10
C ILE D 415 4.37 -30.07 3.60
N CYS D 416 5.55 -30.22 4.17
CA CYS D 416 6.34 -29.09 4.66
C CYS D 416 6.74 -28.11 3.50
N SER D 417 7.16 -28.69 2.39
CA SER D 417 7.45 -27.98 1.16
C SER D 417 6.18 -27.28 0.57
N HIS D 418 5.02 -27.95 0.63
CA HIS D 418 3.73 -27.29 0.27
C HIS D 418 3.39 -26.06 1.11
N ILE D 419 3.53 -26.15 2.42
CA ILE D 419 3.23 -25.06 3.28
C ILE D 419 4.19 -23.89 3.08
N ASN D 420 5.47 -24.20 2.99
CA ASN D 420 6.51 -23.20 2.73
C ASN D 420 6.21 -22.39 1.47
N TRP D 421 5.98 -23.05 0.36
CA TRP D 421 5.80 -22.35 -0.89
C TRP D 421 4.40 -21.79 -1.08
N GLY D 422 3.40 -22.37 -0.38
CA GLY D 422 2.10 -21.75 -0.24
C GLY D 422 2.12 -20.37 0.38
N LEU D 423 2.85 -20.21 1.49
CA LEU D 423 2.85 -18.98 2.25
C LEU D 423 3.74 -17.97 1.58
N TRP D 424 4.85 -18.43 1.01
CA TRP D 424 5.71 -17.56 0.22
C TRP D 424 4.94 -16.93 -0.93
N SER D 425 4.25 -17.77 -1.69
CA SER D 425 3.49 -17.30 -2.84
C SER D 425 2.34 -16.33 -2.51
N LEU D 426 1.65 -16.60 -1.42
CA LEU D 426 0.63 -15.70 -0.96
C LEU D 426 1.21 -14.33 -0.56
N LEU D 427 2.37 -14.34 0.14
CA LEU D 427 3.05 -13.10 0.53
C LEU D 427 3.48 -12.27 -0.64
N GLN D 428 3.93 -12.94 -1.70
CA GLN D 428 4.27 -12.30 -2.94
C GLN D 428 3.06 -11.71 -3.66
N GLY D 429 1.92 -12.39 -3.56
CA GLY D 429 0.67 -11.92 -4.11
C GLY D 429 0.10 -10.68 -3.44
N MET D 430 0.53 -10.37 -2.22
CA MET D 430 0.12 -9.14 -1.54
C MET D 430 0.79 -7.89 -2.14
N HIS D 431 2.04 -8.07 -2.58
CA HIS D 431 2.86 -6.97 -3.10
C HIS D 431 3.29 -7.36 -4.50
N SER D 432 2.29 -7.45 -5.38
CA SER D 432 2.45 -8.13 -6.67
C SER D 432 2.91 -7.25 -7.85
N SER D 433 4.04 -7.68 -8.43
CA SER D 433 4.63 -7.06 -9.63
C SER D 433 5.41 -8.12 -10.43
N ASP D 435 4.31 -10.67 -12.96
CA ASP D 435 3.66 -11.46 -14.04
C ASP D 435 3.51 -12.98 -13.72
N PHE D 436 3.07 -13.28 -12.50
CA PHE D 436 2.89 -14.66 -12.05
C PHE D 436 1.62 -14.70 -11.17
N ASP D 437 0.83 -15.75 -11.35
CA ASP D 437 -0.38 -15.93 -10.55
C ASP D 437 -0.04 -16.49 -9.16
N PHE D 438 0.57 -15.64 -8.33
CA PHE D 438 0.92 -15.95 -6.96
C PHE D 438 -0.20 -16.46 -6.06
N ILE D 439 -1.38 -15.86 -6.10
CA ILE D 439 -2.50 -16.24 -5.21
C ILE D 439 -3.00 -17.65 -5.47
N ASN D 440 -3.26 -17.97 -6.74
CA ASN D 440 -3.74 -19.23 -7.14
C ASN D 440 -2.68 -20.32 -6.95
N TYR D 441 -1.41 -19.97 -7.24
CA TYR D 441 -0.33 -20.91 -7.06
C TYR D 441 -0.16 -21.18 -5.58
N GLY D 442 -0.25 -20.14 -4.76
CA GLY D 442 -0.17 -20.23 -3.28
C GLY D 442 -1.24 -21.12 -2.66
N MET D 443 -2.47 -20.98 -3.17
CA MET D 443 -3.64 -21.70 -2.69
C MET D 443 -3.62 -23.13 -3.13
N THR D 444 -3.13 -23.39 -4.34
CA THR D 444 -2.92 -24.73 -4.83
C THR D 444 -1.88 -25.51 -4.00
N ARG D 445 -0.77 -24.87 -3.63
CA ARG D 445 0.24 -25.48 -2.74
C ARG D 445 -0.35 -25.78 -1.37
N LEU D 446 -1.05 -24.82 -0.77
CA LEU D 446 -1.73 -25.00 0.51
C LEU D 446 -2.78 -26.08 0.49
N THR D 447 -3.50 -26.22 -0.64
CA THR D 447 -4.48 -27.28 -0.86
C THR D 447 -3.75 -28.65 -0.85
N ALA D 448 -2.61 -28.71 -1.55
CA ALA D 448 -1.76 -29.90 -1.61
C ALA D 448 -1.29 -30.37 -0.24
N SER D 449 -1.10 -29.45 0.71
CA SER D 449 -0.71 -29.81 2.04
C SER D 449 -1.83 -30.52 2.82
N CYS D 450 -3.08 -30.33 2.41
CA CYS D 450 -4.23 -31.02 3.02
C CYS D 450 -4.63 -32.24 2.22
N LEU D 451 -4.05 -32.47 1.06
CA LEU D 451 -4.53 -33.56 0.20
C LEU D 451 -4.08 -34.93 0.69
N PRO D 452 -4.97 -35.95 0.60
CA PRO D 452 -4.70 -37.34 1.00
C PRO D 452 -3.44 -37.94 0.37
N ILE D 453 -3.25 -37.70 -0.92
CA ILE D 453 -2.07 -38.19 -1.63
C ILE D 453 -0.77 -37.73 -1.00
N PHE D 454 -0.79 -36.67 -0.21
CA PHE D 454 0.41 -36.20 0.43
C PHE D 454 0.36 -36.45 1.92
N ARG D 455 -0.82 -36.46 2.52
CA ARG D 455 -0.95 -36.70 3.94
C ARG D 455 -0.75 -38.19 4.30
N SER D 456 -1.05 -39.09 3.37
CA SER D 456 -0.95 -40.52 3.62
C SER D 456 0.46 -41.07 3.38
N LYS D 457 1.37 -40.15 3.06
CA LYS D 457 2.76 -40.46 2.86
C LYS D 457 3.39 -40.66 4.22
N VAL D 458 3.00 -39.83 5.19
CA VAL D 458 3.55 -39.83 6.53
C VAL D 458 3.29 -41.12 7.32
S SO4 E . -26.01 -37.17 -15.19
O1 SO4 E . -25.87 -36.90 -13.73
O2 SO4 E . -27.42 -37.00 -15.60
O3 SO4 E . -25.15 -36.28 -15.97
O4 SO4 E . -25.57 -38.58 -15.42
#